data_5COX
#
_entry.id   5COX
#
_cell.length_a   180.460
_cell.length_b   134.420
_cell.length_c   119.900
_cell.angle_alpha   90.00
_cell.angle_beta   90.00
_cell.angle_gamma   90.00
#
_symmetry.space_group_name_H-M   'P 21 21 2'
#
loop_
_entity.id
_entity.type
_entity.pdbx_description
1 polymer CYCLOOXYGENASE-2
2 non-polymer 2-acetamido-2-deoxy-beta-D-glucopyranose
3 non-polymer 'PROTOPORPHYRIN IX CONTAINING FE'
#
_entity_poly.entity_id   1
_entity_poly.type   'polypeptide(L)'
_entity_poly.pdbx_seq_one_letter_code
;ANPCCSNPCQNRGECMSTGFDQYKCDCTRTGFYGENCTTPEFLTRIKLLLKPTPNTVHYILTHFKGVWNIVNNIPFLRSL
IMKYVLTSRSYLIDSPPTYNVHYGYKSWEAFSNLSYYTRALPPVADDCPTPMGVKGNKELPDSKEVLEKVLLRREFIPDP
QGSNMMFAFFAQHFTHQFFKTDHKRGPGFTRGLGHGVDLNHIYGETLDRQHKLRLFKDGKLKYQVIGGEVYPPTVKDTQV
EMIYPPHIPENLQFAVGQEVFGLVPGLMMYATIWLREHQRVCDILKQEHPEWGDEQLFQTSKLILIGETIKIVIEDYVQH
LSGYHFKLKFDPELLFNQQFQYQNRIASEFNTLYHWHPLLPDTFNIEDQEYSFKQFLYNNSILLEHGLTQFVESFTRQIA
GRVAGGRNVPIAVQAVAKASIDQSREMKYQSLNEYRKRFSLKPYTSFEELTGEKEMAAELKALYSDIDVMELYPALLVEK
PRPDAIFGETMVELGAPFSLKGLMGNPICSPQYWKPSTFGGEVGFKIINTASIQSLICNNVKGCPFTSFNVQDPQPTKTA
TINASASHSRLDDINPTVLIKRRSTEL
;
_entity_poly.pdbx_strand_id   A,B,C,D
#
loop_
_chem_comp.id
_chem_comp.type
_chem_comp.name
_chem_comp.formula
HEM non-polymer 'PROTOPORPHYRIN IX CONTAINING FE' 'C34 H32 Fe N4 O4'
NAG D-saccharide, beta linking 2-acetamido-2-deoxy-beta-D-glucopyranose 'C8 H15 N O6'
#
# COMPACT_ATOMS: atom_id res chain seq x y z
N ALA A 1 -26.35 23.01 -50.53
CA ALA A 1 -26.48 24.40 -51.04
C ALA A 1 -25.81 25.28 -50.00
N ASN A 2 -25.93 24.84 -48.74
CA ASN A 2 -25.35 25.54 -47.61
C ASN A 2 -23.85 25.74 -47.92
N PRO A 3 -23.38 27.00 -47.92
CA PRO A 3 -22.00 27.37 -48.20
C PRO A 3 -21.01 26.56 -47.38
N CYS A 4 -21.40 26.18 -46.18
CA CYS A 4 -20.51 25.38 -45.38
C CYS A 4 -20.27 23.97 -45.93
N CYS A 5 -21.18 23.51 -46.81
CA CYS A 5 -21.14 22.19 -47.46
C CYS A 5 -19.72 21.74 -47.80
N SER A 6 -18.91 22.62 -48.39
CA SER A 6 -17.56 22.26 -48.78
C SER A 6 -16.56 22.20 -47.65
N ASN A 7 -17.02 22.19 -46.41
CA ASN A 7 -16.12 22.13 -45.26
C ASN A 7 -14.93 23.11 -45.32
N PRO A 8 -15.19 24.37 -45.73
CA PRO A 8 -14.14 25.40 -45.86
C PRO A 8 -13.25 25.67 -44.66
N CYS A 9 -13.83 25.63 -43.48
CA CYS A 9 -13.10 25.97 -42.27
C CYS A 9 -12.08 24.96 -41.78
N GLN A 10 -10.85 25.26 -42.14
CA GLN A 10 -9.72 24.42 -41.78
C GLN A 10 -9.32 24.61 -40.33
N ASN A 11 -8.31 23.85 -39.93
CA ASN A 11 -7.76 23.92 -38.60
C ASN A 11 -8.66 23.88 -37.39
N ARG A 12 -9.76 23.13 -37.47
CA ARG A 12 -10.67 22.98 -36.36
C ARG A 12 -11.56 24.21 -36.08
N GLY A 13 -11.64 25.14 -37.03
CA GLY A 13 -12.46 26.32 -36.85
C GLY A 13 -13.87 25.92 -37.15
N GLU A 14 -14.85 26.82 -36.98
CA GLU A 14 -16.26 26.48 -37.21
C GLU A 14 -16.97 27.26 -38.31
N CYS A 15 -17.48 26.54 -39.27
CA CYS A 15 -18.13 27.19 -40.40
C CYS A 15 -19.55 27.55 -40.06
N MET A 16 -19.94 28.78 -40.35
CA MET A 16 -21.31 29.18 -40.12
C MET A 16 -21.80 29.86 -41.39
N SER A 17 -22.97 29.45 -41.85
CA SER A 17 -23.55 30.05 -43.05
C SER A 17 -23.88 31.52 -42.73
N THR A 18 -23.75 32.41 -43.70
CA THR A 18 -24.09 33.78 -43.44
C THR A 18 -24.81 34.44 -44.60
N GLY A 19 -25.78 33.74 -45.18
CA GLY A 19 -26.53 34.33 -46.25
C GLY A 19 -26.67 33.54 -47.53
N PHE A 20 -27.01 32.27 -47.43
CA PHE A 20 -27.20 31.44 -48.62
C PHE A 20 -25.93 31.01 -49.34
N ASP A 21 -25.18 31.99 -49.84
CA ASP A 21 -23.96 31.67 -50.58
C ASP A 21 -22.70 31.89 -49.81
N GLN A 22 -22.71 32.82 -48.85
CA GLN A 22 -21.50 33.07 -48.09
C GLN A 22 -21.50 32.26 -46.80
N TYR A 23 -20.31 32.00 -46.26
CA TYR A 23 -20.11 31.25 -45.01
C TYR A 23 -19.08 32.04 -44.18
N LYS A 24 -18.84 31.65 -42.92
CA LYS A 24 -17.91 32.35 -42.02
C LYS A 24 -17.22 31.34 -41.05
N CYS A 25 -15.92 31.51 -40.78
CA CYS A 25 -15.19 30.57 -39.89
C CYS A 25 -14.84 31.01 -38.46
N ASP A 26 -15.25 30.24 -37.47
CA ASP A 26 -14.91 30.60 -36.10
C ASP A 26 -13.54 30.07 -35.73
N CYS A 27 -12.51 30.81 -36.13
CA CYS A 27 -11.12 30.39 -35.86
C CYS A 27 -10.74 30.54 -34.39
N THR A 28 -11.74 30.64 -33.54
CA THR A 28 -11.49 30.85 -32.14
C THR A 28 -10.62 29.80 -31.47
N ARG A 29 -9.61 30.27 -30.78
CA ARG A 29 -8.70 29.40 -30.04
C ARG A 29 -8.08 28.27 -30.85
N THR A 30 -8.08 28.41 -32.18
CA THR A 30 -7.51 27.38 -33.02
C THR A 30 -6.00 27.53 -33.07
N GLY A 31 -5.55 28.78 -33.14
CA GLY A 31 -4.12 29.03 -33.29
C GLY A 31 -3.84 29.35 -34.76
N PHE A 32 -4.92 29.70 -35.47
CA PHE A 32 -4.90 30.06 -36.89
C PHE A 32 -5.95 31.08 -37.19
N TYR A 33 -5.63 32.03 -38.07
CA TYR A 33 -6.59 33.05 -38.49
C TYR A 33 -6.75 33.06 -40.01
N GLY A 34 -7.54 34.00 -40.53
CA GLY A 34 -7.76 34.08 -41.96
C GLY A 34 -9.04 33.37 -42.36
N GLU A 35 -9.55 33.67 -43.54
CA GLU A 35 -10.82 33.10 -44.03
C GLU A 35 -11.10 31.61 -43.69
N ASN A 36 -10.08 30.77 -43.66
CA ASN A 36 -10.35 29.38 -43.40
C ASN A 36 -9.58 28.87 -42.20
N CYS A 37 -9.18 29.76 -41.32
CA CYS A 37 -8.42 29.35 -40.13
C CYS A 37 -7.20 28.61 -40.60
N THR A 38 -6.66 29.14 -41.70
CA THR A 38 -5.48 28.64 -42.42
C THR A 38 -4.13 29.17 -41.96
N THR A 39 -3.97 30.47 -41.84
CA THR A 39 -2.68 31.03 -41.40
C THR A 39 -2.44 30.94 -39.89
N PRO A 40 -1.34 30.30 -39.49
CA PRO A 40 -0.98 30.12 -38.08
C PRO A 40 -0.53 31.35 -37.31
N GLU A 41 -0.76 31.31 -36.02
CA GLU A 41 -0.35 32.36 -35.14
C GLU A 41 1.12 32.04 -35.02
N PHE A 42 1.94 33.06 -34.92
CA PHE A 42 3.38 32.87 -34.82
C PHE A 42 3.78 31.71 -33.88
N LEU A 43 3.34 31.76 -32.64
CA LEU A 43 3.68 30.73 -31.67
C LEU A 43 3.21 29.36 -32.18
N THR A 44 2.12 29.37 -32.94
CA THR A 44 1.57 28.14 -33.54
C THR A 44 2.68 27.51 -34.40
N ARG A 45 3.36 28.35 -35.18
CA ARG A 45 4.47 27.95 -36.05
C ARG A 45 5.51 27.18 -35.23
N ILE A 46 5.94 27.81 -34.15
CA ILE A 46 6.93 27.23 -33.24
C ILE A 46 6.57 25.79 -32.88
N LYS A 47 5.32 25.60 -32.44
CA LYS A 47 4.84 24.27 -32.07
C LYS A 47 4.78 23.37 -33.30
N LEU A 48 4.20 23.86 -34.38
CA LEU A 48 4.13 23.09 -35.61
C LEU A 48 5.50 22.50 -36.00
N LEU A 49 6.56 23.30 -35.86
CA LEU A 49 7.89 22.83 -36.19
C LEU A 49 8.28 21.65 -35.32
N LEU A 50 8.20 21.85 -34.01
CA LEU A 50 8.57 20.80 -33.10
C LEU A 50 7.70 19.54 -33.08
N LYS A 51 6.49 19.65 -33.62
CA LYS A 51 5.56 18.52 -33.68
C LYS A 51 6.16 17.22 -34.33
N PRO A 52 6.54 16.24 -33.50
CA PRO A 52 7.10 15.03 -34.12
C PRO A 52 5.92 14.22 -34.71
N THR A 53 6.11 13.61 -35.87
CA THR A 53 5.06 12.78 -36.47
C THR A 53 4.74 11.54 -35.58
N PRO A 54 3.43 11.21 -35.44
CA PRO A 54 2.94 10.08 -34.65
C PRO A 54 3.77 8.83 -34.89
N ASN A 55 4.18 8.66 -36.14
CA ASN A 55 4.94 7.51 -36.52
C ASN A 55 6.33 7.58 -35.95
N THR A 56 6.89 8.80 -35.85
CA THR A 56 8.25 8.98 -35.29
C THR A 56 8.17 8.51 -33.85
N VAL A 57 7.20 9.09 -33.17
CA VAL A 57 6.94 8.78 -31.78
C VAL A 57 6.69 7.28 -31.69
N HIS A 58 5.90 6.78 -32.64
CA HIS A 58 5.58 5.37 -32.68
C HIS A 58 6.86 4.57 -32.72
N TYR A 59 7.77 4.97 -33.59
CA TYR A 59 9.05 4.29 -33.72
C TYR A 59 9.75 4.34 -32.37
N ILE A 60 10.03 5.55 -31.92
CA ILE A 60 10.73 5.76 -30.69
C ILE A 60 10.11 5.03 -29.51
N LEU A 61 8.79 4.87 -29.55
CA LEU A 61 8.06 4.20 -28.49
C LEU A 61 8.29 2.69 -28.58
N THR A 62 8.13 2.14 -29.79
CA THR A 62 8.29 0.72 -30.06
C THR A 62 9.74 0.16 -30.06
N HIS A 63 10.73 1.04 -30.00
CA HIS A 63 12.13 0.60 -30.02
C HIS A 63 12.84 0.84 -28.72
N PHE A 64 14.16 0.83 -28.75
CA PHE A 64 15.01 1.07 -27.57
C PHE A 64 14.65 0.30 -26.29
N LYS A 65 14.11 -0.91 -26.48
CA LYS A 65 13.67 -1.79 -25.38
C LYS A 65 14.48 -1.75 -24.06
N GLY A 66 15.76 -1.45 -24.15
CA GLY A 66 16.59 -1.40 -22.97
C GLY A 66 16.51 -0.02 -22.34
N VAL A 67 16.52 1.01 -23.20
CA VAL A 67 16.41 2.37 -22.72
C VAL A 67 15.06 2.34 -22.00
N TRP A 68 14.06 1.84 -22.71
CA TRP A 68 12.72 1.74 -22.17
C TRP A 68 12.67 1.00 -20.88
N ASN A 69 13.54 0.02 -20.74
CA ASN A 69 13.56 -0.76 -19.52
C ASN A 69 14.03 0.05 -18.31
N ILE A 70 14.99 0.93 -18.54
CA ILE A 70 15.49 1.79 -17.48
C ILE A 70 14.32 2.65 -16.96
N VAL A 71 13.61 3.24 -17.92
CA VAL A 71 12.42 4.06 -17.66
C VAL A 71 11.41 3.29 -16.80
N ASN A 72 11.00 2.10 -17.24
CA ASN A 72 10.05 1.25 -16.53
C ASN A 72 10.50 0.91 -15.12
N ASN A 73 11.70 1.33 -14.74
CA ASN A 73 12.24 1.07 -13.42
C ASN A 73 12.51 2.31 -12.59
N ILE A 74 12.35 3.48 -13.20
CA ILE A 74 12.52 4.76 -12.48
C ILE A 74 11.09 5.31 -12.38
N PRO A 75 10.39 4.98 -11.28
CA PRO A 75 9.00 5.39 -10.99
C PRO A 75 8.67 6.80 -11.43
N PHE A 76 9.47 7.72 -10.90
CA PHE A 76 9.38 9.17 -11.15
C PHE A 76 9.36 9.41 -12.66
N LEU A 77 10.15 8.62 -13.38
CA LEU A 77 10.21 8.74 -14.82
C LEU A 77 8.97 8.20 -15.50
N ARG A 78 8.65 6.95 -15.19
CA ARG A 78 7.51 6.29 -15.81
C ARG A 78 6.24 7.10 -15.69
N SER A 79 5.89 7.43 -14.46
CA SER A 79 4.69 8.20 -14.14
C SER A 79 4.77 9.45 -15.00
N LEU A 80 5.94 10.08 -14.97
CA LEU A 80 6.19 11.27 -15.75
C LEU A 80 5.75 11.02 -17.21
N ILE A 81 6.19 9.90 -17.77
CA ILE A 81 5.85 9.53 -19.17
C ILE A 81 4.32 9.32 -19.32
N MET A 82 3.79 8.48 -18.42
CA MET A 82 2.38 8.13 -18.38
C MET A 82 1.52 9.40 -18.42
N LYS A 83 2.00 10.43 -17.75
CA LYS A 83 1.27 11.68 -17.72
C LYS A 83 1.17 12.27 -19.10
N TYR A 84 2.33 12.48 -19.74
CA TYR A 84 2.34 13.06 -21.10
C TYR A 84 1.38 12.38 -22.07
N VAL A 85 1.48 11.07 -22.17
CA VAL A 85 0.61 10.34 -23.06
C VAL A 85 -0.80 10.67 -22.65
N LEU A 86 -1.04 10.58 -21.34
CA LEU A 86 -2.37 10.82 -20.79
C LEU A 86 -3.07 12.14 -21.17
N THR A 87 -2.31 13.23 -21.14
CA THR A 87 -2.83 14.58 -21.44
C THR A 87 -2.99 14.87 -22.93
N SER A 88 -1.87 14.79 -23.65
CA SER A 88 -1.81 15.04 -25.11
C SER A 88 -2.99 14.36 -25.80
N ARG A 89 -3.13 13.08 -25.49
CA ARG A 89 -4.20 12.25 -26.02
C ARG A 89 -5.54 12.97 -25.91
N SER A 90 -5.74 13.63 -24.78
CA SER A 90 -7.01 14.27 -24.51
C SER A 90 -7.36 15.63 -25.13
N TYR A 91 -6.40 16.51 -25.38
CA TYR A 91 -6.78 17.80 -25.97
C TYR A 91 -7.58 17.60 -27.27
N LEU A 92 -7.61 16.37 -27.78
CA LEU A 92 -8.30 16.09 -29.03
C LEU A 92 -9.78 15.91 -28.98
N ILE A 93 -10.33 15.39 -27.88
CA ILE A 93 -11.79 15.17 -27.76
C ILE A 93 -12.62 16.28 -27.08
N ASP A 94 -13.85 16.44 -27.56
CA ASP A 94 -14.80 17.45 -27.05
C ASP A 94 -15.55 17.18 -25.75
N SER A 95 -15.18 17.87 -24.70
CA SER A 95 -15.84 17.70 -23.43
C SER A 95 -15.97 19.03 -22.73
N PRO A 96 -17.20 19.48 -22.47
CA PRO A 96 -18.42 18.77 -22.82
C PRO A 96 -18.70 18.61 -24.30
N PRO A 97 -19.51 17.60 -24.65
CA PRO A 97 -19.96 17.18 -25.97
C PRO A 97 -20.59 18.24 -26.84
N THR A 98 -20.50 18.01 -28.14
CA THR A 98 -21.03 18.94 -29.13
C THR A 98 -22.06 18.34 -30.07
N TYR A 99 -21.66 18.05 -31.32
CA TYR A 99 -22.57 17.55 -32.39
C TYR A 99 -23.10 16.11 -32.37
N ASN A 100 -23.90 15.82 -33.38
CA ASN A 100 -24.46 14.49 -33.56
C ASN A 100 -25.29 14.32 -34.85
N VAL A 101 -25.75 13.10 -35.04
CA VAL A 101 -26.58 12.70 -36.16
C VAL A 101 -27.46 13.83 -36.70
N HIS A 102 -28.16 14.51 -35.80
CA HIS A 102 -29.07 15.57 -36.17
C HIS A 102 -28.56 17.00 -36.03
N TYR A 103 -27.57 17.18 -35.19
CA TYR A 103 -27.09 18.52 -34.98
C TYR A 103 -25.69 18.81 -35.44
N GLY A 104 -25.66 19.51 -36.56
CA GLY A 104 -24.40 19.95 -37.13
C GLY A 104 -23.96 21.18 -36.38
N TYR A 105 -24.88 21.77 -35.64
CA TYR A 105 -24.61 22.93 -34.82
C TYR A 105 -24.70 22.51 -33.38
N LYS A 106 -24.18 23.32 -32.47
CA LYS A 106 -24.15 22.94 -31.06
C LYS A 106 -25.42 22.64 -30.23
N SER A 107 -26.51 23.36 -30.45
CA SER A 107 -27.78 23.13 -29.75
C SER A 107 -27.88 22.51 -28.32
N TRP A 108 -28.87 22.93 -27.52
CA TRP A 108 -29.03 22.35 -26.17
C TRP A 108 -29.51 20.87 -26.35
N GLU A 109 -30.44 20.66 -27.29
CA GLU A 109 -31.00 19.35 -27.62
C GLU A 109 -29.92 18.32 -27.79
N ALA A 110 -28.88 18.70 -28.51
CA ALA A 110 -27.75 17.84 -28.75
C ALA A 110 -27.09 17.61 -27.39
N PHE A 111 -26.57 18.66 -26.80
CA PHE A 111 -25.89 18.56 -25.52
C PHE A 111 -26.62 17.77 -24.43
N SER A 112 -27.93 17.96 -24.35
CA SER A 112 -28.75 17.31 -23.34
C SER A 112 -29.19 15.90 -23.62
N ASN A 113 -29.65 15.59 -24.84
CA ASN A 113 -30.12 14.24 -25.16
C ASN A 113 -29.15 13.07 -25.00
N LEU A 114 -29.21 12.34 -23.91
CA LEU A 114 -28.27 11.27 -23.71
C LEU A 114 -28.49 10.02 -24.56
N SER A 115 -29.57 9.97 -25.31
CA SER A 115 -29.80 8.82 -26.14
C SER A 115 -28.95 8.79 -27.41
N TYR A 116 -28.52 9.94 -27.87
CA TYR A 116 -27.68 10.06 -29.05
C TYR A 116 -26.26 9.60 -28.75
N TYR A 117 -25.47 9.41 -29.81
CA TYR A 117 -24.08 9.04 -29.67
C TYR A 117 -23.53 10.37 -30.04
N THR A 118 -22.48 10.82 -29.39
CA THR A 118 -21.96 12.11 -29.78
C THR A 118 -21.22 11.97 -31.09
N ARG A 119 -20.91 13.09 -31.73
CA ARG A 119 -20.17 13.00 -32.99
C ARG A 119 -18.89 13.82 -32.98
N ALA A 120 -17.76 13.22 -33.38
CA ALA A 120 -16.47 13.90 -33.41
C ALA A 120 -16.37 14.88 -34.58
N LEU A 121 -17.29 14.77 -35.52
CA LEU A 121 -17.29 15.67 -36.67
C LEU A 121 -18.71 15.75 -37.03
N PRO A 122 -19.18 16.93 -37.34
CA PRO A 122 -20.57 17.07 -37.70
C PRO A 122 -20.95 16.22 -38.87
N PRO A 123 -22.24 15.95 -39.02
CA PRO A 123 -22.61 15.16 -40.18
C PRO A 123 -22.59 16.15 -41.34
N VAL A 124 -23.00 15.71 -42.51
CA VAL A 124 -23.02 16.57 -43.68
C VAL A 124 -24.44 17.05 -43.94
N ALA A 125 -24.56 18.30 -44.33
CA ALA A 125 -25.86 18.88 -44.60
C ALA A 125 -26.67 18.02 -45.55
N ASP A 126 -27.93 17.85 -45.22
CA ASP A 126 -28.79 17.06 -46.08
C ASP A 126 -29.05 17.80 -47.37
N ASP A 127 -28.66 19.07 -47.45
CA ASP A 127 -28.90 19.81 -48.69
C ASP A 127 -27.62 20.05 -49.52
N CYS A 128 -26.53 19.43 -49.10
CA CYS A 128 -25.28 19.55 -49.85
C CYS A 128 -25.47 18.89 -51.25
N PRO A 129 -24.47 19.07 -52.17
CA PRO A 129 -24.61 18.46 -53.50
C PRO A 129 -24.17 17.01 -53.56
N THR A 130 -23.10 16.68 -52.87
CA THR A 130 -22.63 15.31 -52.87
C THR A 130 -22.51 14.80 -51.44
N PRO A 131 -22.74 13.51 -51.23
CA PRO A 131 -22.67 12.88 -49.91
C PRO A 131 -21.41 13.11 -49.09
N MET A 132 -20.35 13.59 -49.70
CA MET A 132 -19.15 13.84 -48.92
C MET A 132 -18.94 15.34 -48.81
N GLY A 133 -19.93 16.04 -49.36
CA GLY A 133 -19.92 17.48 -49.37
C GLY A 133 -20.25 17.99 -50.74
N VAL A 134 -19.18 18.31 -51.45
CA VAL A 134 -19.29 18.83 -52.79
C VAL A 134 -18.43 17.96 -53.76
N LYS A 135 -17.46 17.23 -53.19
CA LYS A 135 -16.57 16.35 -53.92
C LYS A 135 -17.18 14.98 -54.10
N GLY A 136 -17.03 14.40 -55.30
CA GLY A 136 -17.56 13.07 -55.58
C GLY A 136 -18.77 13.08 -56.51
N ASN A 137 -19.51 11.97 -56.56
CA ASN A 137 -20.67 11.91 -57.43
C ASN A 137 -21.95 11.81 -56.64
N LYS A 138 -23.08 12.02 -57.32
CA LYS A 138 -24.39 11.94 -56.71
C LYS A 138 -24.45 10.75 -55.74
N GLU A 139 -23.61 9.75 -55.99
CA GLU A 139 -23.52 8.61 -55.11
C GLU A 139 -22.11 8.25 -54.72
N LEU A 140 -22.02 7.19 -53.96
CA LEU A 140 -20.76 6.68 -53.46
C LEU A 140 -20.64 5.26 -54.00
N PRO A 141 -19.43 4.65 -53.91
CA PRO A 141 -19.17 3.29 -54.37
C PRO A 141 -20.21 2.36 -53.80
N ASP A 142 -20.60 1.37 -54.56
CA ASP A 142 -21.58 0.43 -54.05
C ASP A 142 -20.94 -0.26 -52.88
N SER A 143 -21.72 -0.37 -51.81
CA SER A 143 -21.30 -1.00 -50.56
C SER A 143 -20.92 -2.46 -50.79
N LYS A 144 -21.90 -3.20 -51.30
CA LYS A 144 -21.76 -4.62 -51.56
C LYS A 144 -20.45 -4.87 -52.27
N GLU A 145 -20.15 -3.96 -53.20
CA GLU A 145 -18.92 -4.03 -54.01
C GLU A 145 -17.68 -3.77 -53.16
N VAL A 146 -17.62 -2.65 -52.48
CA VAL A 146 -16.47 -2.32 -51.66
C VAL A 146 -16.20 -3.46 -50.67
N LEU A 147 -17.30 -3.98 -50.15
CA LEU A 147 -17.32 -5.06 -49.17
C LEU A 147 -16.50 -6.26 -49.71
N GLU A 148 -16.87 -6.70 -50.92
CA GLU A 148 -16.23 -7.81 -51.64
C GLU A 148 -14.81 -7.58 -52.18
N LYS A 149 -14.61 -6.50 -52.92
CA LYS A 149 -13.30 -6.20 -53.45
C LYS A 149 -12.16 -6.04 -52.42
N VAL A 150 -12.27 -5.11 -51.48
CA VAL A 150 -11.16 -4.91 -50.53
C VAL A 150 -11.38 -5.35 -49.11
N LEU A 151 -12.62 -5.73 -48.75
CA LEU A 151 -12.88 -6.12 -47.36
C LEU A 151 -12.89 -7.59 -46.97
N LEU A 152 -13.81 -8.36 -47.55
CA LEU A 152 -13.96 -9.79 -47.25
C LEU A 152 -12.66 -10.59 -47.27
N ARG A 153 -12.60 -11.55 -46.35
CA ARG A 153 -11.46 -12.45 -46.18
C ARG A 153 -11.47 -13.64 -47.14
N ARG A 154 -10.32 -13.89 -47.73
CA ARG A 154 -10.14 -14.99 -48.67
C ARG A 154 -9.47 -16.03 -47.83
N GLU A 155 -8.26 -15.73 -47.41
CA GLU A 155 -7.54 -16.68 -46.59
C GLU A 155 -7.31 -15.96 -45.31
N PHE A 156 -7.58 -16.65 -44.21
CA PHE A 156 -7.37 -16.07 -42.89
C PHE A 156 -5.93 -15.56 -42.68
N ILE A 157 -5.80 -14.26 -42.43
CA ILE A 157 -4.50 -13.64 -42.16
C ILE A 157 -4.49 -13.47 -40.66
N PRO A 158 -3.45 -13.99 -39.97
CA PRO A 158 -3.40 -13.85 -38.52
C PRO A 158 -2.84 -12.51 -38.16
N ASP A 159 -3.04 -12.13 -36.90
CA ASP A 159 -2.51 -10.86 -36.42
C ASP A 159 -1.01 -11.01 -36.11
N PRO A 160 -0.16 -10.15 -36.68
CA PRO A 160 1.29 -10.24 -36.42
C PRO A 160 1.63 -9.83 -34.99
N GLN A 161 0.61 -9.42 -34.22
CA GLN A 161 0.88 -9.02 -32.85
C GLN A 161 0.63 -10.13 -31.82
N GLY A 162 -0.11 -11.17 -32.19
CA GLY A 162 -0.31 -12.27 -31.26
C GLY A 162 -1.63 -12.29 -30.53
N SER A 163 -2.47 -11.31 -30.84
CA SER A 163 -3.77 -11.21 -30.20
C SER A 163 -4.47 -12.54 -30.33
N ASN A 164 -4.71 -13.18 -29.19
CA ASN A 164 -5.39 -14.47 -29.18
C ASN A 164 -6.91 -14.40 -29.07
N MET A 165 -7.54 -15.46 -28.60
CA MET A 165 -8.99 -15.49 -28.48
C MET A 165 -9.50 -14.85 -27.18
N MET A 166 -8.64 -14.90 -26.16
CA MET A 166 -8.96 -14.32 -24.87
C MET A 166 -9.15 -12.83 -25.09
N PHE A 167 -8.24 -12.23 -25.85
CA PHE A 167 -8.29 -10.82 -26.18
C PHE A 167 -9.52 -10.49 -27.02
N ALA A 168 -9.64 -11.03 -28.22
CA ALA A 168 -10.78 -10.70 -29.08
C ALA A 168 -12.11 -10.70 -28.36
N PHE A 169 -12.33 -11.72 -27.55
CA PHE A 169 -13.59 -11.81 -26.81
C PHE A 169 -13.69 -10.76 -25.68
N PHE A 170 -12.57 -10.50 -25.01
CA PHE A 170 -12.52 -9.49 -23.96
C PHE A 170 -12.99 -8.18 -24.57
N ALA A 171 -12.38 -7.77 -25.67
CA ALA A 171 -12.79 -6.55 -26.35
C ALA A 171 -14.26 -6.58 -26.77
N GLN A 172 -14.83 -7.75 -27.01
CA GLN A 172 -16.23 -7.77 -27.44
C GLN A 172 -17.11 -7.39 -26.24
N HIS A 173 -16.85 -8.14 -25.17
CA HIS A 173 -17.51 -8.04 -23.90
C HIS A 173 -17.35 -6.60 -23.44
N PHE A 174 -16.11 -6.17 -23.22
CA PHE A 174 -15.77 -4.80 -22.76
C PHE A 174 -16.50 -3.69 -23.50
N THR A 175 -16.20 -3.49 -24.77
CA THR A 175 -16.89 -2.44 -25.51
C THR A 175 -18.40 -2.60 -25.59
N HIS A 176 -18.88 -3.81 -25.34
CA HIS A 176 -20.32 -4.04 -25.44
C HIS A 176 -21.23 -3.55 -24.34
N GLN A 177 -20.64 -2.85 -23.36
CA GLN A 177 -21.40 -2.24 -22.28
C GLN A 177 -21.64 -0.85 -22.77
N PHE A 178 -20.65 -0.23 -23.46
CA PHE A 178 -20.88 1.11 -24.01
C PHE A 178 -21.37 1.17 -25.41
N PHE A 179 -21.11 0.17 -26.23
CA PHE A 179 -21.64 0.26 -27.58
C PHE A 179 -22.89 -0.59 -27.47
N LYS A 180 -24.06 0.03 -27.61
CA LYS A 180 -25.33 -0.67 -27.54
C LYS A 180 -26.40 0.01 -28.34
N THR A 181 -26.26 0.13 -29.63
CA THR A 181 -27.24 0.81 -30.45
C THR A 181 -28.70 0.45 -30.24
N ASP A 182 -29.54 1.47 -30.26
CA ASP A 182 -30.98 1.39 -30.07
C ASP A 182 -31.51 1.37 -31.48
N HIS A 183 -31.41 0.24 -32.14
CA HIS A 183 -31.87 0.12 -33.52
C HIS A 183 -33.28 0.60 -33.76
N LYS A 184 -34.13 0.45 -32.75
CA LYS A 184 -35.53 0.85 -32.84
C LYS A 184 -35.59 2.37 -33.08
N ARG A 185 -34.57 3.07 -32.59
CA ARG A 185 -34.47 4.51 -32.77
C ARG A 185 -33.68 4.78 -34.06
N GLY A 186 -32.59 4.06 -34.25
CA GLY A 186 -31.77 4.21 -35.44
C GLY A 186 -30.30 4.17 -35.08
N PRO A 187 -29.38 4.07 -36.08
CA PRO A 187 -27.97 4.08 -35.66
C PRO A 187 -27.73 5.52 -35.18
N GLY A 188 -26.76 5.70 -34.32
CA GLY A 188 -26.55 7.03 -33.83
C GLY A 188 -27.15 7.15 -32.46
N PHE A 189 -28.06 6.22 -32.14
CA PHE A 189 -28.72 6.16 -30.85
C PHE A 189 -28.18 5.00 -30.02
N THR A 190 -27.73 5.28 -28.79
CA THR A 190 -27.19 4.28 -27.85
C THR A 190 -28.30 3.96 -26.87
N ARG A 191 -28.25 2.78 -26.29
CA ARG A 191 -29.24 2.41 -25.32
C ARG A 191 -28.44 2.38 -24.02
N GLY A 192 -27.14 2.60 -24.11
CA GLY A 192 -26.30 2.62 -22.94
C GLY A 192 -26.11 4.07 -22.46
N LEU A 193 -27.12 4.61 -21.82
CA LEU A 193 -27.07 5.97 -21.37
C LEU A 193 -25.96 6.26 -20.38
N GLY A 194 -25.23 5.23 -19.95
CA GLY A 194 -24.15 5.42 -19.00
C GLY A 194 -22.96 6.07 -19.62
N HIS A 195 -22.89 5.92 -20.94
CA HIS A 195 -21.82 6.46 -21.78
C HIS A 195 -20.40 6.17 -21.33
N GLY A 196 -20.18 5.01 -20.71
CA GLY A 196 -18.84 4.70 -20.24
C GLY A 196 -18.72 3.39 -19.49
N VAL A 197 -17.56 3.18 -18.89
CA VAL A 197 -17.28 1.99 -18.15
C VAL A 197 -18.12 1.87 -16.87
N ASP A 198 -19.38 1.52 -17.01
CA ASP A 198 -20.23 1.41 -15.84
C ASP A 198 -20.55 -0.02 -15.45
N LEU A 199 -19.92 -0.98 -16.10
CA LEU A 199 -20.14 -2.41 -15.86
C LEU A 199 -21.62 -2.74 -15.88
N ASN A 200 -22.34 -2.04 -16.73
CA ASN A 200 -23.76 -2.24 -16.87
C ASN A 200 -24.04 -3.63 -17.42
N HIS A 201 -23.12 -4.10 -18.24
CA HIS A 201 -23.23 -5.40 -18.89
C HIS A 201 -23.23 -6.54 -17.86
N ILE A 202 -22.61 -6.32 -16.70
CA ILE A 202 -22.59 -7.33 -15.65
C ILE A 202 -23.84 -7.17 -14.80
N TYR A 203 -24.15 -5.91 -14.48
CA TYR A 203 -25.26 -5.56 -13.59
C TYR A 203 -26.62 -5.24 -14.10
N GLY A 204 -26.79 -4.96 -15.36
CA GLY A 204 -28.12 -4.65 -15.84
C GLY A 204 -28.16 -3.18 -16.13
N GLU A 205 -28.91 -2.85 -17.17
CA GLU A 205 -29.06 -1.47 -17.60
C GLU A 205 -29.85 -0.63 -16.58
N THR A 206 -30.91 -1.20 -16.02
CA THR A 206 -31.74 -0.51 -15.08
C THR A 206 -31.75 -1.17 -13.70
N LEU A 207 -32.14 -0.37 -12.68
CA LEU A 207 -32.23 -0.78 -11.27
C LEU A 207 -33.26 -1.88 -11.12
N ASP A 208 -34.28 -1.83 -11.96
CA ASP A 208 -35.27 -2.88 -11.97
C ASP A 208 -34.59 -4.21 -12.42
N ARG A 209 -33.74 -4.15 -13.45
CA ARG A 209 -33.01 -5.32 -13.95
C ARG A 209 -31.96 -5.76 -12.91
N GLN A 210 -31.15 -4.82 -12.45
CA GLN A 210 -30.13 -5.17 -11.51
C GLN A 210 -30.73 -5.89 -10.32
N HIS A 211 -31.95 -5.51 -9.99
CA HIS A 211 -32.59 -6.13 -8.85
C HIS A 211 -32.99 -7.59 -9.14
N LYS A 212 -33.36 -7.88 -10.39
CA LYS A 212 -33.72 -9.25 -10.79
C LYS A 212 -32.47 -10.12 -10.90
N LEU A 213 -31.31 -9.51 -10.85
CA LEU A 213 -30.06 -10.22 -10.99
C LEU A 213 -29.37 -10.41 -9.67
N ARG A 214 -29.80 -9.64 -8.67
CA ARG A 214 -29.13 -9.72 -7.37
C ARG A 214 -29.73 -10.70 -6.38
N LEU A 215 -28.87 -11.33 -5.58
CA LEU A 215 -29.31 -12.29 -4.58
C LEU A 215 -29.80 -11.59 -3.29
N PHE A 216 -29.37 -10.34 -3.09
CA PHE A 216 -29.70 -9.57 -1.91
C PHE A 216 -29.29 -10.40 -0.71
N LYS A 217 -27.99 -10.62 -0.54
CA LYS A 217 -27.45 -11.43 0.54
C LYS A 217 -25.95 -11.41 0.38
N ASP A 218 -25.26 -10.72 1.29
CA ASP A 218 -23.80 -10.56 1.24
C ASP A 218 -23.42 -9.82 -0.02
N GLY A 219 -24.38 -9.12 -0.62
CA GLY A 219 -24.16 -8.35 -1.82
C GLY A 219 -23.99 -9.14 -3.10
N LYS A 220 -23.96 -10.46 -2.97
CA LYS A 220 -23.75 -11.37 -4.07
C LYS A 220 -24.78 -11.31 -5.17
N LEU A 221 -24.29 -11.56 -6.40
CA LEU A 221 -25.15 -11.60 -7.58
C LEU A 221 -25.76 -13.00 -7.57
N LYS A 222 -26.95 -13.14 -8.14
CA LYS A 222 -27.60 -14.45 -8.14
C LYS A 222 -26.78 -15.33 -9.06
N TYR A 223 -26.78 -16.64 -8.82
CA TYR A 223 -26.05 -17.61 -9.64
C TYR A 223 -26.57 -19.03 -9.43
N GLN A 224 -25.94 -20.00 -10.10
CA GLN A 224 -26.31 -21.41 -9.95
C GLN A 224 -25.09 -22.30 -10.11
N VAL A 225 -25.15 -23.47 -9.47
CA VAL A 225 -24.05 -24.41 -9.54
C VAL A 225 -24.43 -25.59 -10.43
N ILE A 226 -23.85 -25.62 -11.63
CA ILE A 226 -24.07 -26.67 -12.59
C ILE A 226 -22.82 -27.50 -12.40
N GLY A 227 -23.00 -28.80 -12.37
CA GLY A 227 -21.85 -29.66 -12.18
C GLY A 227 -21.28 -29.26 -10.84
N GLY A 228 -20.06 -28.78 -10.82
CA GLY A 228 -19.53 -28.36 -9.55
C GLY A 228 -19.14 -26.91 -9.73
N GLU A 229 -19.50 -26.33 -10.87
CA GLU A 229 -19.09 -24.97 -11.16
C GLU A 229 -20.25 -24.02 -11.06
N VAL A 230 -19.93 -22.73 -10.88
CA VAL A 230 -20.90 -21.62 -10.76
C VAL A 230 -21.18 -21.05 -12.16
N TYR A 231 -22.44 -20.73 -12.42
CA TYR A 231 -22.84 -20.19 -13.71
C TYR A 231 -23.96 -19.19 -13.51
N PRO A 232 -24.16 -18.29 -14.47
CA PRO A 232 -25.23 -17.31 -14.35
C PRO A 232 -26.54 -18.06 -14.12
N PRO A 233 -27.52 -17.41 -13.47
CA PRO A 233 -28.82 -17.99 -13.18
C PRO A 233 -29.70 -18.00 -14.40
N THR A 234 -30.78 -18.76 -14.32
CA THR A 234 -31.69 -18.90 -15.44
C THR A 234 -32.59 -17.75 -15.68
N VAL A 235 -32.93 -17.53 -16.93
CA VAL A 235 -33.85 -16.47 -17.31
C VAL A 235 -35.15 -16.85 -16.69
N LYS A 236 -35.40 -18.14 -16.64
CA LYS A 236 -36.63 -18.69 -16.05
C LYS A 236 -36.80 -18.23 -14.58
N ASP A 237 -35.73 -18.41 -13.79
CA ASP A 237 -35.74 -18.00 -12.41
C ASP A 237 -35.76 -16.50 -12.20
N THR A 238 -34.67 -15.84 -12.57
CA THR A 238 -34.56 -14.39 -12.40
C THR A 238 -35.59 -13.62 -13.21
N GLN A 239 -36.08 -14.19 -14.30
CA GLN A 239 -37.08 -13.51 -15.08
C GLN A 239 -36.54 -12.36 -15.92
N VAL A 240 -35.23 -12.13 -15.89
CA VAL A 240 -34.68 -11.06 -16.68
C VAL A 240 -34.77 -11.40 -18.16
N GLU A 241 -35.21 -10.48 -19.00
CA GLU A 241 -35.27 -10.76 -20.44
C GLU A 241 -33.88 -10.76 -21.00
N MET A 242 -33.63 -11.76 -21.84
CA MET A 242 -32.34 -11.96 -22.52
C MET A 242 -32.70 -12.36 -23.95
N ILE A 243 -31.76 -12.22 -24.87
CA ILE A 243 -31.99 -12.56 -26.28
C ILE A 243 -31.48 -13.97 -26.59
N TYR A 244 -32.42 -14.87 -26.89
CA TYR A 244 -32.12 -16.27 -27.18
C TYR A 244 -33.06 -16.88 -28.23
N PRO A 245 -32.51 -17.63 -29.21
CA PRO A 245 -33.27 -18.27 -30.29
C PRO A 245 -34.25 -19.27 -29.69
N PRO A 246 -35.50 -19.28 -30.18
CA PRO A 246 -36.55 -20.18 -29.71
C PRO A 246 -36.20 -21.64 -29.52
N HIS A 247 -35.21 -22.10 -30.26
CA HIS A 247 -34.80 -23.49 -30.14
C HIS A 247 -33.99 -23.74 -28.89
N ILE A 248 -33.48 -22.69 -28.26
CA ILE A 248 -32.70 -22.90 -27.04
C ILE A 248 -33.68 -23.53 -26.06
N PRO A 249 -33.24 -24.57 -25.33
CA PRO A 249 -34.09 -25.29 -24.38
C PRO A 249 -34.49 -24.58 -23.06
N GLU A 250 -34.24 -23.27 -22.94
CA GLU A 250 -34.50 -22.60 -21.65
C GLU A 250 -33.42 -23.36 -20.87
N ASN A 251 -33.48 -23.44 -19.56
CA ASN A 251 -32.49 -24.26 -18.84
C ASN A 251 -31.01 -23.99 -19.10
N LEU A 252 -30.76 -23.13 -20.08
CA LEU A 252 -29.43 -22.73 -20.55
C LEU A 252 -29.53 -21.28 -20.98
N GLN A 253 -30.74 -20.70 -20.84
CA GLN A 253 -30.92 -19.30 -21.15
C GLN A 253 -30.29 -18.50 -20.00
N PHE A 254 -28.97 -18.35 -20.01
CA PHE A 254 -28.29 -17.65 -18.93
C PHE A 254 -28.74 -16.17 -18.86
N ALA A 255 -28.88 -15.64 -17.65
CA ALA A 255 -29.31 -14.25 -17.40
C ALA A 255 -28.26 -13.16 -17.60
N VAL A 256 -27.17 -13.19 -16.82
CA VAL A 256 -26.05 -12.19 -16.96
C VAL A 256 -26.21 -10.65 -16.83
N GLY A 257 -27.13 -10.03 -17.56
CA GLY A 257 -27.23 -8.59 -17.42
C GLY A 257 -27.03 -7.75 -18.66
N GLN A 258 -26.86 -8.38 -19.82
CA GLN A 258 -26.70 -7.68 -21.10
C GLN A 258 -27.41 -8.61 -22.06
N GLU A 259 -28.65 -8.31 -22.39
CA GLU A 259 -29.47 -9.19 -23.23
C GLU A 259 -28.82 -9.98 -24.38
N VAL A 260 -27.89 -9.36 -25.06
CA VAL A 260 -27.26 -9.99 -26.17
C VAL A 260 -26.17 -11.00 -25.86
N PHE A 261 -25.55 -10.93 -24.69
CA PHE A 261 -24.48 -11.85 -24.32
C PHE A 261 -24.77 -13.36 -24.32
N GLY A 262 -25.98 -13.71 -24.77
CA GLY A 262 -26.36 -15.11 -24.87
C GLY A 262 -26.20 -15.69 -26.28
N LEU A 263 -25.46 -15.00 -27.16
CA LEU A 263 -25.30 -15.46 -28.54
C LEU A 263 -23.87 -15.78 -28.98
N VAL A 264 -22.98 -16.04 -28.02
CA VAL A 264 -21.58 -16.36 -28.30
C VAL A 264 -20.92 -16.80 -27.01
N PRO A 265 -20.60 -18.08 -26.87
CA PRO A 265 -19.95 -18.54 -25.62
C PRO A 265 -18.69 -17.80 -25.21
N GLY A 266 -18.23 -16.90 -26.06
CA GLY A 266 -17.04 -16.14 -25.73
C GLY A 266 -17.41 -14.99 -24.80
N LEU A 267 -18.62 -14.48 -24.96
CA LEU A 267 -19.16 -13.43 -24.12
C LEU A 267 -19.50 -14.09 -22.80
N MET A 268 -20.45 -15.01 -22.83
CA MET A 268 -20.84 -15.71 -21.62
C MET A 268 -19.69 -16.27 -20.78
N MET A 269 -18.55 -16.56 -21.40
CA MET A 269 -17.43 -17.12 -20.67
C MET A 269 -16.96 -16.08 -19.68
N TYR A 270 -16.71 -14.91 -20.23
CA TYR A 270 -16.26 -13.75 -19.47
C TYR A 270 -17.39 -13.29 -18.53
N ALA A 271 -18.61 -13.28 -19.06
CA ALA A 271 -19.77 -12.88 -18.28
C ALA A 271 -19.92 -13.75 -17.05
N THR A 272 -19.32 -14.95 -17.05
CA THR A 272 -19.40 -15.84 -15.89
C THR A 272 -18.16 -15.62 -15.03
N ILE A 273 -17.07 -15.22 -15.66
CA ILE A 273 -15.84 -14.96 -14.93
C ILE A 273 -16.01 -13.75 -14.03
N TRP A 274 -16.69 -12.72 -14.55
CA TRP A 274 -16.94 -11.50 -13.77
C TRP A 274 -18.00 -11.74 -12.73
N LEU A 275 -19.03 -12.53 -13.05
CA LEU A 275 -20.07 -12.84 -12.07
C LEU A 275 -19.35 -13.49 -10.90
N ARG A 276 -18.45 -14.40 -11.22
CA ARG A 276 -17.70 -15.09 -10.22
C ARG A 276 -16.82 -14.12 -9.44
N GLU A 277 -16.31 -13.10 -10.14
CA GLU A 277 -15.44 -12.10 -9.51
C GLU A 277 -16.19 -11.16 -8.60
N HIS A 278 -17.49 -10.99 -8.86
CA HIS A 278 -18.32 -10.15 -7.98
C HIS A 278 -18.32 -10.81 -6.59
N GLN A 279 -19.07 -11.91 -6.46
CA GLN A 279 -19.16 -12.66 -5.20
C GLN A 279 -17.82 -12.74 -4.45
N ARG A 280 -16.73 -12.82 -5.20
CA ARG A 280 -15.41 -12.94 -4.61
C ARG A 280 -15.08 -11.73 -3.78
N VAL A 281 -15.23 -10.56 -4.39
CA VAL A 281 -14.95 -9.30 -3.71
C VAL A 281 -15.93 -9.19 -2.55
N CYS A 282 -17.17 -9.62 -2.75
CA CYS A 282 -18.18 -9.55 -1.69
C CYS A 282 -17.62 -10.26 -0.51
N ASP A 283 -17.36 -11.55 -0.64
CA ASP A 283 -16.81 -12.34 0.46
C ASP A 283 -15.60 -11.74 1.13
N ILE A 284 -14.86 -10.90 0.40
CA ILE A 284 -13.68 -10.26 0.93
C ILE A 284 -14.11 -9.08 1.80
N LEU A 285 -15.02 -8.30 1.23
CA LEU A 285 -15.53 -7.14 1.92
C LEU A 285 -16.29 -7.60 3.13
N LYS A 286 -17.19 -8.57 2.96
CA LYS A 286 -17.98 -9.12 4.06
C LYS A 286 -17.08 -9.68 5.16
N GLN A 287 -15.88 -10.13 4.83
CA GLN A 287 -15.01 -10.60 5.89
C GLN A 287 -14.64 -9.34 6.65
N GLU A 288 -13.92 -8.44 5.97
CA GLU A 288 -13.47 -7.16 6.51
C GLU A 288 -14.53 -6.31 7.19
N HIS A 289 -15.78 -6.47 6.82
CA HIS A 289 -16.84 -5.69 7.39
C HIS A 289 -17.96 -6.58 7.84
N PRO A 290 -17.80 -7.21 9.03
CA PRO A 290 -18.78 -8.10 9.65
C PRO A 290 -20.06 -7.35 9.82
N GLU A 291 -19.89 -6.04 9.93
CA GLU A 291 -20.97 -5.13 10.16
C GLU A 291 -21.63 -4.49 8.95
N TRP A 292 -21.30 -4.92 7.72
CA TRP A 292 -21.93 -4.29 6.56
C TRP A 292 -23.17 -5.03 6.20
N GLY A 293 -24.02 -4.39 5.40
CA GLY A 293 -25.26 -5.01 4.98
C GLY A 293 -25.22 -5.29 3.49
N ASP A 294 -26.14 -6.12 3.01
CA ASP A 294 -26.22 -6.49 1.59
C ASP A 294 -25.94 -5.37 0.63
N GLU A 295 -26.82 -4.37 0.59
CA GLU A 295 -26.67 -3.21 -0.31
C GLU A 295 -25.36 -2.44 -0.25
N GLN A 296 -24.68 -2.46 0.87
CA GLN A 296 -23.42 -1.77 0.90
C GLN A 296 -22.37 -2.65 0.30
N LEU A 297 -22.38 -3.93 0.67
CA LEU A 297 -21.43 -4.90 0.12
C LEU A 297 -21.54 -4.83 -1.39
N PHE A 298 -22.77 -4.87 -1.88
CA PHE A 298 -23.04 -4.79 -3.31
C PHE A 298 -22.43 -3.52 -3.89
N GLN A 299 -22.97 -2.37 -3.52
CA GLN A 299 -22.48 -1.10 -4.04
C GLN A 299 -20.97 -0.90 -4.04
N THR A 300 -20.26 -1.42 -3.04
CA THR A 300 -18.80 -1.27 -2.97
C THR A 300 -18.11 -2.18 -3.99
N SER A 301 -18.66 -3.39 -4.18
CA SER A 301 -18.11 -4.35 -5.13
C SER A 301 -18.20 -3.75 -6.52
N LYS A 302 -19.40 -3.39 -6.98
CA LYS A 302 -19.53 -2.74 -8.30
C LYS A 302 -18.50 -1.60 -8.51
N LEU A 303 -18.05 -0.96 -7.45
CA LEU A 303 -17.05 0.07 -7.59
C LEU A 303 -15.66 -0.54 -7.79
N ILE A 304 -15.28 -1.50 -6.93
CA ILE A 304 -13.98 -2.17 -7.06
C ILE A 304 -13.87 -2.84 -8.43
N LEU A 305 -14.90 -3.56 -8.85
CA LEU A 305 -14.91 -4.20 -10.16
C LEU A 305 -14.68 -3.18 -11.28
N ILE A 306 -15.24 -1.98 -11.15
CA ILE A 306 -14.99 -0.98 -12.17
C ILE A 306 -13.52 -0.56 -12.06
N GLY A 307 -13.03 -0.54 -10.84
CA GLY A 307 -11.64 -0.18 -10.64
C GLY A 307 -10.75 -1.18 -11.34
N GLU A 308 -11.06 -2.47 -11.20
CA GLU A 308 -10.29 -3.57 -11.81
C GLU A 308 -10.36 -3.45 -13.32
N THR A 309 -11.57 -3.36 -13.84
CA THR A 309 -11.79 -3.23 -15.26
C THR A 309 -10.95 -2.12 -15.86
N ILE A 310 -10.91 -0.94 -15.24
CA ILE A 310 -10.11 0.16 -15.81
C ILE A 310 -8.63 -0.18 -15.69
N LYS A 311 -8.25 -0.86 -14.60
CA LYS A 311 -6.86 -1.29 -14.36
C LYS A 311 -6.39 -2.23 -15.47
N ILE A 312 -7.15 -3.30 -15.68
CA ILE A 312 -6.86 -4.29 -16.71
C ILE A 312 -6.92 -3.69 -18.11
N VAL A 313 -7.97 -2.93 -18.45
CA VAL A 313 -8.05 -2.32 -19.79
C VAL A 313 -6.89 -1.39 -20.15
N ILE A 314 -6.22 -0.81 -19.17
CA ILE A 314 -5.11 0.09 -19.49
C ILE A 314 -3.79 -0.63 -19.46
N GLU A 315 -3.55 -1.42 -18.42
CA GLU A 315 -2.27 -2.11 -18.28
C GLU A 315 -2.07 -3.47 -19.01
N ASP A 316 -3.12 -4.03 -19.58
CA ASP A 316 -3.01 -5.29 -20.30
C ASP A 316 -3.55 -5.11 -21.71
N TYR A 317 -4.86 -4.99 -21.83
CA TYR A 317 -5.51 -4.84 -23.11
C TYR A 317 -4.89 -3.72 -23.96
N VAL A 318 -4.90 -2.49 -23.47
CA VAL A 318 -4.32 -1.39 -24.25
C VAL A 318 -2.82 -1.54 -24.35
N GLN A 319 -2.19 -1.90 -23.26
CA GLN A 319 -0.75 -2.08 -23.26
C GLN A 319 -0.33 -3.05 -24.38
N HIS A 320 -1.03 -4.17 -24.52
CA HIS A 320 -0.72 -5.18 -25.55
C HIS A 320 -1.01 -4.58 -26.89
N LEU A 321 -2.29 -4.29 -27.13
CA LEU A 321 -2.75 -3.68 -28.36
C LEU A 321 -1.83 -2.54 -28.84
N SER A 322 -1.01 -1.97 -27.96
CA SER A 322 -0.15 -0.89 -28.38
C SER A 322 1.17 -1.37 -28.93
N GLY A 323 1.77 -2.29 -28.20
CA GLY A 323 3.07 -2.84 -28.56
C GLY A 323 4.01 -1.72 -28.21
N TYR A 324 4.10 -1.38 -26.94
CA TYR A 324 4.92 -0.25 -26.57
C TYR A 324 6.26 -0.30 -25.91
N HIS A 325 6.63 -1.36 -25.22
CA HIS A 325 7.94 -1.38 -24.53
C HIS A 325 7.90 -0.55 -23.26
N PHE A 326 7.27 0.63 -23.33
CA PHE A 326 7.09 1.48 -22.15
C PHE A 326 5.82 0.93 -21.47
N LYS A 327 5.88 0.68 -20.16
CA LYS A 327 4.69 0.19 -19.48
C LYS A 327 3.68 1.27 -19.12
N LEU A 328 2.51 1.19 -19.77
CA LEU A 328 1.42 2.10 -19.48
C LEU A 328 1.03 1.76 -18.02
N LYS A 329 0.61 2.78 -17.29
CA LYS A 329 0.24 2.63 -15.89
C LYS A 329 -1.11 3.29 -15.67
N PHE A 330 -1.92 2.73 -14.77
CA PHE A 330 -3.23 3.31 -14.47
C PHE A 330 -3.08 3.98 -13.12
N ASP A 331 -2.86 5.27 -13.14
CA ASP A 331 -2.70 6.02 -11.91
C ASP A 331 -3.45 7.34 -11.99
N PRO A 332 -4.72 7.36 -11.56
CA PRO A 332 -5.61 8.52 -11.58
C PRO A 332 -4.99 9.85 -11.19
N GLU A 333 -3.93 9.79 -10.39
CA GLU A 333 -3.26 11.00 -9.93
C GLU A 333 -2.47 11.80 -10.95
N LEU A 334 -1.99 11.15 -12.00
CA LEU A 334 -1.21 11.85 -13.01
C LEU A 334 -2.02 13.01 -13.54
N LEU A 335 -3.33 12.92 -13.39
CA LEU A 335 -4.20 14.00 -13.83
C LEU A 335 -4.61 14.98 -12.73
N PHE A 336 -4.46 14.56 -11.47
CA PHE A 336 -4.83 15.41 -10.34
C PHE A 336 -4.34 16.86 -10.43
N ASN A 337 -3.29 17.12 -11.18
CA ASN A 337 -2.87 18.51 -11.28
C ASN A 337 -2.88 18.95 -12.71
N GLN A 338 -3.95 18.59 -13.40
CA GLN A 338 -4.13 18.93 -14.81
C GLN A 338 -5.57 19.31 -14.98
N GLN A 339 -5.85 20.05 -16.05
CA GLN A 339 -7.23 20.44 -16.32
C GLN A 339 -7.73 19.18 -16.97
N PHE A 340 -8.83 18.63 -16.49
CA PHE A 340 -9.36 17.39 -17.07
C PHE A 340 -10.82 17.16 -16.69
N GLN A 341 -11.69 17.10 -17.67
CA GLN A 341 -13.11 16.89 -17.44
C GLN A 341 -13.44 15.44 -17.14
N TYR A 342 -13.98 15.18 -15.96
CA TYR A 342 -14.32 13.84 -15.59
C TYR A 342 -15.68 13.50 -16.07
N GLN A 343 -15.93 13.71 -17.35
CA GLN A 343 -17.22 13.35 -17.93
C GLN A 343 -16.92 12.68 -19.25
N ASN A 344 -17.89 12.02 -19.86
CA ASN A 344 -17.68 11.31 -21.13
C ASN A 344 -19.00 10.98 -21.88
N ARG A 345 -18.92 10.92 -23.21
CA ARG A 345 -20.10 10.64 -24.03
C ARG A 345 -19.55 9.84 -25.19
N ILE A 346 -20.01 8.59 -25.41
CA ILE A 346 -19.51 7.76 -26.53
C ILE A 346 -19.98 8.30 -27.87
N ALA A 347 -19.01 8.41 -28.78
CA ALA A 347 -19.19 8.94 -30.13
C ALA A 347 -19.48 7.83 -31.14
N SER A 348 -20.37 8.05 -32.10
CA SER A 348 -20.61 6.99 -33.06
C SER A 348 -19.29 6.59 -33.73
N GLU A 349 -18.47 7.55 -34.09
CA GLU A 349 -17.17 7.24 -34.69
C GLU A 349 -16.44 6.17 -33.88
N PHE A 350 -16.42 6.27 -32.56
CA PHE A 350 -15.71 5.27 -31.76
C PHE A 350 -16.39 3.94 -31.93
N ASN A 351 -17.71 3.96 -31.93
CA ASN A 351 -18.48 2.75 -32.13
C ASN A 351 -18.08 2.09 -33.46
N THR A 352 -17.98 2.91 -34.53
CA THR A 352 -17.61 2.48 -35.88
C THR A 352 -16.20 1.90 -35.99
N LEU A 353 -15.19 2.68 -35.68
CA LEU A 353 -13.83 2.21 -35.79
C LEU A 353 -13.57 0.98 -34.94
N TYR A 354 -14.51 0.66 -34.05
CA TYR A 354 -14.31 -0.48 -33.20
C TYR A 354 -14.94 -1.72 -33.77
N HIS A 355 -15.37 -1.66 -35.03
CA HIS A 355 -15.97 -2.84 -35.65
C HIS A 355 -14.87 -3.77 -36.16
N TRP A 356 -14.15 -4.35 -35.19
CA TRP A 356 -13.06 -5.27 -35.36
C TRP A 356 -13.43 -6.73 -35.57
N HIS A 357 -14.33 -6.99 -36.51
CA HIS A 357 -14.74 -8.34 -36.87
C HIS A 357 -13.56 -9.27 -37.38
N PRO A 358 -12.53 -8.69 -38.05
CA PRO A 358 -11.36 -9.42 -38.54
C PRO A 358 -10.65 -10.26 -37.46
N LEU A 359 -10.86 -9.91 -36.20
CA LEU A 359 -10.22 -10.68 -35.12
C LEU A 359 -10.71 -12.12 -35.20
N LEU A 360 -11.96 -12.28 -35.63
CA LEU A 360 -12.61 -13.59 -35.72
C LEU A 360 -11.93 -14.56 -36.69
N PRO A 361 -11.80 -15.83 -36.31
CA PRO A 361 -11.17 -16.79 -37.20
C PRO A 361 -12.30 -17.43 -37.98
N ASP A 362 -12.12 -18.70 -38.34
CA ASP A 362 -13.15 -19.40 -39.10
C ASP A 362 -13.78 -20.55 -38.32
N THR A 363 -13.03 -21.06 -37.35
CA THR A 363 -13.52 -22.10 -36.47
C THR A 363 -13.11 -21.65 -35.08
N PHE A 364 -13.89 -22.04 -34.09
CA PHE A 364 -13.55 -21.70 -32.74
C PHE A 364 -13.09 -23.04 -32.21
N ASN A 365 -11.83 -23.09 -31.84
CA ASN A 365 -11.26 -24.33 -31.39
C ASN A 365 -11.08 -24.35 -29.90
N ILE A 366 -12.04 -25.01 -29.25
CA ILE A 366 -12.00 -25.18 -27.80
C ILE A 366 -11.41 -26.59 -27.60
N GLU A 367 -10.12 -26.58 -27.25
CA GLU A 367 -9.27 -27.73 -27.00
C GLU A 367 -9.89 -29.08 -27.36
N ASP A 368 -9.69 -29.48 -28.63
CA ASP A 368 -10.16 -30.75 -29.23
C ASP A 368 -11.08 -30.68 -30.43
N GLN A 369 -11.96 -29.70 -30.49
CA GLN A 369 -12.81 -29.63 -31.65
C GLN A 369 -12.65 -28.24 -32.22
N GLU A 370 -13.23 -28.02 -33.38
CA GLU A 370 -13.20 -26.71 -34.03
C GLU A 370 -14.69 -26.51 -34.32
N TYR A 371 -15.23 -25.34 -34.04
CA TYR A 371 -16.63 -25.16 -34.34
C TYR A 371 -16.77 -24.04 -35.36
N SER A 372 -17.83 -24.11 -36.14
CA SER A 372 -18.11 -23.10 -37.13
C SER A 372 -18.93 -22.05 -36.43
N PHE A 373 -19.19 -20.93 -37.12
CA PHE A 373 -20.00 -19.90 -36.51
C PHE A 373 -21.35 -20.54 -36.22
N LYS A 374 -21.85 -21.22 -37.23
CA LYS A 374 -23.12 -21.90 -37.15
C LYS A 374 -23.23 -22.89 -35.99
N GLN A 375 -22.11 -23.23 -35.37
CA GLN A 375 -22.11 -24.15 -34.24
C GLN A 375 -21.81 -23.45 -32.93
N PHE A 376 -21.11 -22.32 -33.04
CA PHE A 376 -20.75 -21.53 -31.88
C PHE A 376 -21.91 -20.62 -31.45
N LEU A 377 -22.43 -19.85 -32.42
CA LEU A 377 -23.52 -18.91 -32.18
C LEU A 377 -24.67 -19.51 -31.40
N TYR A 378 -25.08 -18.79 -30.34
CA TYR A 378 -26.16 -19.19 -29.44
C TYR A 378 -26.08 -20.66 -28.99
N ASN A 379 -24.91 -21.09 -28.54
CA ASN A 379 -24.76 -22.47 -28.10
C ASN A 379 -23.99 -22.57 -26.80
N ASN A 380 -24.70 -22.54 -25.68
CA ASN A 380 -24.06 -22.60 -24.36
C ASN A 380 -23.39 -23.95 -24.08
N SER A 381 -24.11 -25.00 -24.48
CA SER A 381 -23.73 -26.37 -24.25
C SER A 381 -22.24 -26.49 -24.44
N ILE A 382 -21.72 -25.83 -25.47
CA ILE A 382 -20.29 -25.86 -25.72
C ILE A 382 -19.53 -25.52 -24.41
N LEU A 383 -19.87 -24.36 -23.84
CA LEU A 383 -19.24 -23.83 -22.62
C LEU A 383 -19.45 -24.76 -21.47
N LEU A 384 -20.68 -25.24 -21.36
CA LEU A 384 -21.04 -26.18 -20.30
C LEU A 384 -20.39 -27.53 -20.49
N GLU A 385 -20.16 -27.89 -21.76
CA GLU A 385 -19.54 -29.17 -22.11
C GLU A 385 -18.04 -29.11 -21.99
N HIS A 386 -17.47 -27.93 -22.15
CA HIS A 386 -16.04 -27.80 -22.07
C HIS A 386 -15.45 -27.21 -20.81
N GLY A 387 -16.27 -26.49 -20.05
CA GLY A 387 -15.74 -25.90 -18.82
C GLY A 387 -14.95 -24.65 -19.13
N LEU A 388 -14.75 -23.80 -18.14
CA LEU A 388 -14.04 -22.57 -18.41
C LEU A 388 -12.54 -22.70 -18.40
N THR A 389 -12.00 -23.68 -17.68
CA THR A 389 -10.54 -23.86 -17.64
C THR A 389 -10.09 -24.24 -19.04
N GLN A 390 -10.71 -25.29 -19.55
CA GLN A 390 -10.42 -25.77 -20.89
C GLN A 390 -11.28 -24.94 -21.85
N PHE A 391 -11.13 -23.64 -21.75
CA PHE A 391 -11.87 -22.70 -22.57
C PHE A 391 -10.97 -21.53 -22.48
N VAL A 392 -10.33 -21.37 -21.34
CA VAL A 392 -9.41 -20.27 -21.16
C VAL A 392 -8.12 -20.74 -21.78
N GLU A 393 -7.82 -22.04 -21.56
CA GLU A 393 -6.60 -22.68 -22.10
C GLU A 393 -6.62 -22.69 -23.62
N SER A 394 -7.75 -23.09 -24.16
CA SER A 394 -7.93 -23.14 -25.58
C SER A 394 -7.90 -21.79 -26.24
N PHE A 395 -8.43 -20.75 -25.58
CA PHE A 395 -8.43 -19.41 -26.16
C PHE A 395 -7.08 -18.69 -26.03
N THR A 396 -6.36 -18.96 -24.95
CA THR A 396 -5.04 -18.36 -24.73
C THR A 396 -4.12 -18.68 -25.89
N ARG A 397 -4.37 -19.85 -26.50
CA ARG A 397 -3.60 -20.37 -27.63
C ARG A 397 -4.54 -20.44 -28.83
N GLN A 398 -4.63 -19.39 -29.62
CA GLN A 398 -5.46 -19.40 -30.83
C GLN A 398 -5.48 -18.01 -31.43
N ILE A 399 -4.40 -17.65 -32.09
CA ILE A 399 -4.29 -16.36 -32.72
C ILE A 399 -5.60 -15.87 -33.39
N ALA A 400 -5.77 -14.56 -33.40
CA ALA A 400 -6.92 -13.92 -34.01
C ALA A 400 -6.43 -13.12 -35.24
N GLY A 401 -7.35 -12.83 -36.15
CA GLY A 401 -6.96 -12.12 -37.37
C GLY A 401 -6.47 -10.69 -37.26
N ARG A 402 -5.63 -10.26 -38.20
CA ARG A 402 -5.14 -8.88 -38.25
C ARG A 402 -6.40 -8.08 -38.63
N VAL A 403 -6.55 -6.86 -38.10
CA VAL A 403 -7.73 -6.08 -38.40
C VAL A 403 -7.50 -5.19 -39.60
N ALA A 404 -6.45 -4.37 -39.50
CA ALA A 404 -6.08 -3.48 -40.60
C ALA A 404 -5.35 -4.31 -41.66
N GLY A 405 -4.95 -3.68 -42.75
CA GLY A 405 -4.21 -4.43 -43.74
C GLY A 405 -4.96 -4.75 -45.01
N GLY A 406 -6.00 -5.59 -44.93
CA GLY A 406 -6.78 -5.92 -46.11
C GLY A 406 -7.61 -7.18 -46.01
N ARG A 407 -8.59 -7.25 -46.90
CA ARG A 407 -9.51 -8.41 -47.03
C ARG A 407 -9.53 -9.50 -45.94
N ASN A 408 -9.85 -9.17 -44.69
CA ASN A 408 -9.86 -10.22 -43.68
C ASN A 408 -11.18 -10.35 -42.92
N VAL A 409 -12.27 -9.88 -43.55
CA VAL A 409 -13.61 -9.92 -42.94
C VAL A 409 -14.35 -11.26 -43.20
N PRO A 410 -14.57 -12.06 -42.16
CA PRO A 410 -15.26 -13.35 -42.30
C PRO A 410 -16.59 -13.21 -43.04
N ILE A 411 -16.72 -13.99 -44.10
CA ILE A 411 -17.91 -14.03 -44.95
C ILE A 411 -19.20 -14.25 -44.17
N ALA A 412 -19.07 -14.67 -42.92
CA ALA A 412 -20.26 -14.84 -42.07
C ALA A 412 -20.74 -13.43 -41.60
N VAL A 413 -19.82 -12.76 -40.92
CA VAL A 413 -19.99 -11.43 -40.38
C VAL A 413 -19.86 -10.47 -41.55
N GLN A 414 -20.25 -10.92 -42.74
CA GLN A 414 -20.14 -10.10 -43.94
C GLN A 414 -21.34 -9.19 -43.97
N ALA A 415 -22.48 -9.75 -43.55
CA ALA A 415 -23.74 -8.99 -43.50
C ALA A 415 -23.50 -7.71 -42.68
N VAL A 416 -22.67 -7.89 -41.65
CA VAL A 416 -22.28 -6.86 -40.74
C VAL A 416 -21.51 -5.73 -41.45
N ALA A 417 -20.26 -5.98 -41.84
CA ALA A 417 -19.45 -4.95 -42.50
C ALA A 417 -20.16 -4.21 -43.64
N LYS A 418 -21.16 -4.85 -44.22
CA LYS A 418 -21.91 -4.24 -45.30
C LYS A 418 -22.73 -3.18 -44.61
N ALA A 419 -23.45 -3.62 -43.58
CA ALA A 419 -24.26 -2.73 -42.79
C ALA A 419 -23.38 -1.57 -42.33
N SER A 420 -22.28 -1.86 -41.64
CA SER A 420 -21.40 -0.80 -41.20
C SER A 420 -21.15 0.22 -42.28
N ILE A 421 -21.01 -0.24 -43.51
CA ILE A 421 -20.77 0.66 -44.60
C ILE A 421 -22.01 1.48 -44.85
N ASP A 422 -23.16 0.83 -44.93
CA ASP A 422 -24.42 1.50 -45.18
C ASP A 422 -24.92 2.45 -44.12
N GLN A 423 -24.59 2.16 -42.88
CA GLN A 423 -25.02 3.00 -41.77
C GLN A 423 -24.22 4.27 -41.71
N SER A 424 -22.89 4.19 -41.65
CA SER A 424 -22.08 5.40 -41.66
C SER A 424 -22.52 6.31 -42.81
N ARG A 425 -23.06 5.67 -43.85
CA ARG A 425 -23.61 6.35 -45.04
C ARG A 425 -24.82 7.15 -44.62
N GLU A 426 -25.78 6.50 -43.96
CA GLU A 426 -27.02 7.17 -43.54
C GLU A 426 -26.81 8.17 -42.41
N MET A 427 -25.81 7.90 -41.59
CA MET A 427 -25.50 8.79 -40.51
C MET A 427 -24.72 9.98 -41.09
N LYS A 428 -24.82 10.16 -42.41
CA LYS A 428 -24.13 11.21 -43.18
C LYS A 428 -22.73 11.60 -42.75
N TYR A 429 -21.90 10.60 -42.44
CA TYR A 429 -20.48 10.77 -42.03
C TYR A 429 -19.65 11.61 -43.02
N GLN A 430 -18.39 11.83 -42.69
CA GLN A 430 -17.50 12.61 -43.57
C GLN A 430 -16.30 11.87 -44.14
N SER A 431 -15.58 12.54 -45.03
CA SER A 431 -14.39 12.01 -45.68
C SER A 431 -13.36 11.47 -44.68
N LEU A 432 -12.69 10.39 -45.04
CA LEU A 432 -11.63 9.84 -44.18
C LEU A 432 -10.53 10.89 -44.00
N ASN A 433 -10.32 11.71 -45.02
CA ASN A 433 -9.28 12.72 -44.98
C ASN A 433 -9.67 13.73 -43.96
N GLU A 434 -10.95 14.10 -43.94
CA GLU A 434 -11.46 15.06 -42.96
C GLU A 434 -11.15 14.57 -41.56
N TYR A 435 -11.51 13.33 -41.28
CA TYR A 435 -11.22 12.79 -39.96
C TYR A 435 -9.72 12.79 -39.64
N ARG A 436 -8.90 12.58 -40.67
CA ARG A 436 -7.45 12.54 -40.46
C ARG A 436 -6.99 13.91 -40.05
N LYS A 437 -7.47 14.93 -40.78
CA LYS A 437 -7.12 16.31 -40.48
C LYS A 437 -7.58 16.62 -39.05
N ARG A 438 -8.80 16.18 -38.74
CA ARG A 438 -9.39 16.38 -37.43
C ARG A 438 -8.49 15.90 -36.34
N PHE A 439 -7.92 14.72 -36.52
CA PHE A 439 -7.02 14.20 -35.48
C PHE A 439 -5.57 14.57 -35.65
N SER A 440 -5.39 15.68 -36.34
CA SER A 440 -4.06 16.21 -36.61
C SER A 440 -3.20 15.25 -37.45
N LEU A 441 -3.80 14.60 -38.43
CA LEU A 441 -3.08 13.65 -39.27
C LEU A 441 -3.02 14.20 -40.69
N LYS A 442 -1.97 13.90 -41.44
CA LYS A 442 -1.89 14.41 -42.80
C LYS A 442 -2.70 13.50 -43.70
N PRO A 443 -3.58 14.09 -44.51
CA PRO A 443 -4.41 13.28 -45.41
C PRO A 443 -3.67 12.47 -46.52
N TYR A 444 -4.26 11.31 -46.84
CA TYR A 444 -3.73 10.44 -47.88
C TYR A 444 -3.87 11.06 -49.22
N THR A 445 -2.75 11.14 -49.92
CA THR A 445 -2.67 11.72 -51.27
C THR A 445 -3.17 10.80 -52.41
N SER A 446 -3.29 9.51 -52.13
CA SER A 446 -3.70 8.51 -53.13
C SER A 446 -4.19 7.24 -52.43
N PHE A 447 -5.16 6.55 -53.04
CA PHE A 447 -5.70 5.31 -52.47
C PHE A 447 -4.53 4.39 -52.26
N GLU A 448 -3.52 4.63 -53.07
CA GLU A 448 -2.29 3.91 -53.09
C GLU A 448 -1.50 4.21 -51.81
N GLU A 449 -1.53 5.47 -51.38
CA GLU A 449 -0.84 5.89 -50.16
C GLU A 449 -1.49 5.25 -48.93
N LEU A 450 -2.82 5.15 -48.99
CA LEU A 450 -3.64 4.56 -47.92
C LEU A 450 -3.33 3.11 -47.71
N THR A 451 -3.34 2.34 -48.79
CA THR A 451 -3.10 0.89 -48.71
C THR A 451 -1.65 0.43 -48.50
N GLY A 452 -0.72 1.11 -49.18
CA GLY A 452 0.69 0.75 -49.09
C GLY A 452 1.00 -0.32 -50.13
N GLU A 453 -0.05 -0.96 -50.65
CA GLU A 453 0.08 -1.97 -51.66
C GLU A 453 -0.52 -1.35 -52.90
N LYS A 454 -0.80 -2.15 -53.93
CA LYS A 454 -1.36 -1.55 -55.13
C LYS A 454 -2.53 -2.20 -55.82
N GLU A 455 -2.79 -3.46 -55.50
CA GLU A 455 -3.91 -4.14 -56.10
C GLU A 455 -5.21 -3.49 -55.61
N MET A 456 -5.41 -3.49 -54.29
CA MET A 456 -6.58 -2.88 -53.64
C MET A 456 -6.65 -1.40 -53.93
N ALA A 457 -5.53 -0.72 -53.68
CA ALA A 457 -5.43 0.70 -53.92
C ALA A 457 -6.08 1.05 -55.25
N ALA A 458 -5.55 0.49 -56.34
CA ALA A 458 -6.06 0.74 -57.67
C ALA A 458 -7.49 0.24 -57.81
N GLU A 459 -7.78 -0.80 -57.03
CA GLU A 459 -9.11 -1.41 -57.02
C GLU A 459 -10.10 -0.45 -56.38
N LEU A 460 -9.65 0.29 -55.35
CA LEU A 460 -10.47 1.27 -54.65
C LEU A 460 -10.63 2.46 -55.58
N LYS A 461 -9.48 2.98 -56.02
CA LYS A 461 -9.44 4.12 -56.95
C LYS A 461 -10.49 3.94 -58.04
N ALA A 462 -10.72 2.69 -58.41
CA ALA A 462 -11.70 2.37 -59.42
C ALA A 462 -13.08 2.92 -59.08
N LEU A 463 -13.46 2.78 -57.82
CA LEU A 463 -14.77 3.25 -57.38
C LEU A 463 -14.79 4.65 -56.74
N TYR A 464 -13.90 4.90 -55.79
CA TYR A 464 -13.89 6.19 -55.13
C TYR A 464 -13.31 7.35 -55.94
N SER A 465 -12.40 7.06 -56.87
CA SER A 465 -11.82 8.11 -57.73
C SER A 465 -10.99 9.15 -56.99
N ASP A 466 -11.61 9.89 -56.08
CA ASP A 466 -10.86 10.90 -55.34
C ASP A 466 -10.61 10.30 -53.99
N ILE A 467 -9.38 10.43 -53.50
CA ILE A 467 -9.03 9.95 -52.17
C ILE A 467 -9.86 10.85 -51.20
N ASP A 468 -10.07 12.09 -51.61
CA ASP A 468 -10.85 13.00 -50.82
C ASP A 468 -12.32 12.63 -50.98
N VAL A 469 -12.65 11.35 -51.08
CA VAL A 469 -14.04 10.90 -51.18
C VAL A 469 -14.10 9.48 -50.64
N MET A 470 -12.97 9.01 -50.14
CA MET A 470 -12.88 7.67 -49.61
C MET A 470 -13.49 7.77 -48.22
N GLU A 471 -14.31 6.79 -47.87
CA GLU A 471 -14.97 6.67 -46.57
C GLU A 471 -14.07 6.31 -45.34
N LEU A 472 -14.64 6.32 -44.12
CA LEU A 472 -13.87 5.99 -42.91
C LEU A 472 -13.76 4.48 -42.60
N TYR A 473 -14.90 3.81 -42.46
CA TYR A 473 -14.89 2.39 -42.14
C TYR A 473 -14.02 1.51 -43.04
N PRO A 474 -14.27 1.50 -44.38
CA PRO A 474 -13.47 0.68 -45.29
C PRO A 474 -11.99 0.93 -45.08
N ALA A 475 -11.53 2.11 -45.46
CA ALA A 475 -10.11 2.50 -45.33
C ALA A 475 -9.45 2.17 -43.99
N LEU A 476 -10.26 1.93 -42.96
CA LEU A 476 -9.72 1.60 -41.64
C LEU A 476 -9.16 0.17 -41.69
N LEU A 477 -9.88 -0.67 -42.43
CA LEU A 477 -9.51 -2.06 -42.63
C LEU A 477 -8.50 -2.23 -43.81
N VAL A 478 -8.82 -1.59 -44.93
CA VAL A 478 -8.05 -1.55 -46.16
C VAL A 478 -6.89 -0.58 -45.93
N GLU A 479 -6.12 -0.74 -44.89
CA GLU A 479 -5.07 0.25 -44.63
C GLU A 479 -3.77 -0.40 -44.27
N LYS A 480 -2.69 0.35 -44.43
CA LYS A 480 -1.36 -0.16 -44.16
C LYS A 480 -0.95 -0.32 -42.72
N PRO A 481 -0.85 -1.56 -42.26
CA PRO A 481 -0.46 -1.83 -40.88
C PRO A 481 0.91 -1.27 -40.62
N ARG A 482 1.04 -0.58 -39.51
CA ARG A 482 2.33 -0.04 -39.14
C ARG A 482 3.07 -1.31 -38.82
N PRO A 483 4.36 -1.40 -39.13
CA PRO A 483 5.14 -2.60 -38.85
C PRO A 483 4.41 -3.94 -38.60
N ASP A 484 4.88 -4.74 -37.68
CA ASP A 484 4.19 -5.97 -37.53
C ASP A 484 3.04 -5.78 -36.54
N ALA A 485 2.14 -4.84 -36.88
CA ALA A 485 1.01 -4.51 -36.03
C ALA A 485 -0.35 -4.75 -36.63
N ILE A 486 -1.37 -4.72 -35.79
CA ILE A 486 -2.73 -5.02 -36.19
C ILE A 486 -3.54 -3.92 -36.84
N PHE A 487 -3.18 -2.68 -36.52
CA PHE A 487 -3.89 -1.52 -37.05
C PHE A 487 -2.94 -0.57 -37.75
N GLY A 488 -3.53 0.38 -38.47
CA GLY A 488 -2.76 1.39 -39.15
C GLY A 488 -2.92 2.68 -38.37
N GLU A 489 -2.05 3.66 -38.61
CA GLU A 489 -2.11 4.96 -37.92
C GLU A 489 -3.53 5.53 -37.73
N THR A 490 -4.32 5.66 -38.80
CA THR A 490 -5.68 6.21 -38.67
C THR A 490 -6.48 5.62 -37.49
N MET A 491 -6.55 4.29 -37.42
CA MET A 491 -7.25 3.59 -36.33
C MET A 491 -6.58 3.84 -35.00
N VAL A 492 -5.26 3.93 -34.93
CA VAL A 492 -4.66 4.19 -33.64
C VAL A 492 -4.82 5.64 -33.17
N GLU A 493 -4.83 6.59 -34.09
CA GLU A 493 -4.96 8.00 -33.70
C GLU A 493 -6.38 8.48 -33.37
N LEU A 494 -7.41 7.91 -33.98
CA LEU A 494 -8.78 8.31 -33.68
C LEU A 494 -9.29 7.60 -32.41
N GLY A 495 -8.87 6.37 -32.20
CA GLY A 495 -9.33 5.64 -31.05
C GLY A 495 -8.70 5.99 -29.74
N ALA A 496 -7.38 6.14 -29.66
CA ALA A 496 -6.71 6.45 -28.39
C ALA A 496 -7.24 7.66 -27.66
N PRO A 497 -7.62 8.74 -28.38
CA PRO A 497 -8.14 9.88 -27.64
C PRO A 497 -9.47 9.41 -27.07
N PHE A 498 -10.31 8.87 -27.94
CA PHE A 498 -11.61 8.34 -27.55
C PHE A 498 -11.52 7.36 -26.36
N SER A 499 -10.50 6.52 -26.34
CA SER A 499 -10.39 5.52 -25.30
C SER A 499 -9.94 5.98 -23.91
N LEU A 500 -8.99 6.91 -23.86
CA LEU A 500 -8.49 7.33 -22.55
C LEU A 500 -9.39 8.32 -21.81
N LYS A 501 -10.39 8.84 -22.53
CA LYS A 501 -11.34 9.77 -21.95
C LYS A 501 -12.30 8.92 -21.16
N GLY A 502 -13.16 8.20 -21.86
CA GLY A 502 -14.08 7.31 -21.19
C GLY A 502 -13.40 6.41 -20.15
N LEU A 503 -12.08 6.33 -20.15
CA LEU A 503 -11.41 5.48 -19.19
C LEU A 503 -10.98 6.30 -18.00
N MET A 504 -10.30 7.41 -18.26
CA MET A 504 -9.83 8.28 -17.19
C MET A 504 -10.93 9.19 -16.65
N GLY A 505 -11.75 9.72 -17.54
CA GLY A 505 -12.83 10.59 -17.12
C GLY A 505 -14.02 9.82 -16.56
N ASN A 506 -13.80 9.13 -15.45
CA ASN A 506 -14.83 8.32 -14.78
C ASN A 506 -14.88 8.79 -13.34
N PRO A 507 -16.08 8.95 -12.76
CA PRO A 507 -16.16 9.39 -11.38
C PRO A 507 -15.21 8.69 -10.42
N ILE A 508 -15.07 7.38 -10.47
CA ILE A 508 -14.18 6.74 -9.51
C ILE A 508 -12.72 7.16 -9.70
N CYS A 509 -12.47 7.87 -10.78
CA CYS A 509 -11.12 8.38 -11.09
C CYS A 509 -10.93 9.79 -10.53
N SER A 510 -12.04 10.46 -10.21
CA SER A 510 -12.00 11.80 -9.67
C SER A 510 -11.54 11.85 -8.21
N PRO A 511 -10.66 12.81 -7.86
CA PRO A 511 -10.10 13.00 -6.52
C PRO A 511 -11.01 12.67 -5.35
N GLN A 512 -12.28 13.03 -5.46
CA GLN A 512 -13.18 12.78 -4.35
C GLN A 512 -13.42 11.28 -4.18
N TYR A 513 -13.44 10.57 -5.30
CA TYR A 513 -13.63 9.13 -5.26
C TYR A 513 -12.32 8.33 -5.06
N TRP A 514 -11.21 8.77 -5.63
CA TRP A 514 -9.95 8.04 -5.51
C TRP A 514 -9.26 7.88 -4.16
N LYS A 515 -9.86 7.11 -3.27
CA LYS A 515 -9.28 6.88 -1.96
C LYS A 515 -9.94 5.68 -1.27
N PRO A 516 -9.15 4.96 -0.46
CA PRO A 516 -9.49 3.77 0.30
C PRO A 516 -10.95 3.62 0.72
N SER A 517 -11.45 4.63 1.38
CA SER A 517 -12.81 4.58 1.83
C SER A 517 -13.82 4.28 0.74
N THR A 518 -13.66 4.87 -0.43
CA THR A 518 -14.60 4.67 -1.51
C THR A 518 -14.79 3.21 -1.78
N PHE A 519 -13.70 2.46 -1.64
CA PHE A 519 -13.69 1.02 -1.94
C PHE A 519 -13.85 0.02 -0.79
N GLY A 520 -14.18 0.52 0.39
CA GLY A 520 -14.36 -0.38 1.50
C GLY A 520 -13.17 -0.56 2.39
N GLY A 521 -12.06 0.12 2.12
CA GLY A 521 -10.88 -0.01 2.95
C GLY A 521 -9.59 0.13 2.18
N GLU A 522 -8.48 -0.38 2.74
CA GLU A 522 -7.19 -0.33 2.05
C GLU A 522 -7.06 -1.67 1.24
N VAL A 523 -7.84 -2.68 1.68
CA VAL A 523 -7.94 -3.98 1.02
C VAL A 523 -8.60 -3.75 -0.35
N GLY A 524 -9.90 -3.55 -0.35
CA GLY A 524 -10.59 -3.29 -1.60
C GLY A 524 -9.88 -2.26 -2.49
N PHE A 525 -9.04 -1.40 -1.93
CA PHE A 525 -8.34 -0.41 -2.74
C PHE A 525 -7.23 -1.08 -3.52
N LYS A 526 -6.54 -2.01 -2.87
CA LYS A 526 -5.50 -2.71 -3.57
C LYS A 526 -6.05 -3.75 -4.53
N ILE A 527 -7.27 -4.21 -4.30
CA ILE A 527 -7.89 -5.15 -5.21
C ILE A 527 -7.83 -4.43 -6.56
N ILE A 528 -8.27 -3.17 -6.59
CA ILE A 528 -8.19 -2.42 -7.83
C ILE A 528 -6.70 -2.25 -8.24
N ASN A 529 -5.87 -1.84 -7.30
CA ASN A 529 -4.48 -1.60 -7.60
C ASN A 529 -3.61 -2.78 -7.99
N THR A 530 -4.15 -3.99 -7.98
CA THR A 530 -3.34 -5.15 -8.37
C THR A 530 -4.02 -6.00 -9.42
N ALA A 531 -5.14 -5.51 -9.95
CA ALA A 531 -5.88 -6.24 -10.97
C ALA A 531 -5.04 -6.60 -12.20
N SER A 532 -5.33 -7.75 -12.80
CA SER A 532 -4.66 -8.24 -13.99
C SER A 532 -5.50 -9.28 -14.64
N ILE A 533 -5.39 -9.43 -15.95
CA ILE A 533 -6.16 -10.43 -16.68
C ILE A 533 -5.75 -11.82 -16.21
N GLN A 534 -4.50 -11.95 -15.72
CA GLN A 534 -4.01 -13.23 -15.19
C GLN A 534 -4.69 -13.53 -13.86
N SER A 535 -4.83 -12.51 -13.04
CA SER A 535 -5.49 -12.70 -11.77
C SER A 535 -6.97 -12.87 -11.89
N LEU A 536 -7.59 -12.22 -12.87
CA LEU A 536 -9.04 -12.33 -13.05
C LEU A 536 -9.38 -13.80 -13.25
N ILE A 537 -8.62 -14.46 -14.10
CA ILE A 537 -8.82 -15.86 -14.39
C ILE A 537 -8.30 -16.78 -13.30
N CYS A 538 -7.18 -16.41 -12.69
CA CYS A 538 -6.57 -17.19 -11.62
C CYS A 538 -7.57 -17.44 -10.50
N ASN A 539 -8.07 -16.35 -9.97
CA ASN A 539 -9.02 -16.36 -8.86
C ASN A 539 -10.37 -16.92 -9.20
N ASN A 540 -10.76 -16.85 -10.47
CA ASN A 540 -12.09 -17.30 -10.84
C ASN A 540 -12.18 -18.52 -11.71
N VAL A 541 -11.07 -18.95 -12.27
CA VAL A 541 -11.11 -20.12 -13.10
C VAL A 541 -10.48 -21.32 -12.40
N LYS A 542 -11.16 -22.45 -12.55
CA LYS A 542 -10.78 -23.71 -11.93
C LYS A 542 -9.35 -24.07 -11.51
N GLY A 543 -8.32 -23.67 -12.25
CA GLY A 543 -6.98 -24.04 -11.80
C GLY A 543 -5.92 -23.05 -12.20
N CYS A 544 -6.14 -21.78 -11.87
CA CYS A 544 -5.20 -20.72 -12.25
C CYS A 544 -4.51 -20.90 -13.62
N PRO A 545 -5.32 -21.20 -14.65
CA PRO A 545 -4.83 -21.38 -15.99
C PRO A 545 -4.02 -20.14 -16.37
N PHE A 546 -2.86 -20.31 -17.00
CA PHE A 546 -2.11 -19.16 -17.44
C PHE A 546 -2.89 -18.51 -18.60
N THR A 547 -2.83 -17.20 -18.70
CA THR A 547 -3.55 -16.51 -19.78
C THR A 547 -2.77 -15.31 -20.21
N SER A 548 -3.32 -14.65 -21.20
CA SER A 548 -2.77 -13.42 -21.71
C SER A 548 -3.53 -13.08 -22.95
N PHE A 549 -3.30 -11.87 -23.45
CA PHE A 549 -3.98 -11.45 -24.65
C PHE A 549 -3.10 -11.75 -25.85
N ASN A 550 -2.11 -12.60 -25.59
CA ASN A 550 -1.16 -13.03 -26.59
C ASN A 550 -1.01 -14.55 -26.73
N VAL A 551 -1.14 -15.03 -27.97
CA VAL A 551 -0.97 -16.44 -28.28
C VAL A 551 0.53 -16.57 -28.23
N GLN A 552 0.95 -16.79 -26.99
CA GLN A 552 2.33 -16.97 -26.57
C GLN A 552 3.35 -16.80 -27.68
N ALA B 1 -25.95 2.82 15.76
CA ALA B 1 -25.02 1.83 16.39
C ALA B 1 -23.71 1.93 15.65
N ASN B 2 -23.81 2.26 14.36
CA ASN B 2 -22.65 2.42 13.50
C ASN B 2 -21.70 3.42 14.17
N PRO B 3 -20.44 3.03 14.42
CA PRO B 3 -19.41 3.86 15.05
C PRO B 3 -19.24 5.24 14.41
N CYS B 4 -19.55 5.32 13.13
CA CYS B 4 -19.45 6.59 12.46
C CYS B 4 -20.54 7.54 12.89
N CYS B 5 -21.61 7.02 13.49
CA CYS B 5 -22.75 7.81 14.00
C CYS B 5 -22.35 9.14 14.59
N SER B 6 -21.32 9.13 15.44
CA SER B 6 -20.85 10.36 16.07
C SER B 6 -20.08 11.31 15.18
N ASN B 7 -20.09 11.12 13.87
CA ASN B 7 -19.35 11.99 12.91
C ASN B 7 -17.93 12.29 13.36
N PRO B 8 -17.23 11.30 13.86
CA PRO B 8 -15.86 11.48 14.35
C PRO B 8 -14.87 12.14 13.41
N CYS B 9 -14.96 11.81 12.13
CA CYS B 9 -14.01 12.34 11.16
C CYS B 9 -14.07 13.82 10.83
N GLN B 10 -13.20 14.54 11.50
CA GLN B 10 -13.11 15.97 11.34
C GLN B 10 -12.35 16.30 10.05
N ASN B 11 -12.30 17.60 9.75
CA ASN B 11 -11.58 18.14 8.59
C ASN B 11 -11.88 17.60 7.21
N ARG B 12 -13.14 17.22 6.97
CA ARG B 12 -13.54 16.70 5.67
C ARG B 12 -13.02 15.28 5.34
N GLY B 13 -12.50 14.57 6.36
CA GLY B 13 -12.03 13.20 6.19
C GLY B 13 -13.26 12.31 6.05
N GLU B 14 -13.11 11.02 5.75
CA GLU B 14 -14.30 10.13 5.60
C GLU B 14 -14.33 9.00 6.62
N CYS B 15 -15.45 8.89 7.32
CA CYS B 15 -15.58 7.86 8.32
C CYS B 15 -16.09 6.59 7.72
N MET B 16 -15.46 5.47 8.06
CA MET B 16 -15.90 4.17 7.60
C MET B 16 -15.86 3.26 8.80
N SER B 17 -16.94 2.52 8.93
CA SER B 17 -17.10 1.57 10.00
C SER B 17 -16.12 0.45 9.78
N THR B 18 -15.50 -0.05 10.84
CA THR B 18 -14.56 -1.14 10.68
C THR B 18 -14.73 -2.27 11.70
N GLY B 19 -15.99 -2.66 11.94
CA GLY B 19 -16.23 -3.74 12.88
C GLY B 19 -17.18 -3.48 14.03
N PHE B 20 -18.36 -2.96 13.70
CA PHE B 20 -19.41 -2.75 14.70
C PHE B 20 -19.19 -1.59 15.65
N ASP B 21 -18.12 -1.65 16.43
CA ASP B 21 -17.82 -0.60 17.40
C ASP B 21 -16.75 0.37 16.93
N GLN B 22 -15.81 -0.11 16.12
CA GLN B 22 -14.73 0.75 15.67
C GLN B 22 -15.05 1.39 14.32
N TYR B 23 -14.41 2.53 14.03
CA TYR B 23 -14.60 3.27 12.77
C TYR B 23 -13.23 3.71 12.32
N LYS B 24 -13.13 4.24 11.09
CA LYS B 24 -11.86 4.68 10.51
C LYS B 24 -12.02 5.96 9.66
N CYS B 25 -11.01 6.84 9.69
CA CYS B 25 -11.08 8.11 8.90
C CYS B 25 -10.19 8.25 7.64
N ASP B 26 -10.81 8.57 6.52
CA ASP B 26 -10.06 8.76 5.29
C ASP B 26 -9.58 10.22 5.18
N CYS B 27 -8.50 10.53 5.87
CA CYS B 27 -7.93 11.87 5.89
C CYS B 27 -7.24 12.22 4.58
N THR B 28 -7.55 11.48 3.53
CA THR B 28 -6.91 11.68 2.23
C THR B 28 -7.08 13.05 1.64
N ARG B 29 -5.95 13.66 1.29
CA ARG B 29 -5.96 14.99 0.67
C ARG B 29 -6.67 16.10 1.48
N THR B 30 -6.82 15.88 2.78
CA THR B 30 -7.48 16.86 3.64
C THR B 30 -6.48 17.93 4.07
N GLY B 31 -5.27 17.50 4.38
CA GLY B 31 -4.28 18.43 4.84
C GLY B 31 -4.17 18.23 6.32
N PHE B 32 -4.73 17.13 6.79
CA PHE B 32 -4.71 16.79 8.21
C PHE B 32 -4.62 15.30 8.36
N TYR B 33 -3.91 14.86 9.39
CA TYR B 33 -3.79 13.43 9.70
C TYR B 33 -4.23 13.11 11.13
N GLY B 34 -4.02 11.86 11.56
CA GLY B 34 -4.43 11.43 12.90
C GLY B 34 -5.83 10.82 12.92
N GLU B 35 -6.17 10.15 14.01
CA GLU B 35 -7.47 9.48 14.15
C GLU B 35 -8.69 10.20 13.61
N ASN B 36 -8.77 11.52 13.77
CA ASN B 36 -9.95 12.27 13.27
C ASN B 36 -9.67 13.32 12.21
N CYS B 37 -8.54 13.18 11.53
CA CYS B 37 -8.13 14.13 10.49
C CYS B 37 -8.09 15.47 11.18
N THR B 38 -7.58 15.42 12.40
CA THR B 38 -7.47 16.55 13.30
C THR B 38 -6.16 17.37 13.22
N THR B 39 -5.01 16.69 13.28
CA THR B 39 -3.74 17.41 13.20
C THR B 39 -3.35 17.82 11.77
N PRO B 40 -3.12 19.11 11.56
CA PRO B 40 -2.75 19.66 10.26
C PRO B 40 -1.34 19.35 9.78
N GLU B 41 -1.21 19.29 8.47
CA GLU B 41 0.07 19.09 7.82
C GLU B 41 0.72 20.47 7.98
N PHE B 42 2.03 20.47 8.23
CA PHE B 42 2.75 21.72 8.42
C PHE B 42 2.32 22.86 7.48
N LEU B 43 2.39 22.62 6.18
CA LEU B 43 1.98 23.64 5.21
C LEU B 43 0.52 24.06 5.47
N THR B 44 -0.28 23.12 5.97
CA THR B 44 -1.68 23.38 6.29
C THR B 44 -1.74 24.53 7.28
N ARG B 45 -0.86 24.42 8.29
CA ARG B 45 -0.73 25.44 9.31
C ARG B 45 -0.58 26.81 8.65
N ILE B 46 0.42 26.90 7.76
CA ILE B 46 0.76 28.13 7.04
C ILE B 46 -0.49 28.80 6.45
N LYS B 47 -1.30 27.98 5.77
CA LYS B 47 -2.54 28.46 5.16
C LYS B 47 -3.55 28.85 6.25
N LEU B 48 -3.69 27.98 7.25
CA LEU B 48 -4.61 28.26 8.34
C LEU B 48 -4.35 29.63 8.97
N LEU B 49 -3.09 29.99 9.14
CA LEU B 49 -2.77 31.29 9.71
C LEU B 49 -3.26 32.43 8.81
N LEU B 50 -2.86 32.36 7.54
CA LEU B 50 -3.26 33.41 6.64
C LEU B 50 -4.74 33.52 6.33
N LYS B 51 -5.47 32.43 6.53
CA LYS B 51 -6.91 32.41 6.26
C LYS B 51 -7.72 33.58 6.88
N PRO B 52 -8.09 34.59 6.08
CA PRO B 52 -8.87 35.69 6.66
C PRO B 52 -10.32 35.22 6.83
N THR B 53 -10.95 35.63 7.93
CA THR B 53 -12.32 35.23 8.17
C THR B 53 -13.25 35.86 7.11
N PRO B 54 -14.25 35.08 6.67
CA PRO B 54 -15.25 35.48 5.66
C PRO B 54 -15.80 36.85 5.94
N ASN B 55 -16.00 37.12 7.22
CA ASN B 55 -16.52 38.39 7.65
C ASN B 55 -15.49 39.50 7.41
N THR B 56 -14.21 39.20 7.63
CA THR B 56 -13.16 40.20 7.39
C THR B 56 -13.26 40.58 5.92
N VAL B 57 -13.20 39.54 5.10
CA VAL B 57 -13.27 39.72 3.68
C VAL B 57 -14.57 40.48 3.38
N HIS B 58 -15.62 40.06 4.07
CA HIS B 58 -16.91 40.67 3.89
C HIS B 58 -16.82 42.15 4.12
N TYR B 59 -16.12 42.53 5.18
CA TYR B 59 -15.96 43.94 5.52
C TYR B 59 -15.24 44.60 4.37
N ILE B 60 -14.03 44.11 4.13
CA ILE B 60 -13.16 44.62 3.11
C ILE B 60 -13.86 44.72 1.76
N LEU B 61 -14.74 43.80 1.48
CA LEU B 61 -15.45 43.79 0.22
C LEU B 61 -16.51 44.89 0.19
N THR B 62 -17.26 44.98 1.28
CA THR B 62 -18.37 45.95 1.43
C THR B 62 -17.97 47.40 1.72
N HIS B 63 -16.70 47.63 2.00
CA HIS B 63 -16.22 48.97 2.32
C HIS B 63 -15.34 49.55 1.18
N PHE B 64 -14.55 50.57 1.50
CA PHE B 64 -13.63 51.20 0.58
C PHE B 64 -14.17 51.55 -0.82
N LYS B 65 -15.46 51.87 -0.89
CA LYS B 65 -16.16 52.21 -2.14
C LYS B 65 -15.33 52.94 -3.24
N GLY B 66 -14.37 53.75 -2.83
CA GLY B 66 -13.56 54.48 -3.79
C GLY B 66 -12.40 53.66 -4.27
N VAL B 67 -11.78 52.96 -3.33
CA VAL B 67 -10.69 52.06 -3.67
C VAL B 67 -11.34 51.13 -4.65
N TRP B 68 -12.51 50.60 -4.25
CA TRP B 68 -13.26 49.68 -5.08
C TRP B 68 -13.56 50.22 -6.45
N ASN B 69 -13.82 51.52 -6.51
CA ASN B 69 -14.13 52.15 -7.79
C ASN B 69 -12.95 52.15 -8.76
N ILE B 70 -11.74 52.31 -8.22
CA ILE B 70 -10.52 52.29 -9.02
C ILE B 70 -10.46 50.91 -9.68
N VAL B 71 -10.60 49.90 -8.84
CA VAL B 71 -10.59 48.49 -9.26
C VAL B 71 -11.58 48.28 -10.42
N ASN B 72 -12.86 48.62 -10.18
CA ASN B 72 -13.92 48.49 -11.20
C ASN B 72 -13.60 49.19 -12.52
N ASN B 73 -12.48 49.90 -12.58
CA ASN B 73 -12.09 50.61 -13.78
C ASN B 73 -10.74 50.18 -14.37
N ILE B 74 -10.05 49.27 -13.69
CA ILE B 74 -8.79 48.72 -14.19
C ILE B 74 -9.19 47.28 -14.56
N PRO B 75 -9.63 47.08 -15.81
CA PRO B 75 -10.06 45.77 -16.34
C PRO B 75 -9.21 44.61 -15.84
N PHE B 76 -7.93 44.73 -16.06
CA PHE B 76 -6.92 43.74 -15.69
C PHE B 76 -7.07 43.38 -14.23
N LEU B 77 -7.42 44.39 -13.43
CA LEU B 77 -7.61 44.20 -11.99
C LEU B 77 -8.90 43.50 -11.65
N ARG B 78 -10.01 44.08 -12.14
CA ARG B 78 -11.34 43.52 -11.89
C ARG B 78 -11.41 42.03 -12.21
N SER B 79 -11.11 41.69 -13.48
CA SER B 79 -11.11 40.31 -13.98
C SER B 79 -10.28 39.51 -12.99
N LEU B 80 -9.08 40.03 -12.71
CA LEU B 80 -8.17 39.41 -11.76
C LEU B 80 -8.95 39.07 -10.45
N ILE B 81 -9.74 40.03 -9.97
CA ILE B 81 -10.51 39.83 -8.74
C ILE B 81 -11.60 38.75 -8.98
N MET B 82 -12.37 38.96 -10.05
CA MET B 82 -13.46 38.07 -10.45
C MET B 82 -13.01 36.63 -10.42
N LYS B 83 -11.82 36.41 -10.92
CA LYS B 83 -11.23 35.08 -10.95
C LYS B 83 -11.15 34.51 -9.54
N TYR B 84 -10.45 35.19 -8.64
CA TYR B 84 -10.28 34.74 -7.25
C TYR B 84 -11.57 34.25 -6.62
N VAL B 85 -12.54 35.16 -6.60
CA VAL B 85 -13.82 34.81 -6.03
C VAL B 85 -14.31 33.56 -6.73
N LEU B 86 -14.26 33.57 -8.06
CA LEU B 86 -14.69 32.44 -8.86
C LEU B 86 -14.11 31.06 -8.50
N THR B 87 -12.83 31.01 -8.19
CA THR B 87 -12.15 29.75 -7.88
C THR B 87 -12.35 29.25 -6.45
N SER B 88 -11.90 30.06 -5.52
CA SER B 88 -11.99 29.78 -4.07
C SER B 88 -13.38 29.19 -3.76
N ARG B 89 -14.40 29.93 -4.20
CA ARG B 89 -15.79 29.55 -4.06
C ARG B 89 -16.00 28.07 -4.38
N SER B 90 -15.38 27.62 -5.46
CA SER B 90 -15.55 26.25 -5.92
C SER B 90 -14.81 25.08 -5.30
N TYR B 91 -13.64 25.28 -4.71
CA TYR B 91 -12.98 24.12 -4.10
C TYR B 91 -13.91 23.46 -3.06
N LEU B 92 -14.96 24.17 -2.66
CA LEU B 92 -15.88 23.66 -1.64
C LEU B 92 -16.89 22.64 -2.06
N ILE B 93 -17.38 22.67 -3.31
CA ILE B 93 -18.36 21.67 -3.79
C ILE B 93 -17.80 20.41 -4.50
N ASP B 94 -18.52 19.30 -4.33
CA ASP B 94 -18.16 17.98 -4.90
C ASP B 94 -18.54 17.71 -6.35
N SER B 95 -17.53 17.64 -7.20
CA SER B 95 -17.77 17.38 -8.61
C SER B 95 -16.61 16.52 -9.16
N PRO B 96 -16.95 15.32 -9.64
CA PRO B 96 -18.32 14.79 -9.68
C PRO B 96 -18.93 14.50 -8.33
N PRO B 97 -20.28 14.47 -8.27
CA PRO B 97 -21.17 14.23 -7.15
C PRO B 97 -20.91 12.98 -6.31
N THR B 98 -21.28 13.03 -5.04
CA THR B 98 -21.08 11.92 -4.13
C THR B 98 -22.39 11.39 -3.50
N TYR B 99 -22.67 11.75 -2.24
CA TYR B 99 -23.82 11.25 -1.47
C TYR B 99 -25.24 11.71 -1.78
N ASN B 100 -26.18 11.12 -1.04
CA ASN B 100 -27.59 11.49 -1.12
C ASN B 100 -28.48 10.81 -0.08
N VAL B 101 -29.77 11.16 -0.15
CA VAL B 101 -30.84 10.69 0.72
C VAL B 101 -30.61 9.28 1.21
N HIS B 102 -30.30 8.39 0.27
CA HIS B 102 -30.08 6.99 0.53
C HIS B 102 -28.65 6.52 0.67
N TYR B 103 -27.73 7.27 0.08
CA TYR B 103 -26.34 6.85 0.14
C TYR B 103 -25.40 7.70 0.94
N GLY B 104 -25.04 7.16 2.08
CA GLY B 104 -24.11 7.84 2.94
C GLY B 104 -22.72 7.48 2.50
N TYR B 105 -22.64 6.51 1.59
CA TYR B 105 -21.37 6.11 1.03
C TYR B 105 -21.44 6.49 -0.44
N LYS B 106 -20.30 6.42 -1.13
CA LYS B 106 -20.27 6.81 -2.54
C LYS B 106 -21.06 6.11 -3.65
N SER B 107 -21.15 4.77 -3.64
CA SER B 107 -21.96 4.03 -4.62
C SER B 107 -22.21 4.52 -6.09
N TRP B 108 -22.25 3.58 -7.04
CA TRP B 108 -22.50 3.97 -8.43
C TRP B 108 -23.95 4.47 -8.52
N GLU B 109 -24.85 3.80 -7.80
CA GLU B 109 -26.28 4.12 -7.79
C GLU B 109 -26.52 5.57 -7.49
N ALA B 110 -25.75 6.05 -6.53
CA ALA B 110 -25.82 7.46 -6.14
C ALA B 110 -25.34 8.27 -7.34
N PHE B 111 -24.06 8.09 -7.69
CA PHE B 111 -23.46 8.80 -8.79
C PHE B 111 -24.24 8.84 -10.09
N SER B 112 -24.89 7.75 -10.43
CA SER B 112 -25.62 7.67 -11.67
C SER B 112 -27.04 8.19 -11.66
N ASN B 113 -27.82 7.88 -10.61
CA ASN B 113 -29.24 8.26 -10.54
C ASN B 113 -29.53 9.74 -10.58
N LEU B 114 -29.89 10.26 -11.74
CA LEU B 114 -30.18 11.70 -11.88
C LEU B 114 -31.46 12.20 -11.23
N SER B 115 -32.30 11.29 -10.71
CA SER B 115 -33.54 11.70 -10.08
C SER B 115 -33.35 12.24 -8.68
N TYR B 116 -32.28 11.82 -8.02
CA TYR B 116 -31.93 12.28 -6.68
C TYR B 116 -31.40 13.74 -6.69
N TYR B 117 -31.31 14.36 -5.51
CA TYR B 117 -30.74 15.70 -5.35
C TYR B 117 -29.46 15.25 -4.70
N THR B 118 -28.35 15.84 -5.06
CA THR B 118 -27.14 15.38 -4.44
C THR B 118 -27.11 15.88 -3.00
N ARG B 119 -26.16 15.41 -2.21
CA ARG B 119 -26.10 15.87 -0.84
C ARG B 119 -24.71 16.35 -0.47
N ALA B 120 -24.62 17.55 0.12
CA ALA B 120 -23.34 18.14 0.51
C ALA B 120 -22.78 17.47 1.74
N LEU B 121 -23.63 16.80 2.47
CA LEU B 121 -23.20 16.10 3.68
C LEU B 121 -24.07 14.86 3.69
N PRO B 122 -23.47 13.72 4.05
CA PRO B 122 -24.23 12.48 4.08
C PRO B 122 -25.37 12.55 5.04
N PRO B 123 -26.38 11.72 4.83
CA PRO B 123 -27.47 11.78 5.77
C PRO B 123 -26.94 11.01 6.99
N VAL B 124 -27.77 10.92 8.01
CA VAL B 124 -27.40 10.23 9.23
C VAL B 124 -27.92 8.79 9.20
N ALA B 125 -27.08 7.87 9.67
CA ALA B 125 -27.44 6.47 9.71
C ALA B 125 -28.79 6.26 10.38
N ASP B 126 -29.65 5.45 9.75
CA ASP B 126 -30.96 5.18 10.34
C ASP B 126 -30.83 4.39 11.62
N ASP B 127 -29.63 3.86 11.92
CA ASP B 127 -29.46 3.09 13.14
C ASP B 127 -28.69 3.84 14.25
N CYS B 128 -28.48 5.14 14.06
CA CYS B 128 -27.81 5.95 15.06
C CYS B 128 -28.73 6.08 16.28
N PRO B 129 -28.22 6.60 17.43
CA PRO B 129 -29.06 6.72 18.61
C PRO B 129 -29.95 7.94 18.59
N THR B 130 -29.42 9.07 18.15
CA THR B 130 -30.23 10.30 18.11
C THR B 130 -30.23 10.86 16.70
N PRO B 131 -31.34 11.51 16.32
CA PRO B 131 -31.50 12.10 14.99
C PRO B 131 -30.37 13.04 14.46
N MET B 132 -29.50 13.52 15.35
CA MET B 132 -28.41 14.38 14.89
C MET B 132 -27.13 13.63 15.05
N GLY B 133 -27.30 12.37 15.41
CA GLY B 133 -26.18 11.50 15.61
C GLY B 133 -26.29 10.78 16.91
N VAL B 134 -25.54 11.33 17.84
CA VAL B 134 -25.51 10.74 19.16
C VAL B 134 -25.90 11.81 20.18
N LYS B 135 -25.78 13.09 19.79
CA LYS B 135 -26.13 14.26 20.62
C LYS B 135 -27.59 14.63 20.49
N GLY B 136 -28.23 14.96 21.60
CA GLY B 136 -29.65 15.33 21.57
C GLY B 136 -30.56 14.33 22.24
N ASN B 137 -31.84 14.40 21.94
CA ASN B 137 -32.80 13.50 22.54
C ASN B 137 -33.40 12.59 21.50
N LYS B 138 -34.04 11.49 21.93
CA LYS B 138 -34.73 10.55 21.03
C LYS B 138 -35.50 11.33 19.97
N GLU B 139 -35.81 12.59 20.26
CA GLU B 139 -36.49 13.45 19.30
C GLU B 139 -35.90 14.83 19.26
N LEU B 140 -36.44 15.64 18.36
CA LEU B 140 -36.01 17.01 18.14
C LEU B 140 -37.17 17.92 18.53
N PRO B 141 -36.90 19.23 18.69
CA PRO B 141 -37.91 20.21 19.05
C PRO B 141 -39.12 20.04 18.15
N ASP B 142 -40.31 20.26 18.68
CA ASP B 142 -41.50 20.14 17.90
C ASP B 142 -41.42 21.22 16.84
N SER B 143 -41.67 20.79 15.61
CA SER B 143 -41.65 21.63 14.43
C SER B 143 -42.62 22.80 14.56
N LYS B 144 -43.90 22.47 14.72
CA LYS B 144 -44.97 23.46 14.86
C LYS B 144 -44.53 24.52 15.86
N GLU B 145 -43.87 24.08 16.93
CA GLU B 145 -43.38 24.97 17.98
C GLU B 145 -42.28 25.88 17.43
N VAL B 146 -41.19 25.30 16.94
CA VAL B 146 -40.07 26.09 16.40
C VAL B 146 -40.59 27.12 15.37
N LEU B 147 -41.54 26.65 14.57
CA LEU B 147 -42.19 27.42 13.53
C LEU B 147 -42.77 28.69 14.10
N GLU B 148 -43.55 28.54 15.16
CA GLU B 148 -44.21 29.66 15.84
C GLU B 148 -43.29 30.56 16.70
N LYS B 149 -42.56 29.96 17.62
CA LYS B 149 -41.70 30.75 18.45
C LYS B 149 -40.66 31.63 17.74
N VAL B 150 -39.79 31.07 16.90
CA VAL B 150 -38.76 31.91 16.22
C VAL B 150 -38.93 32.18 14.74
N LEU B 151 -39.89 31.54 14.09
CA LEU B 151 -40.00 31.74 12.66
C LEU B 151 -41.06 32.65 12.13
N LEU B 152 -42.31 32.33 12.39
CA LEU B 152 -43.43 33.14 11.91
C LEU B 152 -43.31 34.68 12.11
N ARG B 153 -43.81 35.42 11.13
CA ARG B 153 -43.81 36.87 11.11
C ARG B 153 -44.94 37.47 11.93
N ARG B 154 -44.59 38.46 12.76
CA ARG B 154 -45.55 39.17 13.58
C ARG B 154 -45.79 40.43 12.78
N GLU B 155 -44.78 41.29 12.76
CA GLU B 155 -44.91 42.54 12.01
C GLU B 155 -43.92 42.46 10.86
N PHE B 156 -44.37 42.71 9.65
CA PHE B 156 -43.49 42.64 8.49
C PHE B 156 -42.21 43.45 8.66
N ILE B 157 -41.07 42.79 8.60
CA ILE B 157 -39.79 43.46 8.70
C ILE B 157 -39.33 43.57 7.24
N PRO B 158 -38.96 44.77 6.78
CA PRO B 158 -38.50 44.89 5.39
C PRO B 158 -37.02 44.54 5.33
N ASP B 159 -36.53 44.31 4.11
CA ASP B 159 -35.14 43.98 3.89
C ASP B 159 -34.33 45.27 3.91
N PRO B 160 -33.29 45.33 4.75
CA PRO B 160 -32.46 46.54 4.81
C PRO B 160 -31.62 46.71 3.56
N GLN B 161 -31.70 45.77 2.62
CA GLN B 161 -30.93 45.88 1.39
C GLN B 161 -31.71 46.46 0.22
N GLY B 162 -33.01 46.51 0.33
CA GLY B 162 -33.81 47.11 -0.71
C GLY B 162 -34.41 46.19 -1.70
N SER B 163 -34.19 44.89 -1.53
CA SER B 163 -34.73 43.91 -2.45
C SER B 163 -36.22 44.15 -2.66
N ASN B 164 -36.62 44.49 -3.88
CA ASN B 164 -38.03 44.76 -4.14
C ASN B 164 -38.81 43.52 -4.57
N MET B 165 -39.89 43.74 -5.33
CA MET B 165 -40.74 42.64 -5.77
C MET B 165 -40.24 42.01 -7.04
N MET B 166 -39.61 42.82 -7.90
CA MET B 166 -39.05 42.37 -9.16
C MET B 166 -38.01 41.32 -8.80
N PHE B 167 -37.24 41.56 -7.75
CA PHE B 167 -36.24 40.60 -7.30
C PHE B 167 -36.87 39.33 -6.74
N ALA B 168 -37.60 39.41 -5.66
CA ALA B 168 -38.19 38.20 -5.06
C ALA B 168 -38.84 37.29 -6.08
N PHE B 169 -39.60 37.85 -7.01
CA PHE B 169 -40.23 37.01 -8.01
C PHE B 169 -39.19 36.41 -9.02
N PHE B 170 -38.18 37.20 -9.39
CA PHE B 170 -37.14 36.73 -10.27
C PHE B 170 -36.54 35.49 -9.63
N ALA B 171 -36.06 35.59 -8.39
CA ALA B 171 -35.50 34.42 -7.71
C ALA B 171 -36.50 33.25 -7.60
N GLN B 172 -37.80 33.52 -7.64
CA GLN B 172 -38.76 32.41 -7.56
C GLN B 172 -38.74 31.65 -8.88
N HIS B 173 -38.95 32.40 -9.94
CA HIS B 173 -38.94 31.93 -11.32
C HIS B 173 -37.60 31.23 -11.60
N PHE B 174 -36.49 31.97 -11.45
CA PHE B 174 -35.15 31.44 -11.69
C PHE B 174 -34.91 30.11 -11.02
N THR B 175 -34.77 30.05 -9.71
CA THR B 175 -34.54 28.77 -9.03
C THR B 175 -35.59 27.70 -9.30
N HIS B 176 -36.75 28.08 -9.82
CA HIS B 176 -37.80 27.10 -10.04
C HIS B 176 -37.72 26.25 -11.27
N GLN B 177 -36.59 26.34 -11.94
CA GLN B 177 -36.36 25.52 -13.10
C GLN B 177 -35.48 24.40 -12.53
N PHE B 178 -34.58 24.73 -11.60
CA PHE B 178 -33.80 23.67 -11.00
C PHE B 178 -34.32 23.08 -9.72
N PHE B 179 -35.18 23.78 -8.99
CA PHE B 179 -35.72 23.20 -7.77
C PHE B 179 -37.09 22.79 -8.25
N LYS B 180 -37.31 21.48 -8.34
CA LYS B 180 -38.58 20.92 -8.80
C LYS B 180 -38.85 19.56 -8.19
N THR B 181 -38.95 19.46 -6.87
CA THR B 181 -39.19 18.19 -6.23
C THR B 181 -40.29 17.28 -6.80
N ASP B 182 -39.97 15.99 -6.86
CA ASP B 182 -40.83 14.92 -7.37
C ASP B 182 -41.49 14.35 -6.14
N HIS B 183 -42.53 15.03 -5.68
CA HIS B 183 -43.21 14.61 -4.45
C HIS B 183 -43.71 13.21 -4.42
N LYS B 184 -44.11 12.75 -5.59
CA LYS B 184 -44.62 11.40 -5.76
C LYS B 184 -43.48 10.42 -5.38
N ARG B 185 -42.23 10.85 -5.57
CA ARG B 185 -41.10 10.00 -5.20
C ARG B 185 -40.71 10.29 -3.76
N GLY B 186 -40.66 11.57 -3.43
CA GLY B 186 -40.32 11.99 -2.07
C GLY B 186 -39.41 13.19 -2.08
N PRO B 187 -39.15 13.84 -0.92
CA PRO B 187 -38.23 14.98 -0.99
C PRO B 187 -36.90 14.32 -1.23
N GLY B 188 -35.98 15.06 -1.83
CA GLY B 188 -34.69 14.48 -2.12
C GLY B 188 -34.68 14.08 -3.57
N PHE B 189 -35.86 14.03 -4.20
CA PHE B 189 -35.99 13.70 -5.59
C PHE B 189 -36.41 14.91 -6.41
N THR B 190 -35.63 15.24 -7.45
CA THR B 190 -35.89 16.36 -8.36
C THR B 190 -36.53 15.82 -9.61
N ARG B 191 -37.35 16.62 -10.25
CA ARG B 191 -37.97 16.19 -11.48
C ARG B 191 -37.26 17.00 -12.59
N GLY B 192 -36.32 17.84 -12.17
CA GLY B 192 -35.56 18.63 -13.12
C GLY B 192 -34.21 17.96 -13.33
N LEU B 193 -34.22 16.94 -14.16
CA LEU B 193 -33.02 16.17 -14.43
C LEU B 193 -31.89 16.96 -15.08
N GLY B 194 -32.23 18.18 -15.49
CA GLY B 194 -31.27 19.08 -16.12
C GLY B 194 -30.18 19.51 -15.14
N HIS B 195 -30.54 19.54 -13.86
CA HIS B 195 -29.66 19.91 -12.76
C HIS B 195 -28.92 21.23 -12.92
N GLY B 196 -29.57 22.19 -13.58
CA GLY B 196 -28.92 23.46 -13.78
C GLY B 196 -29.69 24.42 -14.63
N VAL B 197 -29.01 25.51 -15.01
CA VAL B 197 -29.64 26.55 -15.80
C VAL B 197 -29.93 26.10 -17.25
N ASP B 198 -31.01 25.37 -17.44
CA ASP B 198 -31.34 24.91 -18.76
C ASP B 198 -32.56 25.59 -19.34
N LEU B 199 -33.07 26.59 -18.66
CA LEU B 199 -34.26 27.31 -19.12
C LEU B 199 -35.38 26.35 -19.50
N ASN B 200 -35.46 25.30 -18.71
CA ASN B 200 -36.47 24.28 -18.90
C ASN B 200 -37.84 24.85 -18.60
N HIS B 201 -37.89 25.79 -17.65
CA HIS B 201 -39.12 26.45 -17.21
C HIS B 201 -39.80 27.25 -18.31
N ILE B 202 -39.00 27.73 -19.26
CA ILE B 202 -39.55 28.48 -20.37
C ILE B 202 -39.95 27.48 -21.44
N TYR B 203 -39.06 26.52 -21.68
CA TYR B 203 -39.21 25.55 -22.78
C TYR B 203 -39.91 24.24 -22.60
N GLY B 204 -40.04 23.77 -21.38
CA GLY B 204 -40.68 22.48 -21.20
C GLY B 204 -39.60 21.53 -20.75
N GLU B 205 -39.99 20.61 -19.89
CA GLU B 205 -39.10 19.61 -19.33
C GLU B 205 -38.71 18.60 -20.41
N THR B 206 -39.65 18.25 -21.29
CA THR B 206 -39.38 17.27 -22.31
C THR B 206 -39.62 17.79 -23.70
N LEU B 207 -38.97 17.14 -24.66
CA LEU B 207 -39.05 17.45 -26.09
C LEU B 207 -40.49 17.36 -26.57
N ASP B 208 -41.27 16.53 -25.91
CA ASP B 208 -42.64 16.36 -26.26
C ASP B 208 -43.34 17.63 -25.89
N ARG B 209 -43.02 18.13 -24.70
CA ARG B 209 -43.60 19.36 -24.14
C ARG B 209 -43.16 20.55 -24.96
N GLN B 210 -41.85 20.69 -25.11
CA GLN B 210 -41.29 21.79 -25.86
C GLN B 210 -41.92 21.91 -27.22
N HIS B 211 -42.27 20.77 -27.81
CA HIS B 211 -42.89 20.79 -29.12
C HIS B 211 -44.34 21.32 -29.07
N LYS B 212 -45.04 21.11 -27.96
CA LYS B 212 -46.43 21.61 -27.80
C LYS B 212 -46.39 23.09 -27.51
N LEU B 213 -45.22 23.58 -27.17
CA LEU B 213 -45.06 24.98 -26.86
C LEU B 213 -44.53 25.81 -28.05
N ARG B 214 -43.90 25.14 -29.00
CA ARG B 214 -43.32 25.84 -30.16
C ARG B 214 -44.27 26.09 -31.32
N LEU B 215 -44.00 27.18 -32.04
CA LEU B 215 -44.82 27.57 -33.16
C LEU B 215 -44.27 26.92 -34.44
N PHE B 216 -42.98 26.54 -34.41
CA PHE B 216 -42.30 25.91 -35.54
C PHE B 216 -42.44 26.86 -36.71
N LYS B 217 -41.85 28.02 -36.57
CA LYS B 217 -41.90 29.10 -37.58
C LYS B 217 -41.03 30.21 -37.07
N ASP B 218 -39.92 30.46 -37.74
CA ASP B 218 -38.98 31.48 -37.31
C ASP B 218 -38.46 31.15 -35.94
N GLY B 219 -38.60 29.90 -35.52
CA GLY B 219 -38.08 29.49 -34.22
C GLY B 219 -38.88 30.00 -33.02
N LYS B 220 -39.90 30.80 -33.30
CA LYS B 220 -40.73 31.39 -32.28
C LYS B 220 -41.52 30.39 -31.42
N LEU B 221 -41.69 30.76 -30.15
CA LEU B 221 -42.50 29.99 -29.22
C LEU B 221 -43.95 30.37 -29.56
N LYS B 222 -44.90 29.52 -29.24
CA LYS B 222 -46.27 29.85 -29.57
C LYS B 222 -46.70 30.96 -28.58
N TYR B 223 -47.69 31.76 -28.93
CA TYR B 223 -48.17 32.83 -28.04
C TYR B 223 -49.52 33.36 -28.55
N GLN B 224 -50.07 34.35 -27.86
CA GLN B 224 -51.35 34.97 -28.25
C GLN B 224 -51.38 36.43 -27.93
N VAL B 225 -52.18 37.17 -28.69
CA VAL B 225 -52.29 38.61 -28.47
C VAL B 225 -53.62 38.96 -27.83
N ILE B 226 -53.56 39.27 -26.53
CA ILE B 226 -54.71 39.67 -25.74
C ILE B 226 -54.63 41.18 -25.70
N GLY B 227 -55.76 41.83 -25.92
CA GLY B 227 -55.74 43.27 -25.92
C GLY B 227 -54.79 43.63 -27.05
N GLY B 228 -53.68 44.26 -26.73
CA GLY B 228 -52.75 44.56 -27.78
C GLY B 228 -51.44 43.95 -27.37
N GLU B 229 -51.44 43.19 -26.30
CA GLU B 229 -50.20 42.62 -25.81
C GLU B 229 -50.06 41.13 -26.08
N VAL B 230 -48.81 40.65 -26.03
CA VAL B 230 -48.52 39.23 -26.25
C VAL B 230 -48.56 38.50 -24.90
N TYR B 231 -49.14 37.30 -24.88
CA TYR B 231 -49.24 36.46 -23.68
C TYR B 231 -49.05 34.99 -24.06
N PRO B 232 -48.67 34.16 -23.09
CA PRO B 232 -48.48 32.73 -23.33
C PRO B 232 -49.77 32.19 -23.93
N PRO B 233 -49.69 31.09 -24.68
CA PRO B 233 -50.85 30.47 -25.31
C PRO B 233 -51.68 29.64 -24.33
N THR B 234 -52.89 29.31 -24.75
CA THR B 234 -53.83 28.58 -23.91
C THR B 234 -53.49 27.13 -23.76
N VAL B 235 -53.76 26.59 -22.56
CA VAL B 235 -53.56 25.17 -22.29
C VAL B 235 -54.52 24.48 -23.24
N LYS B 236 -55.65 25.14 -23.49
CA LYS B 236 -56.67 24.61 -24.39
C LYS B 236 -56.07 24.33 -25.79
N ASP B 237 -55.44 25.33 -26.37
CA ASP B 237 -54.82 25.22 -27.69
C ASP B 237 -53.57 24.33 -27.72
N THR B 238 -52.50 24.69 -27.01
CA THR B 238 -51.29 23.89 -27.05
C THR B 238 -51.44 22.52 -26.42
N GLN B 239 -52.41 22.37 -25.56
CA GLN B 239 -52.64 21.09 -24.92
C GLN B 239 -51.60 20.71 -23.89
N VAL B 240 -50.69 21.63 -23.56
CA VAL B 240 -49.72 21.27 -22.55
C VAL B 240 -50.37 21.28 -21.15
N GLU B 241 -50.07 20.28 -20.34
CA GLU B 241 -50.63 20.21 -19.01
C GLU B 241 -49.97 21.24 -18.14
N MET B 242 -50.82 21.99 -17.42
CA MET B 242 -50.39 23.00 -16.47
C MET B 242 -51.22 22.77 -15.21
N ILE B 243 -50.74 23.25 -14.07
CA ILE B 243 -51.47 23.14 -12.79
C ILE B 243 -52.35 24.39 -12.54
N TYR B 244 -53.66 24.19 -12.57
CA TYR B 244 -54.62 25.26 -12.37
C TYR B 244 -55.89 24.80 -11.62
N PRO B 245 -56.35 25.58 -10.62
CA PRO B 245 -57.54 25.26 -9.82
C PRO B 245 -58.74 25.17 -10.74
N PRO B 246 -59.60 24.16 -10.53
CA PRO B 246 -60.80 23.95 -11.35
C PRO B 246 -61.67 25.17 -11.61
N HIS B 247 -61.67 26.13 -10.68
CA HIS B 247 -62.49 27.34 -10.85
C HIS B 247 -61.97 28.29 -11.95
N ILE B 248 -60.69 28.15 -12.33
CA ILE B 248 -60.08 28.98 -13.36
C ILE B 248 -60.91 28.70 -14.60
N PRO B 249 -61.34 29.76 -15.30
CA PRO B 249 -62.18 29.63 -16.49
C PRO B 249 -61.54 29.10 -17.73
N GLU B 250 -60.36 28.48 -17.60
CA GLU B 250 -59.67 28.01 -18.83
C GLU B 250 -59.51 29.38 -19.48
N ASN B 251 -59.30 29.52 -20.78
CA ASN B 251 -59.20 30.87 -21.37
C ASN B 251 -58.20 31.83 -20.68
N LEU B 252 -57.59 31.38 -19.60
CA LEU B 252 -56.65 32.16 -18.84
C LEU B 252 -55.68 31.19 -18.25
N GLN B 253 -55.86 29.91 -18.61
CA GLN B 253 -54.94 28.84 -18.20
C GLN B 253 -53.68 28.97 -19.14
N PHE B 254 -52.78 29.86 -18.79
CA PHE B 254 -51.61 30.09 -19.60
C PHE B 254 -50.67 28.88 -19.65
N ALA B 255 -50.14 28.55 -20.84
CA ALA B 255 -49.25 27.40 -21.03
C ALA B 255 -47.81 27.48 -20.47
N VAL B 256 -47.01 28.42 -20.94
CA VAL B 256 -45.63 28.62 -20.43
C VAL B 256 -44.50 27.55 -20.41
N GLY B 257 -44.69 26.40 -19.78
CA GLY B 257 -43.58 25.47 -19.81
C GLY B 257 -43.07 24.96 -18.49
N GLN B 258 -43.74 25.32 -17.41
CA GLN B 258 -43.38 24.85 -16.07
C GLN B 258 -44.74 24.82 -15.41
N GLU B 259 -45.36 23.64 -15.39
CA GLU B 259 -46.70 23.44 -14.84
C GLU B 259 -47.17 24.31 -13.66
N VAL B 260 -46.30 24.52 -12.69
CA VAL B 260 -46.67 25.30 -11.53
C VAL B 260 -46.76 26.83 -11.69
N PHE B 261 -46.07 27.39 -12.70
CA PHE B 261 -46.07 28.83 -12.91
C PHE B 261 -47.40 29.50 -13.14
N GLY B 262 -48.49 28.76 -13.00
CA GLY B 262 -49.81 29.35 -13.16
C GLY B 262 -50.48 29.64 -11.82
N LEU B 263 -49.70 29.70 -10.74
CA LEU B 263 -50.27 29.93 -9.43
C LEU B 263 -49.81 31.19 -8.70
N VAL B 264 -49.31 32.17 -9.46
CA VAL B 264 -48.80 33.43 -8.88
C VAL B 264 -48.46 34.33 -10.04
N PRO B 265 -49.24 35.40 -10.25
CA PRO B 265 -48.95 36.31 -11.35
C PRO B 265 -47.51 36.89 -11.40
N GLY B 266 -46.73 36.64 -10.36
CA GLY B 266 -45.35 37.09 -10.31
C GLY B 266 -44.47 36.20 -11.15
N LEU B 267 -44.86 34.93 -11.24
CA LEU B 267 -44.16 33.95 -12.08
C LEU B 267 -44.60 34.25 -13.47
N MET B 268 -45.87 34.09 -13.75
CA MET B 268 -46.37 34.37 -15.08
C MET B 268 -45.96 35.71 -15.68
N MET B 269 -45.59 36.68 -14.85
CA MET B 269 -45.20 37.99 -15.40
C MET B 269 -43.90 37.78 -16.13
N TYR B 270 -42.95 37.26 -15.38
CA TYR B 270 -41.65 36.97 -15.92
C TYR B 270 -41.76 35.93 -17.02
N ALA B 271 -42.58 34.91 -16.82
CA ALA B 271 -42.78 33.84 -17.81
C ALA B 271 -43.29 34.38 -19.12
N THR B 272 -43.85 35.59 -19.11
CA THR B 272 -44.32 36.22 -20.34
C THR B 272 -43.22 37.15 -20.85
N ILE B 273 -42.41 37.68 -19.94
CA ILE B 273 -41.32 38.57 -20.34
C ILE B 273 -40.28 37.75 -21.16
N TRP B 274 -39.96 36.54 -20.69
CA TRP B 274 -39.00 35.68 -21.38
C TRP B 274 -39.59 35.07 -22.64
N LEU B 275 -40.89 34.78 -22.64
CA LEU B 275 -41.52 34.24 -23.83
C LEU B 275 -41.31 35.30 -24.88
N ARG B 276 -41.61 36.53 -24.50
CA ARG B 276 -41.45 37.71 -25.36
C ARG B 276 -40.00 37.86 -25.83
N GLU B 277 -39.06 37.59 -24.93
CA GLU B 277 -37.64 37.71 -25.23
C GLU B 277 -37.17 36.65 -26.20
N HIS B 278 -37.86 35.51 -26.23
CA HIS B 278 -37.49 34.43 -27.16
C HIS B 278 -37.71 34.98 -28.57
N GLN B 279 -38.96 35.14 -28.96
CA GLN B 279 -39.29 35.66 -30.27
C GLN B 279 -38.43 36.81 -30.70
N ARG B 280 -38.03 37.63 -29.73
CA ARG B 280 -37.19 38.80 -30.01
C ARG B 280 -35.85 38.38 -30.61
N VAL B 281 -35.15 37.49 -29.91
CA VAL B 281 -33.87 36.99 -30.40
C VAL B 281 -34.10 36.25 -31.73
N CYS B 282 -35.25 35.63 -31.86
CA CYS B 282 -35.55 34.94 -33.10
C CYS B 282 -35.49 35.94 -34.22
N ASP B 283 -36.40 36.90 -34.21
CA ASP B 283 -36.41 37.93 -35.24
C ASP B 283 -35.07 38.59 -35.52
N ILE B 284 -34.18 38.57 -34.54
CA ILE B 284 -32.86 39.12 -34.73
C ILE B 284 -32.03 38.11 -35.53
N LEU B 285 -32.00 36.87 -35.08
CA LEU B 285 -31.26 35.81 -35.76
C LEU B 285 -31.83 35.67 -37.15
N LYS B 286 -33.13 35.51 -37.28
CA LYS B 286 -33.76 35.40 -38.57
C LYS B 286 -33.41 36.54 -39.51
N GLN B 287 -33.10 37.72 -38.99
CA GLN B 287 -32.76 38.80 -39.91
C GLN B 287 -31.38 38.43 -40.40
N GLU B 288 -30.45 38.39 -39.46
CA GLU B 288 -29.07 38.04 -39.74
C GLU B 288 -28.85 36.77 -40.56
N HIS B 289 -29.78 35.82 -40.47
CA HIS B 289 -29.68 34.56 -41.19
C HIS B 289 -30.94 34.28 -41.99
N PRO B 290 -31.07 34.93 -43.15
CA PRO B 290 -32.21 34.79 -44.06
C PRO B 290 -32.31 33.34 -44.47
N GLU B 291 -31.16 32.68 -44.40
CA GLU B 291 -31.02 31.29 -44.78
C GLU B 291 -31.17 30.24 -43.69
N TRP B 292 -31.55 30.61 -42.46
CA TRP B 292 -31.69 29.62 -41.40
C TRP B 292 -33.11 29.08 -41.41
N GLY B 293 -33.29 27.95 -40.73
CA GLY B 293 -34.62 27.36 -40.67
C GLY B 293 -35.15 27.39 -39.27
N ASP B 294 -36.45 27.09 -39.12
CA ASP B 294 -37.09 27.08 -37.80
C ASP B 294 -36.25 26.48 -36.69
N GLU B 295 -36.00 25.20 -36.76
CA GLU B 295 -35.23 24.52 -35.74
C GLU B 295 -33.88 25.09 -35.38
N GLN B 296 -33.24 25.76 -36.31
CA GLN B 296 -31.94 26.29 -35.98
C GLN B 296 -32.13 27.59 -35.24
N LEU B 297 -33.02 28.42 -35.78
CA LEU B 297 -33.37 29.68 -35.15
C LEU B 297 -33.68 29.34 -33.66
N PHE B 298 -34.63 28.44 -33.46
CA PHE B 298 -35.01 28.01 -32.13
C PHE B 298 -33.79 27.61 -31.27
N GLN B 299 -33.11 26.54 -31.67
CA GLN B 299 -31.97 26.06 -30.91
C GLN B 299 -30.93 27.08 -30.53
N THR B 300 -30.73 28.08 -31.40
CA THR B 300 -29.73 29.14 -31.15
C THR B 300 -30.28 30.14 -30.12
N SER B 301 -31.57 30.47 -30.22
CA SER B 301 -32.20 31.37 -29.26
C SER B 301 -32.08 30.75 -27.85
N LYS B 302 -32.61 29.55 -27.63
CA LYS B 302 -32.47 28.90 -26.32
C LYS B 302 -31.05 28.99 -25.76
N LEU B 303 -30.06 29.10 -26.63
CA LEU B 303 -28.68 29.19 -26.15
C LEU B 303 -28.37 30.61 -25.67
N ILE B 304 -28.72 31.58 -26.50
CA ILE B 304 -28.50 32.99 -26.17
C ILE B 304 -29.27 33.30 -24.86
N LEU B 305 -30.57 32.98 -24.81
CA LEU B 305 -31.35 33.19 -23.60
C LEU B 305 -30.68 32.57 -22.35
N ILE B 306 -30.02 31.43 -22.48
CA ILE B 306 -29.34 30.88 -21.33
C ILE B 306 -28.15 31.77 -21.08
N GLY B 307 -27.59 32.30 -22.15
CA GLY B 307 -26.43 33.17 -22.00
C GLY B 307 -26.80 34.42 -21.23
N GLU B 308 -27.96 34.99 -21.58
CA GLU B 308 -28.52 36.18 -20.92
C GLU B 308 -28.77 35.87 -19.45
N THR B 309 -29.56 34.83 -19.20
CA THR B 309 -29.88 34.38 -17.84
C THR B 309 -28.63 34.29 -16.95
N ILE B 310 -27.59 33.63 -17.41
CA ILE B 310 -26.41 33.56 -16.58
C ILE B 310 -25.79 34.97 -16.42
N LYS B 311 -25.93 35.80 -17.45
CA LYS B 311 -25.39 37.18 -17.46
C LYS B 311 -26.04 37.99 -16.36
N ILE B 312 -27.36 38.04 -16.44
CA ILE B 312 -28.18 38.74 -15.47
C ILE B 312 -28.04 38.15 -14.05
N VAL B 313 -28.13 36.83 -13.89
CA VAL B 313 -28.00 36.27 -12.56
C VAL B 313 -26.67 36.57 -11.85
N ILE B 314 -25.58 36.79 -12.57
CA ILE B 314 -24.33 37.07 -11.88
C ILE B 314 -24.09 38.58 -11.66
N GLU B 315 -24.40 39.36 -12.70
CA GLU B 315 -24.16 40.79 -12.63
C GLU B 315 -25.24 41.72 -12.01
N ASP B 316 -26.46 41.22 -11.88
CA ASP B 316 -27.54 41.97 -11.25
C ASP B 316 -27.97 41.28 -9.94
N TYR B 317 -28.73 40.19 -10.10
CA TYR B 317 -29.22 39.40 -9.01
C TYR B 317 -28.15 39.06 -7.95
N VAL B 318 -27.12 38.34 -8.27
CA VAL B 318 -26.14 38.06 -7.25
C VAL B 318 -25.41 39.32 -6.80
N GLN B 319 -25.08 40.17 -7.75
CA GLN B 319 -24.36 41.43 -7.48
C GLN B 319 -25.07 42.20 -6.39
N HIS B 320 -26.38 42.38 -6.56
CA HIS B 320 -27.24 43.07 -5.60
C HIS B 320 -27.26 42.32 -4.27
N LEU B 321 -27.81 41.13 -4.30
CA LEU B 321 -27.91 40.28 -3.16
C LEU B 321 -26.60 40.24 -2.39
N SER B 322 -25.48 40.58 -3.00
CA SER B 322 -24.19 40.55 -2.28
C SER B 322 -23.93 41.81 -1.48
N GLY B 323 -24.16 42.95 -2.15
CA GLY B 323 -23.90 44.26 -1.57
C GLY B 323 -22.40 44.36 -1.57
N TYR B 324 -21.79 44.34 -2.76
CA TYR B 324 -20.34 44.30 -2.80
C TYR B 324 -19.41 45.45 -3.10
N HIS B 325 -19.85 46.45 -3.86
CA HIS B 325 -18.94 47.58 -4.25
C HIS B 325 -18.04 47.16 -5.41
N PHE B 326 -17.52 45.94 -5.33
CA PHE B 326 -16.72 45.39 -6.41
C PHE B 326 -17.74 44.82 -7.39
N LYS B 327 -17.63 45.18 -8.66
CA LYS B 327 -18.57 44.65 -9.64
C LYS B 327 -18.19 43.25 -10.11
N LEU B 328 -19.08 42.31 -9.81
CA LEU B 328 -18.93 40.93 -10.23
C LEU B 328 -19.12 41.01 -11.74
N LYS B 329 -18.43 40.11 -12.43
CA LYS B 329 -18.46 40.06 -13.90
C LYS B 329 -18.70 38.65 -14.36
N PHE B 330 -19.40 38.48 -15.46
CA PHE B 330 -19.64 37.16 -16.01
C PHE B 330 -18.72 37.01 -17.21
N ASP B 331 -17.57 36.39 -16.98
CA ASP B 331 -16.63 36.18 -18.05
C ASP B 331 -16.05 34.77 -17.99
N PRO B 332 -16.68 33.80 -18.71
CA PRO B 332 -16.30 32.38 -18.79
C PRO B 332 -14.81 32.06 -18.87
N GLU B 333 -14.05 33.03 -19.34
CA GLU B 333 -12.63 32.86 -19.50
C GLU B 333 -11.79 32.86 -18.25
N LEU B 334 -12.25 33.53 -17.22
CA LEU B 334 -11.43 33.59 -16.02
C LEU B 334 -11.09 32.17 -15.57
N LEU B 335 -11.90 31.23 -16.01
CA LEU B 335 -11.68 29.83 -15.65
C LEU B 335 -10.92 29.02 -16.70
N PHE B 336 -10.89 29.51 -17.95
CA PHE B 336 -10.19 28.84 -19.06
C PHE B 336 -8.78 28.37 -18.71
N ASN B 337 -8.16 28.90 -17.66
CA ASN B 337 -6.84 28.42 -17.33
C ASN B 337 -6.82 27.91 -15.91
N GLN B 338 -7.91 27.25 -15.54
CA GLN B 338 -8.04 26.72 -14.19
C GLN B 338 -8.62 25.34 -14.32
N GLN B 339 -8.40 24.53 -13.29
CA GLN B 339 -9.00 23.21 -13.24
C GLN B 339 -10.46 23.52 -12.86
N PHE B 340 -11.42 23.07 -13.66
CA PHE B 340 -12.81 23.35 -13.35
C PHE B 340 -13.75 22.39 -14.09
N GLN B 341 -14.53 21.64 -13.33
CA GLN B 341 -15.45 20.68 -13.89
C GLN B 341 -16.71 21.35 -14.42
N TYR B 342 -16.96 21.22 -15.70
CA TYR B 342 -18.13 21.83 -16.27
C TYR B 342 -19.37 20.97 -16.15
N GLN B 343 -19.59 20.46 -14.95
CA GLN B 343 -20.75 19.63 -14.70
C GLN B 343 -21.35 20.13 -13.40
N ASN B 344 -22.62 19.78 -13.14
CA ASN B 344 -23.32 20.19 -11.92
C ASN B 344 -24.54 19.31 -11.56
N ARG B 345 -24.80 19.17 -10.26
CA ARG B 345 -25.91 18.35 -9.74
C ARG B 345 -26.52 19.14 -8.57
N ILE B 346 -27.79 19.54 -8.65
CA ILE B 346 -28.36 20.31 -7.55
C ILE B 346 -28.47 19.49 -6.27
N ALA B 347 -28.04 20.10 -5.17
CA ALA B 347 -28.04 19.49 -3.84
C ALA B 347 -29.32 19.81 -3.09
N SER B 348 -29.86 18.87 -2.29
CA SER B 348 -31.08 19.22 -1.56
C SER B 348 -30.80 20.42 -0.65
N GLU B 349 -29.60 20.45 -0.04
CA GLU B 349 -29.24 21.56 0.81
C GLU B 349 -29.46 22.89 0.10
N PHE B 350 -29.01 23.01 -1.14
CA PHE B 350 -29.21 24.26 -1.87
C PHE B 350 -30.71 24.50 -1.96
N ASN B 351 -31.47 23.46 -2.25
CA ASN B 351 -32.91 23.60 -2.37
C ASN B 351 -33.49 24.17 -1.09
N THR B 352 -32.99 23.66 0.04
CA THR B 352 -33.45 24.04 1.40
C THR B 352 -33.11 25.46 1.76
N LEU B 353 -31.82 25.81 1.78
CA LEU B 353 -31.43 27.17 2.13
C LEU B 353 -32.05 28.21 1.22
N TYR B 354 -32.66 27.78 0.13
CA TYR B 354 -33.27 28.73 -0.76
C TYR B 354 -34.73 28.90 -0.51
N HIS B 355 -35.20 28.42 0.63
CA HIS B 355 -36.60 28.61 0.93
C HIS B 355 -36.79 29.98 1.59
N TRP B 356 -36.66 31.02 0.75
CA TRP B 356 -36.74 32.42 1.10
C TRP B 356 -38.13 33.01 1.05
N HIS B 357 -39.06 32.36 1.76
CA HIS B 357 -40.45 32.80 1.86
C HIS B 357 -40.63 34.21 2.49
N PRO B 358 -39.69 34.62 3.41
CA PRO B 358 -39.64 35.93 4.08
C PRO B 358 -39.65 37.12 3.11
N LEU B 359 -39.24 36.90 1.87
CA LEU B 359 -39.25 37.98 0.90
C LEU B 359 -40.68 38.47 0.68
N LEU B 360 -41.62 37.55 0.83
CA LEU B 360 -43.01 37.88 0.63
C LEU B 360 -43.58 38.90 1.64
N PRO B 361 -44.40 39.82 1.16
CA PRO B 361 -44.99 40.80 2.06
C PRO B 361 -46.35 40.24 2.50
N ASP B 362 -47.32 41.12 2.71
CA ASP B 362 -48.63 40.68 3.15
C ASP B 362 -49.70 41.00 2.13
N THR B 363 -49.44 42.00 1.31
CA THR B 363 -50.34 42.35 0.22
C THR B 363 -49.44 42.53 -0.98
N PHE B 364 -49.99 42.28 -2.16
CA PHE B 364 -49.20 42.47 -3.36
C PHE B 364 -49.86 43.70 -3.92
N ASN B 365 -49.08 44.75 -3.97
CA ASN B 365 -49.62 46.01 -4.43
C ASN B 365 -49.22 46.34 -5.86
N ILE B 366 -50.15 46.10 -6.77
CA ILE B 366 -49.92 46.39 -8.16
C ILE B 366 -50.62 47.71 -8.37
N GLU B 367 -49.80 48.77 -8.39
CA GLU B 367 -50.17 50.19 -8.55
C GLU B 367 -51.66 50.51 -8.53
N ASP B 368 -52.15 50.75 -7.32
CA ASP B 368 -53.56 51.10 -6.99
C ASP B 368 -54.30 50.19 -5.99
N GLN B 369 -54.10 48.87 -6.09
CA GLN B 369 -54.74 47.96 -5.15
C GLN B 369 -53.67 47.18 -4.41
N GLU B 370 -54.09 46.53 -3.33
CA GLU B 370 -53.22 45.71 -2.52
C GLU B 370 -54.02 44.43 -2.51
N TYR B 371 -53.39 43.30 -2.83
CA TYR B 371 -54.14 42.06 -2.85
C TYR B 371 -53.54 41.14 -1.80
N SER B 372 -54.40 40.28 -1.26
CA SER B 372 -53.98 39.29 -0.27
C SER B 372 -53.46 38.05 -1.03
N PHE B 373 -52.89 37.10 -0.30
CA PHE B 373 -52.43 35.89 -0.94
C PHE B 373 -53.66 35.29 -1.58
N LYS B 374 -54.72 35.25 -0.80
CA LYS B 374 -56.00 34.72 -1.24
C LYS B 374 -56.57 35.39 -2.50
N GLN B 375 -55.98 36.51 -2.90
CA GLN B 375 -56.45 37.19 -4.08
C GLN B 375 -55.43 37.14 -5.21
N PHE B 376 -54.18 36.95 -4.82
CA PHE B 376 -53.10 36.86 -5.80
C PHE B 376 -53.01 35.42 -6.39
N LEU B 377 -52.80 34.42 -5.51
CA LEU B 377 -52.67 33.02 -5.90
C LEU B 377 -53.67 32.60 -6.96
N TYR B 378 -53.14 31.95 -7.99
CA TYR B 378 -53.94 31.48 -9.12
C TYR B 378 -54.95 32.51 -9.68
N ASN B 379 -54.48 33.72 -9.92
CA ASN B 379 -55.34 34.76 -10.47
C ASN B 379 -54.66 35.60 -11.57
N ASN B 380 -54.80 35.13 -12.80
CA ASN B 380 -54.19 35.80 -13.95
C ASN B 380 -54.81 37.18 -14.21
N SER B 381 -56.13 37.24 -14.07
CA SER B 381 -56.92 38.42 -14.35
C SER B 381 -56.20 39.65 -13.88
N ILE B 382 -55.61 39.54 -12.69
CA ILE B 382 -54.84 40.64 -12.11
C ILE B 382 -53.83 41.12 -13.17
N LEU B 383 -52.95 40.22 -13.61
CA LEU B 383 -51.94 40.52 -14.62
C LEU B 383 -52.56 41.04 -15.90
N LEU B 384 -53.61 40.39 -16.38
CA LEU B 384 -54.30 40.82 -17.59
C LEU B 384 -55.02 42.12 -17.38
N GLU B 385 -55.43 42.38 -16.14
CA GLU B 385 -56.17 43.60 -15.85
C GLU B 385 -55.21 44.76 -15.59
N HIS B 386 -54.00 44.46 -15.17
CA HIS B 386 -53.05 45.49 -14.89
C HIS B 386 -51.95 45.74 -15.92
N GLY B 387 -51.73 44.78 -16.81
CA GLY B 387 -50.67 44.96 -17.79
C GLY B 387 -49.30 44.75 -17.16
N LEU B 388 -48.30 44.48 -17.99
CA LEU B 388 -46.97 44.24 -17.45
C LEU B 388 -46.18 45.50 -17.11
N THR B 389 -46.50 46.61 -17.76
CA THR B 389 -45.76 47.86 -17.50
C THR B 389 -46.11 48.28 -16.09
N GLN B 390 -47.42 48.43 -15.86
CA GLN B 390 -47.94 48.79 -14.53
C GLN B 390 -48.00 47.51 -13.71
N PHE B 391 -46.87 46.81 -13.64
CA PHE B 391 -46.76 45.56 -12.92
C PHE B 391 -45.30 45.53 -12.63
N VAL B 392 -44.54 46.05 -13.59
CA VAL B 392 -43.09 46.13 -13.44
C VAL B 392 -42.86 47.39 -12.61
N GLU B 393 -43.66 48.41 -12.90
CA GLU B 393 -43.57 49.68 -12.18
C GLU B 393 -43.87 49.47 -10.70
N SER B 394 -45.01 48.83 -10.47
CA SER B 394 -45.47 48.54 -9.13
C SER B 394 -44.51 47.66 -8.33
N PHE B 395 -43.90 46.67 -8.97
CA PHE B 395 -42.97 45.79 -8.25
C PHE B 395 -41.59 46.42 -8.03
N THR B 396 -41.17 47.30 -8.92
CA THR B 396 -39.86 47.95 -8.79
C THR B 396 -39.82 48.73 -7.49
N ARG B 397 -41.00 49.22 -7.10
CA ARG B 397 -41.23 49.98 -5.89
C ARG B 397 -42.13 49.15 -4.96
N GLN B 398 -41.52 48.35 -4.10
CA GLN B 398 -42.28 47.56 -3.11
C GLN B 398 -41.35 46.63 -2.37
N ILE B 399 -40.59 47.18 -1.43
CA ILE B 399 -39.66 46.40 -0.64
C ILE B 399 -40.19 45.02 -0.23
N ALA B 400 -39.28 44.06 -0.11
CA ALA B 400 -39.61 42.71 0.27
C ALA B 400 -38.93 42.49 1.60
N GLY B 401 -39.42 41.48 2.33
CA GLY B 401 -38.90 41.16 3.64
C GLY B 401 -37.48 40.67 3.77
N ARG B 402 -36.88 40.95 4.91
CA ARG B 402 -35.55 40.49 5.25
C ARG B 402 -35.75 38.97 5.39
N VAL B 403 -34.76 38.18 5.03
CA VAL B 403 -34.94 36.72 5.13
C VAL B 403 -34.35 36.24 6.45
N ALA B 404 -33.09 36.55 6.68
CA ALA B 404 -32.42 36.16 7.90
C ALA B 404 -32.87 37.13 8.98
N GLY B 405 -32.40 36.93 10.20
CA GLY B 405 -32.80 37.84 11.27
C GLY B 405 -33.80 37.33 12.30
N GLY B 406 -35.01 37.01 11.86
CA GLY B 406 -35.98 36.47 12.80
C GLY B 406 -37.43 36.60 12.39
N ARG B 407 -38.26 35.81 13.05
CA ARG B 407 -39.69 35.82 12.87
C ARG B 407 -40.29 36.60 11.69
N ASN B 408 -39.94 36.26 10.46
CA ASN B 408 -40.55 37.00 9.36
C ASN B 408 -41.27 36.12 8.29
N VAL B 409 -41.67 34.90 8.70
CA VAL B 409 -42.36 33.99 7.80
C VAL B 409 -43.88 34.23 7.73
N PRO B 410 -44.38 34.60 6.56
CA PRO B 410 -45.82 34.85 6.41
C PRO B 410 -46.70 33.70 6.86
N ILE B 411 -47.59 33.95 7.80
CA ILE B 411 -48.52 32.95 8.32
C ILE B 411 -49.25 32.17 7.23
N ALA B 412 -49.22 32.67 6.00
CA ALA B 412 -49.88 31.95 4.89
C ALA B 412 -48.94 30.77 4.49
N VAL B 413 -47.76 31.16 4.09
CA VAL B 413 -46.70 30.25 3.68
C VAL B 413 -46.15 29.64 4.97
N GLN B 414 -47.00 29.45 5.98
CA GLN B 414 -46.54 28.90 7.24
C GLN B 414 -46.53 27.42 7.10
N ALA B 415 -47.54 26.92 6.38
CA ALA B 415 -47.69 25.49 6.13
C ALA B 415 -46.38 24.98 5.56
N VAL B 416 -45.80 25.83 4.70
CA VAL B 416 -44.55 25.58 4.02
C VAL B 416 -43.36 25.43 4.97
N ALA B 417 -42.92 26.50 5.59
CA ALA B 417 -41.79 26.39 6.51
C ALA B 417 -41.88 25.23 7.53
N LYS B 418 -43.12 24.85 7.87
CA LYS B 418 -43.40 23.76 8.80
C LYS B 418 -42.86 22.55 8.08
N ALA B 419 -43.40 22.36 6.88
CA ALA B 419 -42.99 21.27 6.02
C ALA B 419 -41.46 21.31 5.90
N SER B 420 -40.88 22.43 5.47
CA SER B 420 -39.44 22.53 5.35
C SER B 420 -38.73 21.98 6.57
N ILE B 421 -39.30 22.21 7.73
CA ILE B 421 -38.68 21.70 8.95
C ILE B 421 -38.81 20.19 8.99
N ASP B 422 -40.02 19.71 8.71
CA ASP B 422 -40.32 18.28 8.69
C ASP B 422 -39.58 17.42 7.66
N GLN B 423 -39.39 17.97 6.46
CA GLN B 423 -38.71 17.26 5.41
C GLN B 423 -37.26 17.11 5.71
N SER B 424 -36.53 18.18 5.90
CA SER B 424 -35.11 18.04 6.25
C SER B 424 -34.95 17.02 7.38
N ARG B 425 -36.01 16.88 8.18
CA ARG B 425 -36.06 15.94 9.29
C ARG B 425 -36.02 14.54 8.72
N GLU B 426 -36.97 14.29 7.80
CA GLU B 426 -37.08 12.98 7.17
C GLU B 426 -35.91 12.66 6.26
N MET B 427 -35.33 13.68 5.65
CA MET B 427 -34.18 13.46 4.78
C MET B 427 -32.95 13.27 5.64
N LYS B 428 -33.16 12.94 6.90
CA LYS B 428 -32.10 12.72 7.86
C LYS B 428 -30.88 13.63 7.81
N TYR B 429 -31.15 14.94 7.69
CA TYR B 429 -30.11 16.02 7.64
C TYR B 429 -29.17 16.06 8.85
N GLN B 430 -28.17 16.93 8.82
CA GLN B 430 -27.24 16.98 9.95
C GLN B 430 -27.24 18.31 10.70
N SER B 431 -26.47 18.34 11.78
CA SER B 431 -26.36 19.52 12.63
C SER B 431 -25.94 20.78 11.84
N LEU B 432 -26.47 21.95 12.24
CA LEU B 432 -26.12 23.21 11.60
C LEU B 432 -24.63 23.41 11.82
N ASN B 433 -24.11 22.98 12.96
CA ASN B 433 -22.70 23.14 13.21
C ASN B 433 -21.87 22.34 12.21
N GLU B 434 -22.31 21.12 11.96
CA GLU B 434 -21.64 20.24 11.01
C GLU B 434 -21.53 20.96 9.68
N TYR B 435 -22.64 21.47 9.17
CA TYR B 435 -22.59 22.17 7.93
C TYR B 435 -21.70 23.39 8.00
N ARG B 436 -21.55 23.96 9.18
CA ARG B 436 -20.73 25.15 9.24
C ARG B 436 -19.31 24.73 9.07
N LYS B 437 -18.95 23.66 9.77
CA LYS B 437 -17.59 23.11 9.71
C LYS B 437 -17.27 22.68 8.27
N ARG B 438 -18.27 22.08 7.63
CA ARG B 438 -18.16 21.61 6.26
C ARG B 438 -17.79 22.77 5.35
N PHE B 439 -18.44 23.91 5.51
CA PHE B 439 -18.07 25.04 4.66
C PHE B 439 -16.98 25.94 5.26
N SER B 440 -16.12 25.33 6.07
CA SER B 440 -14.99 26.00 6.70
C SER B 440 -15.43 27.20 7.58
N LEU B 441 -16.52 27.04 8.31
CA LEU B 441 -16.99 28.11 9.17
C LEU B 441 -16.86 27.62 10.61
N LYS B 442 -16.63 28.52 11.55
CA LYS B 442 -16.53 28.12 12.94
C LYS B 442 -17.92 27.95 13.51
N PRO B 443 -18.16 26.81 14.18
CA PRO B 443 -19.47 26.54 14.77
C PRO B 443 -19.92 27.47 15.92
N TYR B 444 -21.22 27.76 15.96
CA TYR B 444 -21.82 28.60 16.99
C TYR B 444 -21.69 27.94 18.34
N THR B 445 -21.15 28.70 19.29
CA THR B 445 -20.98 28.23 20.66
C THR B 445 -22.27 28.31 21.56
N SER B 446 -23.30 29.03 21.10
CA SER B 446 -24.51 29.19 21.87
C SER B 446 -25.64 29.66 20.97
N PHE B 447 -26.87 29.30 21.30
CA PHE B 447 -27.98 29.71 20.47
C PHE B 447 -27.99 31.19 20.43
N GLU B 448 -27.42 31.74 21.46
CA GLU B 448 -27.34 33.17 21.60
C GLU B 448 -26.33 33.71 20.58
N GLU B 449 -25.23 32.98 20.37
CA GLU B 449 -24.21 33.36 19.37
C GLU B 449 -24.83 33.38 17.97
N LEU B 450 -25.67 32.40 17.70
CA LEU B 450 -26.35 32.26 16.42
C LEU B 450 -27.29 33.43 16.12
N THR B 451 -28.09 33.81 17.11
CA THR B 451 -29.08 34.88 16.94
C THR B 451 -28.56 36.32 17.05
N GLY B 452 -27.60 36.52 17.94
CA GLY B 452 -27.06 37.87 18.14
C GLY B 452 -27.93 38.62 19.12
N GLU B 453 -29.18 38.19 19.25
CA GLU B 453 -30.13 38.78 20.17
C GLU B 453 -30.26 37.79 21.33
N LYS B 454 -31.29 37.92 22.16
CA LYS B 454 -31.42 37.00 23.28
C LYS B 454 -32.78 36.37 23.60
N GLU B 455 -33.86 36.99 23.14
CA GLU B 455 -35.18 36.44 23.39
C GLU B 455 -35.29 35.11 22.66
N MET B 456 -35.15 35.14 21.34
CA MET B 456 -35.22 33.93 20.51
C MET B 456 -34.14 32.93 20.95
N ALA B 457 -32.91 33.41 21.07
CA ALA B 457 -31.77 32.59 21.45
C ALA B 457 -32.16 31.72 22.63
N ALA B 458 -32.51 32.36 23.72
CA ALA B 458 -32.92 31.62 24.91
C ALA B 458 -34.20 30.82 24.66
N GLU B 459 -35.03 31.34 23.76
CA GLU B 459 -36.28 30.68 23.40
C GLU B 459 -35.95 29.37 22.66
N LEU B 460 -34.91 29.40 21.81
CA LEU B 460 -34.47 28.21 21.05
C LEU B 460 -33.84 27.26 22.07
N LYS B 461 -32.89 27.78 22.84
CA LYS B 461 -32.16 27.01 23.84
C LYS B 461 -33.15 26.19 24.64
N ALA B 462 -34.36 26.69 24.73
CA ALA B 462 -35.42 26.02 25.47
C ALA B 462 -35.67 24.66 24.90
N LEU B 463 -35.78 24.61 23.58
CA LEU B 463 -36.05 23.35 22.88
C LEU B 463 -34.81 22.56 22.43
N TYR B 464 -33.88 23.19 21.73
CA TYR B 464 -32.70 22.47 21.27
C TYR B 464 -31.65 22.12 22.33
N SER B 465 -31.58 22.88 23.41
CA SER B 465 -30.63 22.61 24.47
C SER B 465 -29.16 22.72 24.09
N ASP B 466 -28.72 21.91 23.12
CA ASP B 466 -27.35 22.01 22.71
C ASP B 466 -27.37 22.65 21.37
N ILE B 467 -26.40 23.54 21.16
CA ILE B 467 -26.27 24.26 19.91
C ILE B 467 -25.89 23.18 18.86
N ASP B 468 -25.10 22.22 19.33
CA ASP B 468 -24.67 21.14 18.50
C ASP B 468 -25.83 20.18 18.29
N VAL B 469 -27.05 20.70 18.16
CA VAL B 469 -28.21 19.87 17.90
C VAL B 469 -29.23 20.77 17.23
N MET B 470 -28.83 22.01 16.98
CA MET B 470 -29.70 22.96 16.34
C MET B 470 -29.71 22.60 14.85
N GLU B 471 -30.89 22.62 14.23
CA GLU B 471 -31.08 22.31 12.83
C GLU B 471 -30.53 23.35 11.78
N LEU B 472 -30.57 23.05 10.47
CA LEU B 472 -30.10 23.99 9.45
C LEU B 472 -31.16 25.00 8.99
N TYR B 473 -32.31 24.55 8.48
CA TYR B 473 -33.36 25.47 8.02
C TYR B 473 -33.72 26.58 9.01
N PRO B 474 -34.15 26.23 10.27
CA PRO B 474 -34.51 27.26 11.23
C PRO B 474 -33.40 28.29 11.40
N ALA B 475 -32.30 27.86 11.98
CA ALA B 475 -31.16 28.75 12.23
C ALA B 475 -30.75 29.63 11.03
N LEU B 476 -31.18 29.26 9.83
CA LEU B 476 -30.83 30.05 8.67
C LEU B 476 -31.63 31.33 8.70
N LEU B 477 -32.88 31.21 9.14
CA LEU B 477 -33.79 32.33 9.26
C LEU B 477 -33.59 33.09 10.62
N VAL B 478 -33.50 32.32 11.71
CA VAL B 478 -33.29 32.79 13.07
C VAL B 478 -31.81 33.12 13.22
N GLU B 479 -31.27 33.94 12.35
CA GLU B 479 -29.86 34.20 12.46
C GLU B 479 -29.53 35.64 12.31
N LYS B 480 -28.34 35.99 12.80
CA LYS B 480 -27.85 37.36 12.81
C LYS B 480 -27.42 37.96 11.50
N PRO B 481 -28.27 38.78 10.89
CA PRO B 481 -27.91 39.41 9.62
C PRO B 481 -26.61 40.19 9.75
N ARG B 482 -25.74 40.03 8.78
CA ARG B 482 -24.48 40.74 8.78
C ARG B 482 -25.01 42.14 8.49
N PRO B 483 -24.36 43.20 9.06
CA PRO B 483 -24.79 44.58 8.86
C PRO B 483 -26.19 44.85 8.33
N ASP B 484 -26.37 45.79 7.43
CA ASP B 484 -27.75 46.00 7.01
C ASP B 484 -28.09 45.12 5.82
N ALA B 485 -27.89 43.82 6.01
CA ALA B 485 -28.10 42.84 4.98
C ALA B 485 -29.21 41.87 5.27
N ILE B 486 -29.62 41.16 4.21
CA ILE B 486 -30.72 40.21 4.24
C ILE B 486 -30.43 38.81 4.75
N PHE B 487 -29.17 38.39 4.69
CA PHE B 487 -28.79 37.06 5.17
C PHE B 487 -27.64 37.13 6.15
N GLY B 488 -27.42 36.00 6.83
CA GLY B 488 -26.32 35.90 7.76
C GLY B 488 -25.24 35.06 7.11
N GLU B 489 -24.04 35.06 7.68
CA GLU B 489 -22.91 34.31 7.15
C GLU B 489 -23.22 32.91 6.66
N THR B 490 -23.81 32.09 7.54
CA THR B 490 -24.18 30.71 7.17
C THR B 490 -24.90 30.59 5.83
N MET B 491 -25.93 31.40 5.58
CA MET B 491 -26.64 31.37 4.31
C MET B 491 -25.76 31.87 3.18
N VAL B 492 -24.87 32.82 3.45
CA VAL B 492 -24.04 33.29 2.37
C VAL B 492 -22.90 32.34 2.02
N GLU B 493 -22.38 31.63 3.03
CA GLU B 493 -21.29 30.70 2.80
C GLU B 493 -21.64 29.32 2.19
N LEU B 494 -22.85 28.84 2.47
CA LEU B 494 -23.29 27.57 1.92
C LEU B 494 -23.84 27.74 0.51
N GLY B 495 -24.51 28.86 0.27
CA GLY B 495 -25.08 29.09 -1.03
C GLY B 495 -24.15 29.54 -2.15
N ALA B 496 -23.20 30.42 -1.89
CA ALA B 496 -22.30 30.91 -2.94
C ALA B 496 -21.52 29.81 -3.66
N PRO B 497 -21.02 28.81 -2.92
CA PRO B 497 -20.30 27.76 -3.65
C PRO B 497 -21.34 27.07 -4.54
N PHE B 498 -22.46 26.66 -3.94
CA PHE B 498 -23.53 26.01 -4.68
C PHE B 498 -23.96 26.83 -5.90
N SER B 499 -23.99 28.14 -5.80
CA SER B 499 -24.48 28.97 -6.90
C SER B 499 -23.56 29.20 -8.09
N LEU B 500 -22.26 29.37 -7.82
CA LEU B 500 -21.33 29.63 -8.91
C LEU B 500 -20.91 28.40 -9.73
N LYS B 501 -21.24 27.21 -9.23
CA LYS B 501 -20.96 25.97 -9.92
C LYS B 501 -22.06 25.84 -10.94
N GLY B 502 -23.28 25.63 -10.51
CA GLY B 502 -24.34 25.50 -11.49
C GLY B 502 -24.48 26.66 -12.45
N LEU B 503 -23.72 27.71 -12.20
CA LEU B 503 -23.78 28.89 -13.07
C LEU B 503 -22.60 28.87 -14.05
N MET B 504 -21.40 28.71 -13.49
CA MET B 504 -20.19 28.64 -14.27
C MET B 504 -20.01 27.29 -14.98
N GLY B 505 -20.24 26.19 -14.25
CA GLY B 505 -20.14 24.84 -14.79
C GLY B 505 -21.32 24.48 -15.70
N ASN B 506 -21.49 25.22 -16.79
CA ASN B 506 -22.57 24.99 -17.75
C ASN B 506 -21.88 24.80 -19.11
N PRO B 507 -22.35 23.85 -19.97
CA PRO B 507 -21.73 23.65 -21.27
C PRO B 507 -21.48 24.93 -22.08
N ILE B 508 -22.46 25.84 -22.16
CA ILE B 508 -22.22 27.05 -22.94
C ILE B 508 -21.08 27.88 -22.37
N CYS B 509 -20.62 27.55 -21.17
CA CYS B 509 -19.52 28.27 -20.53
C CYS B 509 -18.21 27.59 -20.82
N SER B 510 -18.28 26.39 -21.39
CA SER B 510 -17.08 25.63 -21.73
C SER B 510 -16.43 26.14 -23.02
N PRO B 511 -15.09 26.20 -23.03
CA PRO B 511 -14.32 26.65 -24.17
C PRO B 511 -14.82 26.26 -25.54
N GLN B 512 -15.32 25.03 -25.68
CA GLN B 512 -15.80 24.60 -27.00
C GLN B 512 -17.08 25.31 -27.40
N TYR B 513 -17.83 25.77 -26.41
CA TYR B 513 -19.10 26.48 -26.65
C TYR B 513 -18.92 28.00 -26.65
N TRP B 514 -18.03 28.52 -25.79
CA TRP B 514 -17.85 29.97 -25.68
C TRP B 514 -17.24 30.71 -26.88
N LYS B 515 -18.03 30.90 -27.94
CA LYS B 515 -17.56 31.63 -29.09
C LYS B 515 -18.71 31.94 -30.01
N PRO B 516 -18.65 33.08 -30.67
CA PRO B 516 -19.64 33.62 -31.61
C PRO B 516 -20.49 32.64 -32.37
N SER B 517 -19.85 31.67 -32.99
CA SER B 517 -20.58 30.71 -33.78
C SER B 517 -21.67 29.99 -33.02
N THR B 518 -21.37 29.58 -31.79
CA THR B 518 -22.33 28.86 -30.97
C THR B 518 -23.64 29.60 -30.90
N PHE B 519 -23.57 30.93 -30.86
CA PHE B 519 -24.77 31.77 -30.72
C PHE B 519 -25.38 32.39 -31.97
N GLY B 520 -24.89 32.02 -33.14
CA GLY B 520 -25.44 32.57 -34.35
C GLY B 520 -24.68 33.71 -34.96
N GLY B 521 -23.55 34.11 -34.39
CA GLY B 521 -22.79 35.19 -34.94
C GLY B 521 -22.05 36.00 -33.90
N GLU B 522 -21.77 37.27 -34.20
CA GLU B 522 -21.10 38.16 -33.23
C GLU B 522 -22.24 38.96 -32.60
N VAL B 523 -23.36 39.01 -33.32
CA VAL B 523 -24.57 39.68 -32.86
C VAL B 523 -25.03 38.89 -31.66
N GLY B 524 -25.68 37.76 -31.89
CA GLY B 524 -26.14 36.93 -30.81
C GLY B 524 -25.12 36.75 -29.70
N PHE B 525 -23.84 36.92 -29.97
CA PHE B 525 -22.86 36.75 -28.91
C PHE B 525 -22.96 37.93 -27.99
N LYS B 526 -23.10 39.13 -28.53
CA LYS B 526 -23.21 40.33 -27.68
C LYS B 526 -24.52 40.42 -26.97
N ILE B 527 -25.57 39.82 -27.53
CA ILE B 527 -26.87 39.77 -26.88
C ILE B 527 -26.58 39.17 -25.49
N ILE B 528 -25.85 38.08 -25.44
CA ILE B 528 -25.49 37.53 -24.16
C ILE B 528 -24.62 38.54 -23.45
N ASN B 529 -23.60 39.02 -24.12
CA ASN B 529 -22.66 39.96 -23.52
C ASN B 529 -23.13 41.34 -23.01
N THR B 530 -24.36 41.70 -23.29
CA THR B 530 -24.87 42.97 -22.83
C THR B 530 -26.19 42.84 -22.06
N ALA B 531 -26.58 41.60 -21.73
CA ALA B 531 -27.82 41.35 -21.01
C ALA B 531 -27.87 42.07 -19.66
N SER B 532 -29.06 42.52 -19.29
CA SER B 532 -29.32 43.21 -18.01
C SER B 532 -30.79 43.11 -17.67
N ILE B 533 -31.12 43.21 -16.39
CA ILE B 533 -32.53 43.14 -15.96
C ILE B 533 -33.30 44.38 -16.46
N GLN B 534 -32.56 45.47 -16.71
CA GLN B 534 -33.15 46.67 -17.23
C GLN B 534 -33.49 46.49 -18.72
N SER B 535 -32.57 45.85 -19.45
CA SER B 535 -32.80 45.59 -20.85
C SER B 535 -33.85 44.50 -21.08
N LEU B 536 -33.88 43.50 -20.21
CA LEU B 536 -34.87 42.45 -20.41
C LEU B 536 -36.26 43.09 -20.46
N ILE B 537 -36.51 43.96 -19.50
CA ILE B 537 -37.78 44.65 -19.40
C ILE B 537 -37.98 45.73 -20.45
N CYS B 538 -36.89 46.44 -20.72
CA CYS B 538 -36.89 47.50 -21.72
C CYS B 538 -37.41 47.02 -23.07
N ASN B 539 -36.74 46.00 -23.59
CA ASN B 539 -37.06 45.41 -24.89
C ASN B 539 -38.38 44.67 -24.90
N ASN B 540 -38.79 44.13 -23.75
CA ASN B 540 -40.02 43.37 -23.72
C ASN B 540 -41.22 43.95 -23.07
N VAL B 541 -41.03 44.99 -22.28
CA VAL B 541 -42.16 45.60 -21.61
C VAL B 541 -42.59 46.91 -22.26
N LYS B 542 -43.90 47.06 -22.42
CA LYS B 542 -44.53 48.22 -23.08
C LYS B 542 -43.87 49.60 -23.18
N GLY B 543 -43.14 50.10 -22.19
CA GLY B 543 -42.54 51.41 -22.37
C GLY B 543 -41.25 51.57 -21.64
N CYS B 544 -40.29 50.69 -21.90
CA CYS B 544 -39.01 50.71 -21.21
C CYS B 544 -39.04 51.17 -19.75
N PRO B 545 -39.93 50.55 -18.96
CA PRO B 545 -40.07 50.88 -17.54
C PRO B 545 -38.74 50.70 -16.86
N PHE B 546 -38.35 51.64 -16.02
CA PHE B 546 -37.10 51.50 -15.31
C PHE B 546 -37.31 50.36 -14.31
N THR B 547 -36.27 49.61 -14.01
CA THR B 547 -36.42 48.52 -13.08
C THR B 547 -35.12 48.29 -12.39
N SER B 548 -35.17 47.38 -11.45
CA SER B 548 -34.01 47.00 -10.69
C SER B 548 -34.48 46.08 -9.62
N PHE B 549 -33.52 45.43 -8.97
CA PHE B 549 -33.81 44.50 -7.89
C PHE B 549 -33.78 45.27 -6.56
N ASN B 550 -33.85 46.60 -6.68
CA ASN B 550 -33.89 47.48 -5.53
C ASN B 550 -34.99 48.53 -5.54
N VAL B 551 -35.74 48.55 -4.46
CA VAL B 551 -36.80 49.54 -4.29
C VAL B 551 -35.98 50.79 -4.02
N GLN B 552 -35.67 51.44 -5.15
CA GLN B 552 -34.87 52.66 -5.24
C GLN B 552 -34.31 53.22 -3.93
N ALA C 1 -12.44 -13.30 21.29
CA ALA C 1 -13.34 -14.48 21.11
C ALA C 1 -12.48 -15.72 21.30
N ASN C 2 -11.21 -15.59 20.93
CA ASN C 2 -10.23 -16.65 21.07
C ASN C 2 -10.23 -17.14 22.52
N PRO C 3 -10.50 -18.43 22.73
CA PRO C 3 -10.54 -19.05 24.05
C PRO C 3 -9.33 -18.73 24.89
N CYS C 4 -8.20 -18.53 24.23
CA CYS C 4 -7.00 -18.19 24.97
C CYS C 4 -7.04 -16.78 25.57
N CYS C 5 -7.95 -15.95 25.05
CA CYS C 5 -8.15 -14.58 25.52
C CYS C 5 -8.00 -14.40 27.03
N SER C 6 -8.60 -15.30 27.82
CA SER C 6 -8.54 -15.21 29.27
C SER C 6 -7.23 -15.68 29.89
N ASN C 7 -6.18 -15.84 29.07
CA ASN C 7 -4.87 -16.26 29.58
C ASN C 7 -4.95 -17.46 30.55
N PRO C 8 -5.80 -18.44 30.24
CA PRO C 8 -5.98 -19.62 31.09
C PRO C 8 -4.73 -20.35 31.56
N CYS C 9 -3.78 -20.49 30.64
CA CYS C 9 -2.60 -21.28 30.94
C CYS C 9 -1.62 -20.72 31.97
N GLN C 10 -1.80 -21.20 33.20
CA GLN C 10 -0.95 -20.79 34.29
C GLN C 10 0.45 -21.43 34.22
N ASN C 11 1.29 -21.08 35.16
CA ASN C 11 2.63 -21.61 35.27
C ASN C 11 3.59 -21.62 34.07
N ARG C 12 3.44 -20.64 33.18
CA ARG C 12 4.33 -20.56 32.02
C ARG C 12 4.04 -21.59 30.92
N GLY C 13 2.85 -22.21 30.97
CA GLY C 13 2.45 -23.16 29.96
C GLY C 13 1.98 -22.35 28.77
N GLU C 14 1.69 -22.98 27.63
CA GLU C 14 1.26 -22.25 26.43
C GLU C 14 -0.17 -22.52 25.98
N CYS C 15 -0.97 -21.47 25.87
CA CYS C 15 -2.35 -21.65 25.48
C CYS C 15 -2.49 -21.73 23.99
N MET C 16 -3.26 -22.70 23.51
CA MET C 16 -3.48 -22.85 22.09
C MET C 16 -4.96 -23.08 21.87
N SER C 17 -5.52 -22.30 20.96
CA SER C 17 -6.94 -22.43 20.62
C SER C 17 -7.17 -23.79 19.97
N THR C 18 -8.29 -24.42 20.25
CA THR C 18 -8.54 -25.72 19.63
C THR C 18 -9.96 -25.89 19.14
N GLY C 19 -10.51 -24.85 18.54
CA GLY C 19 -11.87 -24.96 18.00
C GLY C 19 -12.86 -23.88 18.42
N PHE C 20 -12.48 -22.63 18.27
CA PHE C 20 -13.37 -21.50 18.59
C PHE C 20 -13.64 -21.19 20.08
N ASP C 21 -14.18 -22.16 20.80
CA ASP C 21 -14.48 -21.99 22.22
C ASP C 21 -13.55 -22.70 23.15
N GLN C 22 -12.94 -23.78 22.69
CA GLN C 22 -12.05 -24.53 23.56
C GLN C 22 -10.62 -24.10 23.29
N TYR C 23 -9.75 -24.26 24.28
CA TYR C 23 -8.32 -23.92 24.21
C TYR C 23 -7.54 -25.11 24.81
N LYS C 24 -6.21 -25.08 24.79
CA LYS C 24 -5.38 -26.18 25.27
C LYS C 24 -4.04 -25.63 25.83
N CYS C 25 -3.51 -26.18 26.91
CA CYS C 25 -2.25 -25.69 27.51
C CYS C 25 -0.98 -26.53 27.37
N ASP C 26 0.08 -25.95 26.82
CA ASP C 26 1.32 -26.70 26.69
C ASP C 26 2.12 -26.65 27.96
N CYS C 27 1.78 -27.52 28.91
CA CYS C 27 2.47 -27.53 30.19
C CYS C 27 3.87 -28.15 30.13
N THR C 28 4.41 -28.17 28.93
CA THR C 28 5.71 -28.76 28.70
C THR C 28 6.87 -28.17 29.47
N ARG C 29 7.59 -29.02 30.18
CA ARG C 29 8.74 -28.62 30.97
C ARG C 29 8.47 -27.51 32.00
N THR C 30 7.20 -27.28 32.35
CA THR C 30 6.85 -26.25 33.32
C THR C 30 7.11 -26.75 34.74
N GLY C 31 6.74 -28.00 34.97
CA GLY C 31 6.89 -28.57 36.30
C GLY C 31 5.51 -28.58 36.90
N PHE C 32 4.50 -28.47 36.04
CA PHE C 32 3.09 -28.46 36.43
C PHE C 32 2.26 -29.09 35.33
N TYR C 33 1.23 -29.83 35.71
CA TYR C 33 0.31 -30.45 34.75
C TYR C 33 -1.11 -30.03 35.00
N GLY C 34 -2.04 -30.65 34.27
CA GLY C 34 -3.44 -30.33 34.45
C GLY C 34 -3.91 -29.23 33.52
N GLU C 35 -5.23 -29.09 33.35
CA GLU C 35 -5.82 -28.12 32.43
C GLU C 35 -5.17 -26.76 32.29
N ASN C 36 -4.63 -26.23 33.38
CA ASN C 36 -4.01 -24.91 33.30
C ASN C 36 -2.58 -24.90 33.78
N CYS C 37 -1.93 -26.05 33.75
CA CYS C 37 -0.54 -26.17 34.18
C CYS C 37 -0.47 -25.64 35.61
N THR C 38 -1.52 -26.00 36.34
CA THR C 38 -1.76 -25.62 37.73
C THR C 38 -1.17 -26.56 38.79
N THR C 39 -1.38 -27.88 38.65
CA THR C 39 -0.84 -28.79 39.64
C THR C 39 0.63 -29.12 39.45
N PRO C 40 1.43 -28.91 40.49
CA PRO C 40 2.86 -29.17 40.44
C PRO C 40 3.28 -30.61 40.46
N GLU C 41 4.44 -30.84 39.86
CA GLU C 41 5.07 -32.15 39.83
C GLU C 41 5.62 -32.24 41.24
N PHE C 42 5.57 -33.43 41.82
CA PHE C 42 6.04 -33.61 43.18
C PHE C 42 7.35 -32.88 43.50
N LEU C 43 8.39 -33.12 42.68
CA LEU C 43 9.68 -32.45 42.89
C LEU C 43 9.51 -30.92 42.85
N THR C 44 8.54 -30.46 42.06
CA THR C 44 8.23 -29.06 41.91
C THR C 44 7.87 -28.53 43.29
N ARG C 45 7.05 -29.29 44.01
CA ARG C 45 6.65 -28.93 45.38
C ARG C 45 7.89 -28.69 46.26
N ILE C 46 8.79 -29.65 46.26
CA ILE C 46 10.04 -29.56 47.02
C ILE C 46 10.73 -28.20 46.82
N LYS C 47 10.86 -27.80 45.57
CA LYS C 47 11.50 -26.55 45.22
C LYS C 47 10.64 -25.39 45.67
N LEU C 48 9.35 -25.48 45.36
CA LEU C 48 8.42 -24.41 45.76
C LEU C 48 8.55 -24.08 47.24
N LEU C 49 8.67 -25.11 48.08
CA LEU C 49 8.80 -24.90 49.52
C LEU C 49 10.07 -24.12 49.83
N LEU C 50 11.19 -24.59 49.31
CA LEU C 50 12.44 -23.93 49.60
C LEU C 50 12.62 -22.54 49.00
N LYS C 51 11.80 -22.20 48.01
CA LYS C 51 11.88 -20.91 47.33
C LYS C 51 11.80 -19.70 48.26
N PRO C 52 12.95 -19.04 48.56
CA PRO C 52 12.89 -17.87 49.45
C PRO C 52 12.35 -16.71 48.65
N THR C 53 11.54 -15.86 49.28
CA THR C 53 10.98 -14.73 48.57
C THR C 53 12.07 -13.73 48.23
N PRO C 54 11.99 -13.14 47.03
CA PRO C 54 12.95 -12.15 46.53
C PRO C 54 13.30 -11.10 47.58
N ASN C 55 12.28 -10.74 48.35
CA ASN C 55 12.43 -9.76 49.38
C ASN C 55 13.27 -10.32 50.51
N THR C 56 13.10 -11.59 50.83
CA THR C 56 13.88 -12.21 51.90
C THR C 56 15.33 -12.09 51.47
N VAL C 57 15.58 -12.59 50.27
CA VAL C 57 16.91 -12.57 49.69
C VAL C 57 17.39 -11.14 49.68
N HIS C 58 16.48 -10.26 49.28
CA HIS C 58 16.79 -8.84 49.23
C HIS C 58 17.29 -8.40 50.59
N TYR C 59 16.58 -8.76 51.65
CA TYR C 59 16.96 -8.38 52.99
C TYR C 59 18.37 -8.91 53.25
N ILE C 60 18.46 -10.24 53.20
CA ILE C 60 19.72 -10.93 53.45
C ILE C 60 20.88 -10.35 52.65
N LEU C 61 20.58 -9.90 51.44
CA LEU C 61 21.59 -9.34 50.55
C LEU C 61 22.02 -7.96 51.04
N THR C 62 21.03 -7.13 51.36
CA THR C 62 21.23 -5.76 51.82
C THR C 62 21.71 -5.58 53.27
N HIS C 63 21.70 -6.64 54.07
CA HIS C 63 22.16 -6.56 55.46
C HIS C 63 23.49 -7.28 55.70
N PHE C 64 23.76 -7.60 56.97
CA PHE C 64 24.97 -8.32 57.36
C PHE C 64 26.29 -7.81 56.78
N LYS C 65 26.35 -6.50 56.53
CA LYS C 65 27.51 -5.79 55.98
C LYS C 65 28.89 -6.40 56.34
N GLY C 66 29.03 -6.92 57.56
CA GLY C 66 30.30 -7.50 57.97
C GLY C 66 30.46 -8.94 57.48
N VAL C 67 29.37 -9.68 57.54
CA VAL C 67 29.37 -11.05 57.05
C VAL C 67 29.77 -10.86 55.59
N TRP C 68 29.02 -9.98 54.93
CA TRP C 68 29.26 -9.69 53.54
C TRP C 68 30.66 -9.28 53.22
N ASN C 69 31.31 -8.60 54.17
CA ASN C 69 32.66 -8.17 53.96
C ASN C 69 33.62 -9.34 53.93
N ILE C 70 33.37 -10.34 54.77
CA ILE C 70 34.21 -11.53 54.78
C ILE C 70 34.17 -12.15 53.37
N VAL C 71 32.94 -12.35 52.89
CA VAL C 71 32.65 -12.89 51.57
C VAL C 71 33.46 -12.12 50.50
N ASN C 72 33.30 -10.80 50.45
CA ASN C 72 34.00 -9.96 49.48
C ASN C 72 35.53 -10.07 49.51
N ASN C 73 36.06 -10.89 50.41
CA ASN C 73 37.51 -11.07 50.53
C ASN C 73 37.95 -12.53 50.41
N ILE C 74 36.99 -13.45 50.26
CA ILE C 74 37.29 -14.88 50.04
C ILE C 74 36.87 -15.05 48.59
N PRO C 75 37.82 -14.81 47.64
CA PRO C 75 37.62 -14.90 46.19
C PRO C 75 36.71 -16.07 45.79
N PHE C 76 37.13 -17.26 46.21
CA PHE C 76 36.45 -18.53 45.96
C PHE C 76 34.97 -18.39 46.32
N LEU C 77 34.70 -17.67 47.39
CA LEU C 77 33.35 -17.45 47.87
C LEU C 77 32.57 -16.49 47.00
N ARG C 78 33.17 -15.32 46.80
CA ARG C 78 32.54 -14.26 46.02
C ARG C 78 32.13 -14.75 44.64
N SER C 79 33.11 -15.25 43.89
CA SER C 79 32.88 -15.76 42.54
C SER C 79 31.72 -16.75 42.65
N LEU C 80 31.84 -17.64 43.64
CA LEU C 80 30.82 -18.64 43.92
C LEU C 80 29.45 -17.94 43.97
N ILE C 81 29.34 -16.86 44.77
CA ILE C 81 28.09 -16.10 44.90
C ILE C 81 27.68 -15.48 43.55
N MET C 82 28.64 -14.80 42.90
CA MET C 82 28.46 -14.13 41.63
C MET C 82 27.81 -15.10 40.63
N LYS C 83 28.31 -16.32 40.64
CA LYS C 83 27.78 -17.33 39.74
C LYS C 83 26.27 -17.50 39.94
N TYR C 84 25.88 -17.83 41.18
CA TYR C 84 24.47 -18.06 41.52
C TYR C 84 23.56 -16.97 40.99
N VAL C 85 23.85 -15.75 41.38
CA VAL C 85 23.05 -14.64 40.93
C VAL C 85 22.98 -14.67 39.40
N LEU C 86 24.15 -14.86 38.81
CA LEU C 86 24.30 -14.91 37.36
C LEU C 86 23.40 -15.90 36.61
N THR C 87 23.30 -17.11 37.14
CA THR C 87 22.49 -18.19 36.54
C THR C 87 20.98 -18.07 36.77
N SER C 88 20.59 -18.09 38.05
CA SER C 88 19.19 -17.99 38.47
C SER C 88 18.49 -16.91 37.66
N ARG C 89 19.11 -15.73 37.67
CA ARG C 89 18.61 -14.57 36.94
C ARG C 89 18.19 -14.92 35.51
N SER C 90 18.99 -15.76 34.87
CA SER C 90 18.74 -16.11 33.48
C SER C 90 17.70 -17.17 33.10
N TYR C 91 17.42 -18.15 33.96
CA TYR C 91 16.41 -19.13 33.55
C TYR C 91 15.09 -18.43 33.20
N LEU C 92 14.98 -17.16 33.57
CA LEU C 92 13.74 -16.44 33.32
C LEU C 92 13.49 -15.94 31.91
N ILE C 93 14.55 -15.59 31.17
CA ILE C 93 14.41 -15.05 29.79
C ILE C 93 14.51 -16.02 28.63
N ASP C 94 13.71 -15.77 27.60
CA ASP C 94 13.65 -16.62 26.40
C ASP C 94 14.77 -16.49 25.35
N SER C 95 15.62 -17.49 25.25
CA SER C 95 16.71 -17.48 24.30
C SER C 95 16.93 -18.86 23.75
N PRO C 96 16.74 -19.02 22.44
CA PRO C 96 16.34 -18.00 21.51
C PRO C 96 14.97 -17.42 21.72
N PRO C 97 14.76 -16.20 21.21
CA PRO C 97 13.56 -15.38 21.24
C PRO C 97 12.29 -16.03 20.74
N THR C 98 11.15 -15.52 21.20
CA THR C 98 9.85 -16.04 20.82
C THR C 98 8.93 -14.96 20.23
N TYR C 99 7.95 -14.49 21.02
CA TYR C 99 6.91 -13.54 20.57
C TYR C 99 7.25 -12.07 20.32
N ASN C 100 6.20 -11.34 19.92
CA ASN C 100 6.28 -9.92 19.66
C ASN C 100 4.95 -9.27 19.25
N VAL C 101 5.01 -7.95 19.13
CA VAL C 101 3.89 -7.07 18.75
C VAL C 101 2.86 -7.78 17.89
N HIS C 102 3.33 -8.48 16.86
CA HIS C 102 2.48 -9.17 15.90
C HIS C 102 2.28 -10.66 16.09
N TYR C 103 3.25 -11.29 16.75
CA TYR C 103 3.17 -12.73 16.91
C TYR C 103 2.97 -13.23 18.31
N GLY C 104 1.74 -13.62 18.56
CA GLY C 104 1.37 -14.18 19.84
C GLY C 104 1.77 -15.63 19.86
N TYR C 105 2.11 -16.15 18.67
CA TYR C 105 2.58 -17.53 18.49
C TYR C 105 4.01 -17.45 18.07
N LYS C 106 4.72 -18.58 18.10
CA LYS C 106 6.14 -18.57 17.77
C LYS C 106 6.68 -18.14 16.42
N SER C 107 6.05 -18.53 15.32
CA SER C 107 6.46 -18.15 13.95
C SER C 107 7.94 -17.86 13.54
N TRP C 108 8.33 -18.25 12.32
CA TRP C 108 9.71 -17.97 11.87
C TRP C 108 9.89 -16.43 11.73
N GLU C 109 8.88 -15.78 11.16
CA GLU C 109 8.84 -14.32 10.95
C GLU C 109 9.23 -13.58 12.20
N ALA C 110 8.69 -14.02 13.31
CA ALA C 110 9.01 -13.43 14.60
C ALA C 110 10.48 -13.67 14.86
N PHE C 111 10.83 -14.93 14.99
CA PHE C 111 12.20 -15.32 15.28
C PHE C 111 13.24 -14.68 14.44
N SER C 112 12.96 -14.55 13.16
CA SER C 112 13.91 -13.98 12.18
C SER C 112 14.01 -12.47 12.07
N ASN C 113 12.88 -11.77 12.04
CA ASN C 113 12.86 -10.31 11.91
C ASN C 113 13.56 -9.50 13.00
N LEU C 114 14.77 -9.06 12.73
CA LEU C 114 15.52 -8.32 13.73
C LEU C 114 15.05 -6.89 14.01
N SER C 115 14.11 -6.39 13.21
CA SER C 115 13.59 -5.06 13.42
C SER C 115 12.62 -4.92 14.61
N TYR C 116 11.96 -6.00 14.94
CA TYR C 116 11.03 -6.05 16.05
C TYR C 116 11.78 -6.04 17.39
N TYR C 117 11.05 -5.78 18.48
CA TYR C 117 11.58 -5.81 19.84
C TYR C 117 10.97 -7.11 20.27
N THR C 118 11.70 -7.96 20.96
CA THR C 118 11.07 -9.20 21.35
C THR C 118 10.06 -8.91 22.44
N ARG C 119 9.24 -9.89 22.76
CA ARG C 119 8.25 -9.68 23.80
C ARG C 119 8.32 -10.77 24.87
N ALA C 120 8.36 -10.35 26.14
CA ALA C 120 8.44 -11.30 27.25
C ALA C 120 7.09 -11.95 27.54
N LEU C 121 6.04 -11.42 26.97
CA LEU C 121 4.72 -11.98 27.15
C LEU C 121 4.04 -11.64 25.87
N PRO C 122 3.26 -12.55 25.35
CA PRO C 122 2.57 -12.29 24.10
C PRO C 122 1.65 -11.10 24.21
N PRO C 123 1.31 -10.49 23.08
CA PRO C 123 0.40 -9.37 23.18
C PRO C 123 -0.97 -10.05 23.34
N VAL C 124 -2.01 -9.23 23.44
CA VAL C 124 -3.35 -9.76 23.58
C VAL C 124 -4.06 -9.79 22.22
N ALA C 125 -4.83 -10.84 22.02
CA ALA C 125 -5.56 -10.99 20.77
C ALA C 125 -6.36 -9.77 20.47
N ASP C 126 -6.33 -9.39 19.22
CA ASP C 126 -7.08 -8.22 18.81
C ASP C 126 -8.55 -8.52 18.81
N ASP C 127 -8.92 -9.80 18.95
CA ASP C 127 -10.34 -10.14 18.97
C ASP C 127 -10.87 -10.49 20.37
N CYS C 128 -10.06 -10.30 21.40
CA CYS C 128 -10.51 -10.54 22.75
C CYS C 128 -11.64 -9.54 23.10
N PRO C 129 -12.33 -9.71 24.26
CA PRO C 129 -13.41 -8.77 24.62
C PRO C 129 -12.92 -7.48 25.29
N THR C 130 -11.93 -7.60 26.15
CA THR C 130 -11.41 -6.42 26.83
C THR C 130 -9.91 -6.32 26.62
N PRO C 131 -9.40 -5.09 26.56
CA PRO C 131 -7.97 -4.83 26.37
C PRO C 131 -6.98 -5.57 27.29
N MET C 132 -7.45 -6.13 28.39
CA MET C 132 -6.51 -6.85 29.24
C MET C 132 -6.82 -8.31 29.16
N GLY C 133 -7.76 -8.59 28.27
CA GLY C 133 -8.19 -9.94 28.03
C GLY C 133 -9.69 -10.01 28.04
N VAL C 134 -10.19 -10.40 29.21
CA VAL C 134 -11.61 -10.56 29.39
C VAL C 134 -12.03 -9.72 30.60
N LYS C 135 -11.06 -9.43 31.48
CA LYS C 135 -11.26 -8.61 32.69
C LYS C 135 -11.15 -7.13 32.38
N GLY C 136 -12.06 -6.34 32.94
CA GLY C 136 -12.04 -4.89 32.72
C GLY C 136 -13.21 -4.38 31.87
N ASN C 137 -13.07 -3.14 31.42
CA ASN C 137 -14.11 -2.51 30.62
C ASN C 137 -13.66 -2.35 29.18
N LYS C 138 -14.63 -2.13 28.30
CA LYS C 138 -14.38 -1.90 26.90
C LYS C 138 -13.15 -1.02 26.75
N GLU C 139 -12.88 -0.22 27.77
CA GLU C 139 -11.71 0.64 27.78
C GLU C 139 -10.95 0.57 29.08
N LEU C 140 -9.85 1.28 29.09
CA LEU C 140 -8.95 1.37 30.23
C LEU C 140 -8.99 2.81 30.76
N PRO C 141 -8.43 3.03 31.96
CA PRO C 141 -8.42 4.37 32.55
C PRO C 141 -7.85 5.35 31.55
N ASP C 142 -8.34 6.58 31.59
CA ASP C 142 -7.82 7.62 30.72
C ASP C 142 -6.37 7.85 31.10
N SER C 143 -5.54 7.82 30.07
CA SER C 143 -4.09 8.00 30.17
C SER C 143 -3.75 9.32 30.83
N LYS C 144 -4.29 10.39 30.23
CA LYS C 144 -4.09 11.78 30.66
C LYS C 144 -4.35 11.81 32.16
N GLU C 145 -5.42 11.14 32.56
CA GLU C 145 -5.83 11.09 33.95
C GLU C 145 -4.84 10.35 34.83
N VAL C 146 -4.54 9.11 34.50
CA VAL C 146 -3.59 8.34 35.30
C VAL C 146 -2.27 9.11 35.46
N LEU C 147 -1.91 9.77 34.36
CA LEU C 147 -0.69 10.55 34.23
C LEU C 147 -0.65 11.60 35.33
N GLU C 148 -1.74 12.35 35.40
CA GLU C 148 -1.88 13.42 36.39
C GLU C 148 -2.13 12.98 37.83
N LYS C 149 -3.11 12.10 38.04
CA LYS C 149 -3.39 11.63 39.40
C LYS C 149 -2.24 10.94 40.16
N VAL C 150 -1.66 9.87 39.62
CA VAL C 150 -0.58 9.22 40.35
C VAL C 150 0.81 9.38 39.80
N LEU C 151 0.94 9.92 38.60
CA LEU C 151 2.28 10.02 38.03
C LEU C 151 3.07 11.32 38.16
N LEU C 152 2.54 12.39 37.59
CA LEU C 152 3.24 13.65 37.63
C LEU C 152 3.82 14.09 38.98
N ARG C 153 4.96 14.77 38.93
CA ARG C 153 5.68 15.31 40.10
C ARG C 153 5.10 16.63 40.58
N ARG C 154 4.91 16.74 41.90
CA ARG C 154 4.40 17.97 42.49
C ARG C 154 5.65 18.59 43.07
N GLU C 155 6.22 17.91 44.04
CA GLU C 155 7.42 18.41 44.65
C GLU C 155 8.49 17.37 44.40
N PHE C 156 9.65 17.82 43.92
CA PHE C 156 10.74 16.92 43.62
C PHE C 156 11.12 16.05 44.80
N ILE C 157 10.98 14.73 44.62
CA ILE C 157 11.36 13.78 45.66
C ILE C 157 12.71 13.25 45.22
N PRO C 158 13.72 13.34 46.08
CA PRO C 158 15.02 12.85 45.70
C PRO C 158 15.09 11.34 45.90
N ASP C 159 16.11 10.71 45.31
CA ASP C 159 16.30 9.29 45.43
C ASP C 159 16.99 9.01 46.80
N PRO C 160 16.37 8.14 47.61
CA PRO C 160 16.98 7.82 48.91
C PRO C 160 18.27 7.02 48.75
N GLN C 161 18.63 6.67 47.51
CA GLN C 161 19.84 5.88 47.25
C GLN C 161 21.06 6.69 46.93
N GLY C 162 20.86 7.92 46.50
CA GLY C 162 21.98 8.80 46.22
C GLY C 162 22.34 9.00 44.77
N SER C 163 21.56 8.38 43.90
CA SER C 163 21.78 8.45 42.47
C SER C 163 21.96 9.88 42.11
N ASN C 164 23.16 10.24 41.65
CA ASN C 164 23.39 11.63 41.26
C ASN C 164 23.10 11.87 39.79
N MET C 165 23.73 12.91 39.22
CA MET C 165 23.53 13.25 37.81
C MET C 165 24.44 12.46 36.84
N MET C 166 25.61 12.08 37.34
CA MET C 166 26.54 11.29 36.58
C MET C 166 25.83 9.99 36.22
N PHE C 167 25.17 9.39 37.21
CA PHE C 167 24.42 8.15 37.03
C PHE C 167 23.25 8.33 36.06
N ALA C 168 22.30 9.18 36.37
CA ALA C 168 21.15 9.36 35.48
C ALA C 168 21.49 9.51 34.02
N PHE C 169 22.49 10.33 33.74
CA PHE C 169 22.92 10.53 32.36
C PHE C 169 23.63 9.29 31.80
N PHE C 170 24.44 8.62 32.62
CA PHE C 170 25.10 7.39 32.20
C PHE C 170 24.02 6.41 31.71
N ALA C 171 23.00 6.15 32.50
CA ALA C 171 21.94 5.25 32.10
C ALA C 171 21.19 5.72 30.87
N GLN C 172 21.21 7.02 30.58
CA GLN C 172 20.50 7.50 29.38
C GLN C 172 21.31 7.11 28.15
N HIS C 173 22.58 7.47 28.21
CA HIS C 173 23.57 7.21 27.20
C HIS C 173 23.62 5.71 26.97
N PHE C 174 23.99 4.96 28.00
CA PHE C 174 24.08 3.49 27.95
C PHE C 174 22.87 2.81 27.29
N THR C 175 21.72 2.79 27.95
CA THR C 175 20.55 2.17 27.33
C THR C 175 20.18 2.73 25.96
N HIS C 176 20.71 3.90 25.60
CA HIS C 176 20.31 4.52 24.33
C HIS C 176 20.97 4.00 23.07
N GLN C 177 21.80 2.96 23.25
CA GLN C 177 22.43 2.32 22.11
C GLN C 177 21.52 1.19 21.78
N PHE C 178 20.93 0.52 22.79
CA PHE C 178 19.97 -0.53 22.51
C PHE C 178 18.51 -0.13 22.45
N PHE C 179 18.11 0.93 23.12
CA PHE C 179 16.71 1.35 23.00
C PHE C 179 16.81 2.43 21.91
N LYS C 180 16.18 2.20 20.78
CA LYS C 180 16.21 3.13 19.65
C LYS C 180 15.00 2.92 18.76
N THR C 181 13.79 3.06 19.26
CA THR C 181 12.61 2.86 18.45
C THR C 181 12.59 3.48 17.04
N ASP C 182 12.05 2.75 16.10
CA ASP C 182 11.93 3.13 14.70
C ASP C 182 10.50 3.61 14.60
N HIS C 183 10.25 4.83 15.02
CA HIS C 183 8.89 5.38 15.03
C HIS C 183 8.20 5.36 13.68
N LYS C 184 9.00 5.42 12.63
CA LYS C 184 8.45 5.42 11.29
C LYS C 184 7.77 4.07 11.07
N ARG C 185 8.27 3.05 11.77
CA ARG C 185 7.69 1.70 11.68
C ARG C 185 6.59 1.55 12.74
N GLY C 186 6.91 1.97 13.95
CA GLY C 186 5.94 1.91 15.03
C GLY C 186 6.63 1.51 16.32
N PRO C 187 5.93 1.62 17.49
CA PRO C 187 6.63 1.20 18.69
C PRO C 187 6.69 -0.31 18.51
N GLY C 188 7.65 -0.93 19.15
CA GLY C 188 7.77 -2.36 19.00
C GLY C 188 8.88 -2.64 18.03
N PHE C 189 9.25 -1.64 17.23
CA PHE C 189 10.33 -1.73 16.23
C PHE C 189 11.56 -0.95 16.67
N THR C 190 12.72 -1.62 16.72
CA THR C 190 13.99 -1.03 17.12
C THR C 190 14.74 -0.71 15.88
N ARG C 191 15.64 0.25 15.97
CA ARG C 191 16.45 0.62 14.82
C ARG C 191 17.87 0.16 15.19
N GLY C 192 18.01 -0.38 16.39
CA GLY C 192 19.31 -0.87 16.82
C GLY C 192 19.34 -2.37 16.65
N LEU C 193 19.51 -2.79 15.41
CA LEU C 193 19.56 -4.19 15.08
C LEU C 193 20.65 -4.97 15.80
N GLY C 194 21.52 -4.30 16.54
CA GLY C 194 22.56 -5.01 17.25
C GLY C 194 22.04 -5.76 18.45
N HIS C 195 20.89 -5.30 18.93
CA HIS C 195 20.21 -5.87 20.08
C HIS C 195 21.07 -6.06 21.33
N GLY C 196 22.02 -5.15 21.59
CA GLY C 196 22.84 -5.31 22.77
C GLY C 196 23.93 -4.30 22.90
N VAL C 197 24.85 -4.55 23.83
CA VAL C 197 25.95 -3.66 24.07
C VAL C 197 27.00 -3.66 22.93
N ASP C 198 26.68 -2.99 21.83
CA ASP C 198 27.60 -2.98 20.71
C ASP C 198 28.31 -1.65 20.52
N LEU C 199 28.13 -0.73 21.48
CA LEU C 199 28.71 0.62 21.44
C LEU C 199 28.46 1.30 20.09
N ASN C 200 27.27 1.05 19.58
CA ASN C 200 26.89 1.60 18.32
C ASN C 200 26.72 3.07 18.43
N HIS C 201 26.35 3.51 19.62
CA HIS C 201 26.11 4.93 19.89
C HIS C 201 27.40 5.74 19.79
N ILE C 202 28.54 5.10 20.05
CA ILE C 202 29.82 5.80 19.92
C ILE C 202 30.27 5.73 18.47
N TYR C 203 30.16 4.54 17.87
CA TYR C 203 30.61 4.27 16.51
C TYR C 203 29.72 4.42 15.29
N GLY C 204 28.42 4.51 15.45
CA GLY C 204 27.59 4.66 14.28
C GLY C 204 26.87 3.35 14.06
N GLU C 205 25.63 3.48 13.63
CA GLU C 205 24.78 2.35 13.37
C GLU C 205 25.29 1.50 12.22
N THR C 206 25.74 2.15 11.15
CA THR C 206 26.22 1.45 9.97
C THR C 206 27.70 1.71 9.66
N LEU C 207 28.28 0.82 8.87
CA LEU C 207 29.69 0.90 8.44
C LEU C 207 29.92 2.15 7.62
N ASP C 208 28.86 2.57 6.93
CA ASP C 208 28.94 3.78 6.18
C ASP C 208 29.15 4.94 7.18
N ARG C 209 28.32 4.98 8.22
CA ARG C 209 28.40 6.00 9.27
C ARG C 209 29.73 5.92 10.03
N GLN C 210 30.09 4.73 10.45
CA GLN C 210 31.29 4.58 11.22
C GLN C 210 32.46 5.08 10.46
N HIS C 211 32.35 4.99 9.14
CA HIS C 211 33.44 5.44 8.30
C HIS C 211 33.52 6.98 8.23
N LYS C 212 32.35 7.63 8.30
CA LYS C 212 32.27 9.08 8.32
C LYS C 212 32.75 9.64 9.67
N LEU C 213 32.83 8.78 10.68
CA LEU C 213 33.25 9.17 12.01
C LEU C 213 34.70 8.87 12.32
N ARG C 214 35.30 8.01 11.52
CA ARG C 214 36.67 7.63 11.78
C ARG C 214 37.73 8.49 11.08
N LEU C 215 38.87 8.63 11.74
CA LEU C 215 39.99 9.40 11.21
C LEU C 215 40.86 8.56 10.25
N PHE C 216 40.78 7.23 10.41
CA PHE C 216 41.56 6.28 9.63
C PHE C 216 43.00 6.68 9.81
N LYS C 217 43.50 6.49 11.02
CA LYS C 217 44.87 6.85 11.33
C LYS C 217 45.05 6.49 12.77
N ASP C 218 45.90 5.51 13.03
CA ASP C 218 46.13 5.09 14.39
C ASP C 218 44.84 4.57 14.98
N GLY C 219 43.86 4.27 14.14
CA GLY C 219 42.57 3.77 14.61
C GLY C 219 41.66 4.77 15.28
N LYS C 220 42.19 5.96 15.52
CA LYS C 220 41.47 7.04 16.17
C LYS C 220 40.18 7.48 15.50
N LEU C 221 39.24 7.91 16.33
CA LEU C 221 37.97 8.44 15.86
C LEU C 221 38.27 9.92 15.52
N LYS C 222 37.50 10.49 14.60
CA LYS C 222 37.75 11.86 14.22
C LYS C 222 37.33 12.70 15.40
N TYR C 223 37.92 13.89 15.54
CA TYR C 223 37.59 14.81 16.63
C TYR C 223 38.10 16.22 16.31
N GLN C 224 37.94 17.14 17.27
CA GLN C 224 38.41 18.53 17.15
C GLN C 224 38.85 19.10 18.50
N VAL C 225 39.78 20.05 18.48
CA VAL C 225 40.24 20.69 19.70
C VAL C 225 39.70 22.10 19.77
N ILE C 226 38.71 22.28 20.63
CA ILE C 226 38.11 23.59 20.88
C ILE C 226 38.78 24.04 22.16
N GLY C 227 39.16 25.29 22.21
CA GLY C 227 39.83 25.75 23.41
C GLY C 227 41.07 24.91 23.48
N GLY C 228 41.27 24.22 24.57
CA GLY C 228 42.44 23.37 24.65
C GLY C 228 41.96 21.94 24.80
N GLU C 229 40.64 21.73 24.67
CA GLU C 229 40.07 20.42 24.88
C GLU C 229 39.62 19.73 23.59
N VAL C 230 39.47 18.40 23.68
CA VAL C 230 39.02 17.59 22.54
C VAL C 230 37.50 17.48 22.55
N TYR C 231 36.87 17.57 21.39
CA TYR C 231 35.42 17.47 21.27
C TYR C 231 35.05 16.74 20.00
N PRO C 232 33.83 16.18 19.91
CA PRO C 232 33.40 15.47 18.72
C PRO C 232 33.52 16.41 17.54
N PRO C 233 33.70 15.88 16.35
CA PRO C 233 33.84 16.70 15.15
C PRO C 233 32.48 17.24 14.67
N THR C 234 32.55 18.20 13.76
CA THR C 234 31.36 18.84 13.25
C THR C 234 30.55 18.02 12.29
N VAL C 235 29.24 18.16 12.36
CA VAL C 235 28.38 17.50 11.39
C VAL C 235 28.79 18.00 10.02
N LYS C 236 29.14 19.29 9.96
CA LYS C 236 29.57 19.96 8.74
C LYS C 236 30.73 19.23 8.06
N ASP C 237 31.76 18.94 8.84
CA ASP C 237 32.95 18.25 8.38
C ASP C 237 32.68 16.76 8.04
N THR C 238 32.35 15.97 9.06
CA THR C 238 32.13 14.53 8.90
C THR C 238 30.95 14.23 7.99
N GLN C 239 29.98 15.12 7.96
CA GLN C 239 28.83 14.92 7.11
C GLN C 239 27.84 13.90 7.65
N VAL C 240 28.10 13.38 8.86
CA VAL C 240 27.17 12.38 9.43
C VAL C 240 25.88 13.10 9.85
N GLU C 241 24.71 12.58 9.48
CA GLU C 241 23.47 13.24 9.92
C GLU C 241 23.24 13.02 11.43
N MET C 242 22.87 14.11 12.09
CA MET C 242 22.60 14.14 13.52
C MET C 242 21.30 14.92 13.65
N ILE C 243 20.61 14.79 14.77
CA ILE C 243 19.35 15.54 14.98
C ILE C 243 19.59 16.83 15.81
N TYR C 244 19.39 17.98 15.17
CA TYR C 244 19.62 19.28 15.78
C TYR C 244 18.60 20.33 15.30
N PRO C 245 18.05 21.13 16.22
CA PRO C 245 17.07 22.18 15.92
C PRO C 245 17.70 23.20 14.98
N PRO C 246 16.94 23.64 13.96
CA PRO C 246 17.42 24.62 12.98
C PRO C 246 18.12 25.85 13.52
N HIS C 247 17.75 26.29 14.71
CA HIS C 247 18.39 27.47 15.29
C HIS C 247 19.85 27.21 15.72
N ILE C 248 20.23 25.92 15.86
CA ILE C 248 21.59 25.59 16.27
C ILE C 248 22.44 26.21 15.16
N PRO C 249 23.53 26.91 15.54
CA PRO C 249 24.41 27.57 14.55
C PRO C 249 25.31 26.66 13.72
N GLU C 250 25.06 25.35 13.70
CA GLU C 250 25.98 24.45 13.01
C GLU C 250 27.20 24.73 13.91
N ASN C 251 28.44 24.46 13.47
CA ASN C 251 29.61 24.81 14.31
C ASN C 251 29.61 24.26 15.74
N LEU C 252 28.51 23.64 16.13
CA LEU C 252 28.32 23.09 17.46
C LEU C 252 27.48 21.86 17.27
N GLN C 253 27.14 21.57 16.01
CA GLN C 253 26.38 20.36 15.74
C GLN C 253 27.39 19.22 15.81
N PHE C 254 27.64 18.75 17.03
CA PHE C 254 28.55 17.67 17.28
C PHE C 254 28.07 16.34 16.60
N ALA C 255 29.01 15.60 16.00
CA ALA C 255 28.75 14.34 15.27
C ALA C 255 28.44 13.08 16.15
N VAL C 256 29.41 12.65 16.95
CA VAL C 256 29.25 11.51 17.86
C VAL C 256 28.86 10.10 17.42
N GLY C 257 27.77 9.91 16.68
CA GLY C 257 27.49 8.54 16.28
C GLY C 257 26.16 7.98 16.67
N GLN C 258 25.29 8.79 17.28
CA GLN C 258 23.94 8.41 17.66
C GLN C 258 23.16 9.71 17.44
N GLU C 259 22.52 9.82 16.29
CA GLU C 259 21.81 11.03 15.91
C GLU C 259 21.13 11.90 16.99
N VAL C 260 20.49 11.24 17.95
CA VAL C 260 19.79 11.96 18.98
C VAL C 260 20.64 12.60 20.11
N PHE C 261 21.83 12.08 20.35
CA PHE C 261 22.71 12.59 21.40
C PHE C 261 23.06 14.08 21.37
N GLY C 262 22.46 14.81 20.45
CA GLY C 262 22.73 16.22 20.36
C GLY C 262 21.63 17.07 21.02
N LEU C 263 20.80 16.45 21.84
CA LEU C 263 19.70 17.17 22.47
C LEU C 263 19.70 17.23 24.00
N VAL C 264 20.86 17.06 24.60
CA VAL C 264 21.02 17.09 26.06
C VAL C 264 22.49 17.01 26.38
N PRO C 265 23.10 18.11 26.84
CA PRO C 265 24.53 18.07 27.16
C PRO C 265 24.98 16.96 28.12
N GLY C 266 24.04 16.21 28.66
CA GLY C 266 24.38 15.12 29.55
C GLY C 266 24.80 13.89 28.73
N LEU C 267 24.24 13.77 27.54
CA LEU C 267 24.57 12.70 26.60
C LEU C 267 25.93 13.10 26.02
N MET C 268 25.95 14.22 25.29
CA MET C 268 27.18 14.71 24.71
C MET C 268 28.40 14.76 25.65
N MET C 269 28.17 14.88 26.95
CA MET C 269 29.29 14.94 27.88
C MET C 269 30.00 13.62 27.84
N TYR C 270 29.21 12.59 28.07
CA TYR C 270 29.66 11.21 28.05
C TYR C 270 30.13 10.83 26.64
N ALA C 271 29.36 11.21 25.63
CA ALA C 271 29.72 10.92 24.26
C ALA C 271 31.09 11.51 23.90
N THR C 272 31.57 12.49 24.68
CA THR C 272 32.88 13.08 24.43
C THR C 272 33.88 12.35 25.31
N ILE C 273 33.44 11.90 26.48
CA ILE C 273 34.32 11.15 27.37
C ILE C 273 34.75 9.81 26.72
N TRP C 274 33.80 9.12 26.07
CA TRP C 274 34.12 7.86 25.39
C TRP C 274 34.92 8.10 24.12
N LEU C 275 34.59 9.16 23.37
CA LEU C 275 35.36 9.49 22.17
C LEU C 275 36.81 9.64 22.63
N ARG C 276 36.98 10.39 23.69
CA ARG C 276 38.29 10.58 24.25
C ARG C 276 38.92 9.27 24.68
N GLU C 277 38.08 8.36 25.20
CA GLU C 277 38.58 7.05 25.67
C GLU C 277 38.99 6.14 24.51
N HIS C 278 38.38 6.33 23.35
CA HIS C 278 38.76 5.52 22.18
C HIS C 278 40.25 5.77 21.86
N GLN C 279 40.55 6.95 21.30
CA GLN C 279 41.91 7.36 20.95
C GLN C 279 42.93 6.95 22.03
N ARG C 280 42.50 6.98 23.31
CA ARG C 280 43.37 6.63 24.41
C ARG C 280 43.85 5.18 24.29
N VAL C 281 42.88 4.28 24.12
CA VAL C 281 43.22 2.86 23.97
C VAL C 281 44.04 2.72 22.70
N CYS C 282 43.69 3.48 21.65
CA CYS C 282 44.44 3.41 20.41
C CYS C 282 45.88 3.68 20.71
N ASP C 283 46.20 4.86 21.21
CA ASP C 283 47.57 5.19 21.53
C ASP C 283 48.31 4.17 22.40
N ILE C 284 47.55 3.40 23.17
CA ILE C 284 48.14 2.38 24.01
C ILE C 284 48.47 1.18 23.15
N LEU C 285 47.51 0.80 22.31
CA LEU C 285 47.66 -0.36 21.42
C LEU C 285 48.78 -0.06 20.42
N LYS C 286 48.67 1.10 19.77
CA LYS C 286 49.67 1.55 18.80
C LYS C 286 51.08 1.59 19.40
N GLN C 287 51.18 1.73 20.71
CA GLN C 287 52.49 1.76 21.31
C GLN C 287 52.90 0.32 21.22
N GLU C 288 52.14 -0.50 21.92
CA GLU C 288 52.37 -1.93 22.01
C GLU C 288 52.52 -2.67 20.69
N HIS C 289 51.92 -2.12 19.65
CA HIS C 289 52.00 -2.75 18.37
C HIS C 289 52.42 -1.76 17.31
N PRO C 290 53.73 -1.45 17.27
CA PRO C 290 54.34 -0.51 16.31
C PRO C 290 53.98 -0.94 14.94
N GLU C 291 53.73 -2.26 14.84
CA GLU C 291 53.42 -2.96 13.60
C GLU C 291 51.97 -3.13 13.23
N TRP C 292 51.05 -2.48 13.95
CA TRP C 292 49.63 -2.63 13.60
C TRP C 292 49.22 -1.54 12.64
N GLY C 293 48.08 -1.74 12.00
CA GLY C 293 47.61 -0.74 11.05
C GLY C 293 46.34 -0.11 11.56
N ASP C 294 45.90 0.98 10.93
CA ASP C 294 44.70 1.69 11.34
C ASP C 294 43.54 0.79 11.70
N GLU C 295 43.00 0.06 10.72
CA GLU C 295 41.85 -0.83 10.93
C GLU C 295 41.96 -1.86 12.04
N GLN C 296 43.17 -2.28 12.36
CA GLN C 296 43.28 -3.26 13.43
C GLN C 296 43.24 -2.56 14.74
N LEU C 297 43.95 -1.44 14.84
CA LEU C 297 43.99 -0.61 16.04
C LEU C 297 42.54 -0.29 16.38
N PHE C 298 41.80 0.18 15.36
CA PHE C 298 40.40 0.51 15.49
C PHE C 298 39.61 -0.67 16.01
N GLN C 299 39.51 -1.73 15.21
CA GLN C 299 38.76 -2.92 15.61
C GLN C 299 39.05 -3.51 16.98
N THR C 300 40.28 -3.41 17.47
CA THR C 300 40.64 -3.91 18.80
C THR C 300 40.13 -2.94 19.90
N SER C 301 40.24 -1.64 19.65
CA SER C 301 39.75 -0.63 20.58
C SER C 301 38.24 -0.88 20.80
N LYS C 302 37.41 -0.78 19.75
CA LYS C 302 35.96 -1.06 19.90
C LYS C 302 35.67 -2.32 20.72
N LEU C 303 36.59 -3.27 20.76
CA LEU C 303 36.36 -4.45 21.55
C LEU C 303 36.66 -4.15 22.99
N ILE C 304 37.82 -3.59 23.26
CA ILE C 304 38.20 -3.24 24.65
C ILE C 304 37.15 -2.28 25.26
N LEU C 305 36.73 -1.27 24.52
CA LEU C 305 35.74 -0.34 25.04
C LEU C 305 34.47 -1.07 25.38
N ILE C 306 34.11 -2.10 24.62
CA ILE C 306 32.91 -2.87 24.98
C ILE C 306 33.24 -3.66 26.25
N GLY C 307 34.48 -4.07 26.35
CA GLY C 307 34.90 -4.79 27.54
C GLY C 307 34.76 -3.92 28.75
N GLU C 308 35.19 -2.65 28.65
CA GLU C 308 35.12 -1.65 29.73
C GLU C 308 33.67 -1.38 30.06
N THR C 309 32.87 -1.06 29.06
CA THR C 309 31.47 -0.80 29.26
C THR C 309 30.76 -1.90 30.07
N ILE C 310 30.99 -3.16 29.72
CA ILE C 310 30.33 -4.23 30.44
C ILE C 310 30.90 -4.30 31.84
N LYS C 311 32.18 -4.03 31.99
CA LYS C 311 32.78 -4.07 33.31
C LYS C 311 32.20 -2.98 34.27
N ILE C 312 32.11 -1.74 33.77
CA ILE C 312 31.56 -0.63 34.51
C ILE C 312 30.06 -0.83 34.76
N VAL C 313 29.30 -1.22 33.75
CA VAL C 313 27.87 -1.44 33.94
C VAL C 313 27.52 -2.50 34.98
N ILE C 314 28.39 -3.47 35.23
CA ILE C 314 28.09 -4.50 36.23
C ILE C 314 28.60 -4.15 37.61
N GLU C 315 29.88 -3.74 37.66
CA GLU C 315 30.53 -3.39 38.93
C GLU C 315 30.27 -2.00 39.57
N ASP C 316 29.68 -1.06 38.84
CA ASP C 316 29.40 0.25 39.40
C ASP C 316 27.93 0.58 39.26
N TYR C 317 27.48 0.79 38.03
CA TYR C 317 26.11 1.10 37.73
C TYR C 317 25.13 0.13 38.36
N VAL C 318 25.22 -1.15 38.03
CA VAL C 318 24.28 -2.12 38.63
C VAL C 318 24.57 -2.31 40.10
N GLN C 319 25.85 -2.39 40.45
CA GLN C 319 26.25 -2.58 41.83
C GLN C 319 25.61 -1.51 42.72
N HIS C 320 25.66 -0.25 42.27
CA HIS C 320 25.07 0.87 43.01
C HIS C 320 23.54 0.69 43.02
N LEU C 321 22.94 0.76 41.85
CA LEU C 321 21.53 0.61 41.69
C LEU C 321 20.97 -0.58 42.47
N SER C 322 21.82 -1.49 42.92
CA SER C 322 21.31 -2.61 43.67
C SER C 322 21.22 -2.32 45.13
N GLY C 323 22.34 -1.81 45.66
CA GLY C 323 22.44 -1.50 47.07
C GLY C 323 22.66 -2.85 47.70
N TYR C 324 23.72 -3.54 47.29
CA TYR C 324 23.95 -4.89 47.77
C TYR C 324 24.88 -5.32 48.86
N HIS C 325 25.94 -4.60 49.18
CA HIS C 325 26.89 -5.04 50.22
C HIS C 325 27.81 -6.11 49.67
N PHE C 326 27.25 -7.06 48.91
CA PHE C 326 28.03 -8.11 48.24
C PHE C 326 28.54 -7.45 46.96
N LYS C 327 29.83 -7.53 46.68
CA LYS C 327 30.33 -6.94 45.44
C LYS C 327 30.10 -7.79 44.18
N LEU C 328 29.25 -7.29 43.29
CA LEU C 328 29.01 -7.96 42.04
C LEU C 328 30.35 -7.90 41.35
N LYS C 329 30.67 -8.92 40.55
CA LYS C 329 31.93 -9.06 39.82
C LYS C 329 31.63 -9.43 38.38
N PHE C 330 32.40 -8.88 37.43
CA PHE C 330 32.22 -9.18 36.01
C PHE C 330 33.31 -10.15 35.68
N ASP C 331 32.95 -11.42 35.66
CA ASP C 331 33.92 -12.45 35.32
C ASP C 331 33.27 -13.50 34.42
N PRO C 332 33.40 -13.34 33.09
CA PRO C 332 32.83 -14.21 32.04
C PRO C 332 32.92 -15.71 32.28
N GLU C 333 33.92 -16.11 33.03
CA GLU C 333 34.15 -17.51 33.34
C GLU C 333 33.11 -18.21 34.24
N LEU C 334 32.48 -17.47 35.14
CA LEU C 334 31.49 -18.06 36.04
C LEU C 334 30.47 -18.83 35.24
N LEU C 335 30.31 -18.43 33.98
CA LEU C 335 29.38 -19.13 33.13
C LEU C 335 30.03 -20.23 32.24
N PHE C 336 31.35 -20.18 32.08
CA PHE C 336 32.06 -21.16 31.27
C PHE C 336 31.67 -22.63 31.51
N ASN C 337 31.12 -22.96 32.66
CA ASN C 337 30.73 -24.34 32.88
C ASN C 337 29.24 -24.40 33.18
N GLN C 338 28.46 -23.61 32.45
CA GLN C 338 27.02 -23.55 32.63
C GLN C 338 26.42 -23.53 31.27
N GLN C 339 25.16 -23.93 31.17
CA GLN C 339 24.46 -23.88 29.88
C GLN C 339 24.11 -22.41 29.81
N PHE C 340 24.50 -21.72 28.73
CA PHE C 340 24.21 -20.31 28.60
C PHE C 340 24.30 -19.85 27.17
N GLN C 341 23.19 -19.34 26.65
CA GLN C 341 23.12 -18.85 25.27
C GLN C 341 23.75 -17.47 25.11
N TYR C 342 24.81 -17.38 24.32
CA TYR C 342 25.46 -16.11 24.12
C TYR C 342 24.81 -15.31 23.05
N GLN C 343 23.50 -15.17 23.12
CA GLN C 343 22.80 -14.38 22.14
C GLN C 343 21.83 -13.50 22.95
N ASN C 344 21.25 -12.47 22.33
CA ASN C 344 20.32 -11.58 22.99
C ASN C 344 19.42 -10.78 22.02
N ARG C 345 18.24 -10.40 22.47
CA ARG C 345 17.28 -9.67 21.65
C ARG C 345 16.55 -8.78 22.64
N ILE C 346 16.64 -7.45 22.48
CA ILE C 346 15.96 -6.51 23.43
C ILE C 346 14.43 -6.60 23.32
N ALA C 347 13.80 -6.70 24.48
CA ALA C 347 12.34 -6.80 24.61
C ALA C 347 11.69 -5.46 24.80
N SER C 348 10.53 -5.22 24.19
CA SER C 348 9.88 -3.91 24.40
C SER C 348 9.66 -3.64 25.90
N GLU C 349 9.29 -4.69 26.64
CA GLU C 349 9.11 -4.58 28.07
C GLU C 349 10.35 -3.97 28.73
N PHE C 350 11.56 -4.40 28.36
CA PHE C 350 12.75 -3.82 28.95
C PHE C 350 12.80 -2.37 28.57
N ASN C 351 12.47 -2.06 27.33
CA ASN C 351 12.47 -0.67 26.87
C ASN C 351 11.52 0.17 27.74
N THR C 352 10.33 -0.39 27.99
CA THR C 352 9.28 0.23 28.81
C THR C 352 9.68 0.46 30.27
N LEU C 353 9.97 -0.59 31.00
CA LEU C 353 10.36 -0.43 32.38
C LEU C 353 11.53 0.48 32.59
N TYR C 354 12.26 0.78 31.51
CA TYR C 354 13.42 1.62 31.63
C TYR C 354 13.12 3.09 31.43
N HIS C 355 11.85 3.44 31.31
CA HIS C 355 11.52 4.83 31.14
C HIS C 355 11.58 5.54 32.50
N TRP C 356 12.82 5.67 32.99
CA TRP C 356 13.19 6.32 34.25
C TRP C 356 13.32 7.87 34.22
N HIS C 357 12.30 8.53 33.67
CA HIS C 357 12.29 9.98 33.61
C HIS C 357 12.37 10.68 35.02
N PRO C 358 11.85 10.03 36.09
CA PRO C 358 11.88 10.53 37.47
C PRO C 358 13.28 10.87 37.96
N LEU C 359 14.30 10.36 37.28
CA LEU C 359 15.66 10.66 37.72
C LEU C 359 15.93 12.18 37.55
N LEU C 360 15.26 12.73 36.54
CA LEU C 360 15.40 14.13 36.19
C LEU C 360 14.95 15.10 37.27
N PRO C 361 15.71 16.17 37.50
CA PRO C 361 15.32 17.13 38.52
C PRO C 361 14.54 18.19 37.78
N ASP C 362 14.63 19.44 38.25
CA ASP C 362 13.90 20.53 37.62
C ASP C 362 14.83 21.57 37.00
N THR C 363 16.04 21.62 37.53
CA THR C 363 17.07 22.50 37.00
C THR C 363 18.31 21.64 36.89
N PHE C 364 19.17 21.96 35.93
CA PHE C 364 20.41 21.20 35.79
C PHE C 364 21.40 22.22 36.29
N ASN C 365 22.06 21.88 37.37
CA ASN C 365 22.95 22.81 37.98
C ASN C 365 24.36 22.42 37.72
N ILE C 366 24.94 23.09 36.73
CA ILE C 366 26.36 22.91 36.37
C ILE C 366 27.10 24.04 37.13
N GLU C 367 27.76 23.64 38.21
CA GLU C 367 28.50 24.49 39.12
C GLU C 367 28.44 26.00 38.85
N ASP C 368 27.42 26.62 39.46
CA ASP C 368 27.12 28.08 39.42
C ASP C 368 25.76 28.53 38.90
N GLN C 369 25.22 27.85 37.90
CA GLN C 369 23.92 28.25 37.38
C GLN C 369 23.01 27.04 37.50
N GLU C 370 21.74 27.26 37.27
CA GLU C 370 20.75 26.19 37.34
C GLU C 370 20.04 26.44 36.03
N TYR C 371 19.88 25.40 35.21
CA TYR C 371 19.20 25.61 33.93
C TYR C 371 17.91 24.82 33.89
N SER C 372 16.94 25.37 33.18
CA SER C 372 15.67 24.73 33.00
C SER C 372 15.82 23.77 31.85
N PHE C 373 14.80 22.97 31.61
CA PHE C 373 14.86 22.03 30.50
C PHE C 373 15.01 22.86 29.28
N LYS C 374 14.16 23.87 29.20
CA LYS C 374 14.14 24.78 28.06
C LYS C 374 15.48 25.50 27.80
N GLN C 375 16.42 25.36 28.72
CA GLN C 375 17.73 25.97 28.56
C GLN C 375 18.78 24.90 28.33
N PHE C 376 18.53 23.70 28.86
CA PHE C 376 19.45 22.60 28.73
C PHE C 376 19.32 21.92 27.34
N LEU C 377 18.09 21.51 27.02
CA LEU C 377 17.79 20.82 25.75
C LEU C 377 18.41 21.47 24.55
N TYR C 378 19.07 20.67 23.72
CA TYR C 378 19.78 21.13 22.52
C TYR C 378 20.63 22.39 22.72
N ASN C 379 21.50 22.39 23.74
CA ASN C 379 22.34 23.56 24.01
C ASN C 379 23.74 23.14 24.40
N ASN C 380 24.60 23.00 23.40
CA ASN C 380 26.00 22.58 23.61
C ASN C 380 26.83 23.60 24.39
N SER C 381 26.59 24.87 24.02
CA SER C 381 27.28 26.03 24.55
C SER C 381 27.50 25.83 26.02
N ILE C 382 26.45 25.38 26.72
CA ILE C 382 26.55 25.09 28.14
C ILE C 382 27.82 24.25 28.40
N LEU C 383 27.92 23.09 27.74
CA LEU C 383 29.05 22.16 27.89
C LEU C 383 30.36 22.82 27.50
N LEU C 384 30.33 23.56 26.39
CA LEU C 384 31.52 24.25 25.90
C LEU C 384 31.86 25.39 26.81
N GLU C 385 30.84 25.98 27.42
CA GLU C 385 31.05 27.12 28.29
C GLU C 385 31.48 26.67 29.67
N HIS C 386 31.15 25.44 30.04
CA HIS C 386 31.50 24.97 31.36
C HIS C 386 32.62 23.97 31.45
N GLY C 387 32.96 23.35 30.33
CA GLY C 387 34.02 22.37 30.41
C GLY C 387 33.53 21.07 31.04
N LEU C 388 34.24 19.98 30.79
CA LEU C 388 33.81 18.71 31.32
C LEU C 388 34.18 18.48 32.78
N THR C 389 35.29 19.04 33.22
CA THR C 389 35.71 18.85 34.61
C THR C 389 34.63 19.49 35.51
N GLN C 390 34.33 20.76 35.22
CA GLN C 390 33.29 21.47 35.95
C GLN C 390 31.96 21.12 35.28
N PHE C 391 31.69 19.83 35.20
CA PHE C 391 30.49 19.31 34.57
C PHE C 391 30.40 17.98 35.23
N VAL C 392 31.56 17.36 35.44
CA VAL C 392 31.65 16.08 36.11
C VAL C 392 31.52 16.38 37.57
N GLU C 393 32.16 17.46 38.00
CA GLU C 393 32.12 17.88 39.41
C GLU C 393 30.70 18.24 39.83
N SER C 394 30.07 19.06 39.01
CA SER C 394 28.74 19.51 39.28
C SER C 394 27.74 18.38 39.26
N PHE C 395 27.94 17.37 38.41
CA PHE C 395 26.99 16.22 38.33
C PHE C 395 27.22 15.19 39.43
N THR C 396 28.46 15.03 39.86
CA THR C 396 28.77 14.09 40.95
C THR C 396 28.01 14.50 42.21
N ARG C 397 27.75 15.80 42.32
CA ARG C 397 27.03 16.39 43.43
C ARG C 397 25.73 16.95 42.91
N GLN C 398 24.66 16.18 42.87
CA GLN C 398 23.35 16.66 42.45
C GLN C 398 22.37 15.51 42.38
N ILE C 399 21.90 15.07 43.53
CA ILE C 399 20.96 13.96 43.62
C ILE C 399 19.90 14.00 42.51
N ALA C 400 19.45 12.81 42.12
CA ALA C 400 18.41 12.66 41.09
C ALA C 400 17.16 12.08 41.79
N GLY C 401 16.01 12.21 41.13
CA GLY C 401 14.77 11.75 41.72
C GLY C 401 14.56 10.27 41.90
N ARG C 402 13.74 9.91 42.88
CA ARG C 402 13.43 8.51 43.11
C ARG C 402 12.51 8.16 41.91
N VAL C 403 12.61 6.93 41.42
CA VAL C 403 11.80 6.55 40.27
C VAL C 403 10.48 5.97 40.69
N ALA C 404 10.59 4.92 41.51
CA ALA C 404 9.40 4.25 42.03
C ALA C 404 8.85 5.09 43.19
N GLY C 405 7.73 4.67 43.75
CA GLY C 405 7.21 5.45 44.85
C GLY C 405 5.95 6.25 44.54
N GLY C 406 6.06 7.26 43.68
CA GLY C 406 4.88 8.03 43.34
C GLY C 406 5.14 9.41 42.78
N ARG C 407 4.12 9.93 42.09
CA ARG C 407 4.10 11.25 41.48
C ARG C 407 5.42 12.01 41.37
N ASN C 408 6.39 11.49 40.64
CA ASN C 408 7.67 12.20 40.51
C ASN C 408 8.10 12.46 39.04
N VAL C 409 7.14 12.39 38.11
CA VAL C 409 7.42 12.64 36.69
C VAL C 409 7.40 14.14 36.32
N PRO C 410 8.54 14.65 35.93
CA PRO C 410 8.62 16.04 35.55
C PRO C 410 7.57 16.45 34.48
N ILE C 411 6.79 17.47 34.82
CA ILE C 411 5.76 18.01 33.93
C ILE C 411 6.29 18.34 32.52
N ALA C 412 7.61 18.43 32.35
CA ALA C 412 8.17 18.69 31.02
C ALA C 412 8.06 17.38 30.23
N VAL C 413 8.71 16.37 30.78
CA VAL C 413 8.74 15.05 30.22
C VAL C 413 7.41 14.39 30.53
N GLN C 414 6.36 15.21 30.63
CA GLN C 414 5.02 14.69 30.90
C GLN C 414 4.45 14.10 29.61
N ALA C 415 4.71 14.79 28.49
CA ALA C 415 4.26 14.38 27.16
C ALA C 415 4.70 12.95 26.95
N VAL C 416 5.90 12.66 27.46
CA VAL C 416 6.52 11.34 27.39
C VAL C 416 5.73 10.25 28.10
N ALA C 417 5.72 10.28 29.43
CA ALA C 417 4.99 9.25 30.20
C ALA C 417 3.56 9.02 29.71
N LYS C 418 2.97 10.04 29.10
CA LYS C 418 1.60 9.93 28.61
C LYS C 418 1.72 8.95 27.50
N ALA C 419 2.62 9.29 26.58
CA ALA C 419 2.91 8.45 25.43
C ALA C 419 3.20 7.03 25.94
N SER C 420 4.18 6.87 26.83
CA SER C 420 4.50 5.57 27.34
C SER C 420 3.25 4.81 27.72
N ILE C 421 2.28 5.50 28.28
CA ILE C 421 1.03 4.84 28.68
C ILE C 421 0.26 4.42 27.45
N ASP C 422 0.16 5.35 26.49
CA ASP C 422 -0.53 5.14 25.23
C ASP C 422 0.04 4.06 24.32
N GLN C 423 1.36 3.96 24.28
CA GLN C 423 2.02 2.99 23.44
C GLN C 423 1.86 1.61 23.97
N SER C 424 2.26 1.36 25.23
CA SER C 424 2.07 0.03 25.78
C SER C 424 0.62 -0.42 25.52
N ARG C 425 -0.28 0.55 25.41
CA ARG C 425 -1.70 0.35 25.15
C ARG C 425 -1.83 -0.24 23.77
N GLU C 426 -1.26 0.45 22.77
CA GLU C 426 -1.35 0.03 21.38
C GLU C 426 -0.55 -1.21 21.09
N MET C 427 0.52 -1.41 21.84
CA MET C 427 1.31 -2.61 21.65
C MET C 427 0.60 -3.78 22.31
N LYS C 428 -0.70 -3.60 22.60
CA LYS C 428 -1.54 -4.58 23.26
C LYS C 428 -0.93 -5.39 24.43
N TYR C 429 -0.22 -4.68 25.31
CA TYR C 429 0.43 -5.25 26.51
C TYR C 429 -0.53 -6.03 27.45
N GLN C 430 0.02 -6.65 28.49
CA GLN C 430 -0.83 -7.42 29.41
C GLN C 430 -0.84 -6.88 30.82
N SER C 431 -1.70 -7.47 31.65
CA SER C 431 -1.85 -7.08 33.05
C SER C 431 -0.54 -7.08 33.84
N LEU C 432 -0.39 -6.13 34.75
CA LEU C 432 0.81 -6.05 35.60
C LEU C 432 0.92 -7.34 36.41
N ASN C 433 -0.22 -7.89 36.80
CA ASN C 433 -0.22 -9.13 37.57
C ASN C 433 0.34 -10.26 36.73
N GLU C 434 -0.09 -10.33 35.47
CA GLU C 434 0.40 -11.34 34.56
C GLU C 434 1.92 -11.30 34.53
N TYR C 435 2.50 -10.13 34.30
CA TYR C 435 3.94 -10.01 34.28
C TYR C 435 4.55 -10.40 35.60
N ARG C 436 3.83 -10.18 36.69
CA ARG C 436 4.38 -10.52 38.01
C ARG C 436 4.49 -12.01 38.11
N LYS C 437 3.40 -12.68 37.72
CA LYS C 437 3.36 -14.14 37.72
C LYS C 437 4.48 -14.67 36.80
N ARG C 438 4.59 -14.08 35.62
CA ARG C 438 5.60 -14.47 34.65
C ARG C 438 6.98 -14.49 35.27
N PHE C 439 7.32 -13.45 36.02
CA PHE C 439 8.62 -13.41 36.66
C PHE C 439 8.66 -14.03 38.05
N SER C 440 7.74 -14.99 38.26
CA SER C 440 7.64 -15.74 39.49
C SER C 440 7.37 -14.84 40.69
N LEU C 441 6.52 -13.84 40.51
CA LEU C 441 6.20 -12.93 41.60
C LEU C 441 4.73 -13.12 41.96
N LYS C 442 4.38 -12.91 43.23
CA LYS C 442 2.98 -13.04 43.65
C LYS C 442 2.21 -11.78 43.29
N PRO C 443 1.09 -11.92 42.58
CA PRO C 443 0.29 -10.76 42.17
C PRO C 443 -0.32 -9.90 43.31
N TYR C 444 -0.38 -8.59 43.05
CA TYR C 444 -0.95 -7.64 43.99
C TYR C 444 -2.43 -7.87 44.17
N THR C 445 -2.83 -8.03 45.43
CA THR C 445 -4.23 -8.27 45.81
C THR C 445 -5.11 -7.03 45.85
N SER C 446 -4.49 -5.84 45.82
CA SER C 446 -5.21 -4.56 45.89
C SER C 446 -4.32 -3.43 45.42
N PHE C 447 -4.91 -2.40 44.84
CA PHE C 447 -4.12 -1.25 44.38
C PHE C 447 -3.38 -0.71 45.56
N GLU C 448 -3.97 -0.95 46.69
CA GLU C 448 -3.45 -0.53 47.96
C GLU C 448 -2.18 -1.34 48.24
N GLU C 449 -2.20 -2.65 47.95
CA GLU C 449 -1.03 -3.51 48.15
C GLU C 449 0.12 -3.04 47.30
N LEU C 450 -0.21 -2.64 46.08
CA LEU C 450 0.77 -2.15 45.12
C LEU C 450 1.51 -0.91 45.62
N THR C 451 0.74 0.09 46.02
CA THR C 451 1.27 1.36 46.48
C THR C 451 1.91 1.36 47.86
N GLY C 452 1.28 0.67 48.81
CA GLY C 452 1.79 0.66 50.17
C GLY C 452 1.24 1.84 50.97
N GLU C 453 0.72 2.83 50.23
CA GLU C 453 0.13 4.01 50.80
C GLU C 453 -1.35 3.85 50.49
N LYS C 454 -2.13 4.92 50.62
CA LYS C 454 -3.55 4.77 50.38
C LYS C 454 -4.32 5.84 49.58
N GLU C 455 -3.72 7.02 49.45
CA GLU C 455 -4.34 8.10 48.66
C GLU C 455 -4.35 7.66 47.20
N MET C 456 -3.15 7.43 46.64
CA MET C 456 -2.99 6.97 45.24
C MET C 456 -3.70 5.63 45.03
N ALA C 457 -3.45 4.68 45.93
CA ALA C 457 -4.06 3.36 45.86
C ALA C 457 -5.54 3.49 45.56
N ALA C 458 -6.26 4.15 46.46
CA ALA C 458 -7.69 4.35 46.30
C ALA C 458 -7.95 5.22 45.07
N GLU C 459 -7.02 6.12 44.78
CA GLU C 459 -7.14 7.01 43.63
C GLU C 459 -7.08 6.20 42.33
N LEU C 460 -6.24 5.16 42.30
CA LEU C 460 -6.07 4.27 41.15
C LEU C 460 -7.34 3.40 41.08
N LYS C 461 -7.65 2.74 42.19
CA LYS C 461 -8.81 1.86 42.33
C LYS C 461 -10.00 2.52 41.69
N ALA C 462 -10.03 3.85 41.78
CA ALA C 462 -11.13 4.64 41.21
C ALA C 462 -11.27 4.35 39.74
N LEU C 463 -10.13 4.32 39.03
CA LEU C 463 -10.15 4.08 37.61
C LEU C 463 -9.97 2.60 37.19
N TYR C 464 -8.95 1.92 37.70
CA TYR C 464 -8.75 0.54 37.30
C TYR C 464 -9.73 -0.49 37.85
N SER C 465 -10.29 -0.22 39.03
CA SER C 465 -11.29 -1.14 39.64
C SER C 465 -10.74 -2.52 40.06
N ASP C 466 -10.23 -3.28 39.09
CA ASP C 466 -9.67 -4.57 39.44
C ASP C 466 -8.18 -4.37 39.40
N ILE C 467 -7.48 -4.93 40.38
CA ILE C 467 -6.03 -4.85 40.39
C ILE C 467 -5.58 -5.68 39.17
N ASP C 468 -6.34 -6.72 38.87
CA ASP C 468 -6.07 -7.59 37.73
C ASP C 468 -6.46 -6.89 36.43
N VAL C 469 -6.25 -5.58 36.36
CA VAL C 469 -6.53 -4.78 35.16
C VAL C 469 -5.65 -3.53 35.20
N MET C 470 -4.78 -3.48 36.21
CA MET C 470 -3.87 -2.39 36.36
C MET C 470 -2.74 -2.68 35.38
N GLU C 471 -2.29 -1.61 34.70
CA GLU C 471 -1.22 -1.66 33.71
C GLU C 471 0.24 -1.88 34.25
N LEU C 472 1.23 -2.04 33.36
CA LEU C 472 2.62 -2.25 33.80
C LEU C 472 3.42 -0.95 34.03
N TYR C 473 3.41 -0.03 33.06
CA TYR C 473 4.16 1.22 33.20
C TYR C 473 3.80 2.05 34.43
N PRO C 474 2.50 2.45 34.57
CA PRO C 474 2.10 3.24 35.73
C PRO C 474 2.55 2.58 37.02
N ALA C 475 1.95 1.45 37.35
CA ALA C 475 2.28 0.73 38.57
C ALA C 475 3.78 0.55 38.86
N LEU C 476 4.61 0.75 37.86
CA LEU C 476 6.05 0.60 38.06
C LEU C 476 6.58 1.82 38.80
N LEU C 477 5.95 2.95 38.50
CA LEU C 477 6.29 4.23 39.15
C LEU C 477 5.48 4.44 40.46
N VAL C 478 4.18 4.11 40.39
CA VAL C 478 3.20 4.20 41.49
C VAL C 478 3.38 2.95 42.34
N GLU C 479 4.59 2.71 42.82
CA GLU C 479 4.77 1.49 43.56
C GLU C 479 5.60 1.71 44.76
N LYS C 480 5.48 0.78 45.69
CA LYS C 480 6.17 0.82 46.97
C LYS C 480 7.65 0.53 46.97
N PRO C 481 8.47 1.58 47.10
CA PRO C 481 9.92 1.41 47.13
C PRO C 481 10.34 0.48 48.25
N ARG C 482 11.22 -0.44 47.95
CA ARG C 482 11.71 -1.38 48.95
C ARG C 482 12.55 -0.44 49.75
N PRO C 483 12.60 -0.61 51.09
CA PRO C 483 13.38 0.28 51.97
C PRO C 483 13.83 1.65 51.45
N ASP C 484 15.02 2.10 51.75
CA ASP C 484 15.35 3.41 51.24
C ASP C 484 15.92 3.28 49.83
N ALA C 485 15.16 2.66 48.94
CA ALA C 485 15.61 2.41 47.59
C ALA C 485 14.80 3.13 46.53
N ILE C 486 15.31 3.12 45.29
CA ILE C 486 14.70 3.81 44.18
C ILE C 486 13.60 3.10 43.42
N PHE C 487 13.60 1.77 43.49
CA PHE C 487 12.62 0.97 42.77
C PHE C 487 11.89 0.01 43.69
N GLY C 488 10.80 -0.55 43.18
CA GLY C 488 10.03 -1.51 43.93
C GLY C 488 10.34 -2.87 43.33
N GLU C 489 9.99 -3.93 44.05
CA GLU C 489 10.24 -5.30 43.58
C GLU C 489 9.94 -5.57 42.11
N THR C 490 8.73 -5.26 41.64
CA THR C 490 8.39 -5.47 40.22
C THR C 490 9.47 -4.95 39.23
N MET C 491 9.94 -3.73 39.41
CA MET C 491 10.96 -3.19 38.54
C MET C 491 12.27 -3.91 38.72
N VAL C 492 12.60 -4.36 39.92
CA VAL C 492 13.87 -5.04 40.06
C VAL C 492 13.85 -6.47 39.56
N GLU C 493 12.69 -7.12 39.62
CA GLU C 493 12.59 -8.50 39.16
C GLU C 493 12.42 -8.70 37.64
N LEU C 494 11.79 -7.75 36.96
CA LEU C 494 11.65 -7.88 35.53
C LEU C 494 12.90 -7.41 34.79
N GLY C 495 13.58 -6.45 35.38
CA GLY C 495 14.74 -5.90 34.72
C GLY C 495 16.02 -6.67 34.85
N ALA C 496 16.31 -7.18 36.05
CA ALA C 496 17.58 -7.91 36.25
C ALA C 496 17.77 -9.11 35.31
N PRO C 497 16.70 -9.87 35.00
CA PRO C 497 16.93 -10.99 34.11
C PRO C 497 17.27 -10.34 32.79
N PHE C 498 16.42 -9.43 32.32
CA PHE C 498 16.65 -8.71 31.07
C PHE C 498 18.08 -8.11 30.97
N SER C 499 18.60 -7.57 32.06
CA SER C 499 19.88 -6.93 32.01
C SER C 499 21.10 -7.79 31.96
N LEU C 500 21.11 -8.90 32.68
CA LEU C 500 22.31 -9.72 32.71
C LEU C 500 22.49 -10.64 31.51
N LYS C 501 21.45 -10.73 30.69
CA LYS C 501 21.48 -11.52 29.44
C LYS C 501 22.25 -10.64 28.45
N GLY C 502 21.60 -9.59 27.95
CA GLY C 502 22.29 -8.70 27.06
C GLY C 502 23.66 -8.25 27.56
N LEU C 503 24.03 -8.51 28.80
CA LEU C 503 25.33 -8.10 29.28
C LEU C 503 26.28 -9.27 29.19
N MET C 504 25.86 -10.40 29.77
CA MET C 504 26.68 -11.60 29.75
C MET C 504 26.66 -12.33 28.42
N GLY C 505 25.49 -12.41 27.81
CA GLY C 505 25.35 -13.05 26.52
C GLY C 505 25.82 -12.17 25.36
N ASN C 506 27.11 -11.88 25.34
CA ASN C 506 27.74 -11.03 24.33
C ASN C 506 28.93 -11.81 23.80
N PRO C 507 29.14 -11.80 22.48
CA PRO C 507 30.27 -12.54 21.93
C PRO C 507 31.56 -12.34 22.65
N ILE C 508 31.95 -11.13 23.00
CA ILE C 508 33.25 -10.98 23.67
C ILE C 508 33.31 -11.71 25.02
N CYS C 509 32.15 -12.14 25.48
CA CYS C 509 32.04 -12.85 26.74
C CYS C 509 32.15 -14.36 26.53
N SER C 510 32.02 -14.79 25.29
CA SER C 510 32.12 -16.22 24.94
C SER C 510 33.56 -16.70 24.95
N PRO C 511 33.78 -17.89 25.53
CA PRO C 511 35.09 -18.55 25.65
C PRO C 511 36.05 -18.34 24.50
N GLN C 512 35.55 -18.35 23.25
CA GLN C 512 36.45 -18.15 22.09
C GLN C 512 37.02 -16.73 22.08
N TYR C 513 36.20 -15.76 22.51
CA TYR C 513 36.65 -14.39 22.56
C TYR C 513 37.38 -14.02 23.87
N TRP C 514 36.93 -14.56 25.00
CA TRP C 514 37.53 -14.20 26.26
C TRP C 514 39.00 -14.55 26.53
N LYS C 515 39.92 -13.86 25.88
CA LYS C 515 41.34 -14.11 26.10
C LYS C 515 42.19 -13.02 25.49
N PRO C 516 43.32 -12.69 26.14
CA PRO C 516 44.31 -11.68 25.77
C PRO C 516 44.39 -11.29 24.31
N SER C 517 44.58 -12.28 23.47
CA SER C 517 44.71 -12.02 22.05
C SER C 517 43.57 -11.20 21.47
N THR C 518 42.34 -11.54 21.86
CA THR C 518 41.17 -10.84 21.34
C THR C 518 41.30 -9.35 21.49
N PHE C 519 41.95 -8.96 22.57
CA PHE C 519 42.07 -7.54 22.91
C PHE C 519 43.40 -6.84 22.60
N GLY C 520 44.29 -7.51 21.89
CA GLY C 520 45.54 -6.85 21.55
C GLY C 520 46.69 -7.20 22.46
N GLY C 521 46.47 -8.07 23.43
CA GLY C 521 47.56 -8.44 24.33
C GLY C 521 47.11 -8.72 25.75
N GLU C 522 48.03 -8.62 26.72
CA GLU C 522 47.68 -8.80 28.12
C GLU C 522 47.34 -7.38 28.68
N VAL C 523 47.88 -6.36 27.99
CA VAL C 523 47.64 -4.95 28.31
C VAL C 523 46.17 -4.70 28.06
N GLY C 524 45.79 -4.57 26.80
CA GLY C 524 44.39 -4.35 26.45
C GLY C 524 43.45 -5.27 27.20
N PHE C 525 43.92 -6.42 27.69
CA PHE C 525 43.05 -7.32 28.45
C PHE C 525 42.78 -6.72 29.81
N LYS C 526 43.81 -6.25 30.47
CA LYS C 526 43.59 -5.62 31.75
C LYS C 526 42.88 -4.28 31.68
N ILE C 527 42.96 -3.59 30.54
CA ILE C 527 42.23 -2.34 30.39
C ILE C 527 40.77 -2.69 30.69
N ILE C 528 40.28 -3.79 30.11
CA ILE C 528 38.91 -4.20 30.39
C ILE C 528 38.84 -4.62 31.84
N ASN C 529 39.76 -5.47 32.27
CA ASN C 529 39.77 -5.98 33.65
C ASN C 529 39.94 -4.97 34.80
N THR C 530 40.25 -3.70 34.50
CA THR C 530 40.39 -2.70 35.58
C THR C 530 39.48 -1.48 35.38
N ALA C 531 38.58 -1.57 34.42
CA ALA C 531 37.66 -0.49 34.12
C ALA C 531 36.83 -0.03 35.33
N SER C 532 36.58 1.28 35.42
CA SER C 532 35.78 1.89 36.49
C SER C 532 35.29 3.25 36.05
N ILE C 533 34.16 3.69 36.60
CA ILE C 533 33.60 4.99 36.23
C ILE C 533 34.54 6.09 36.73
N GLN C 534 35.33 5.78 37.76
CA GLN C 534 36.29 6.74 38.28
C GLN C 534 37.46 6.86 37.31
N SER C 535 37.93 5.74 36.79
CA SER C 535 39.01 5.78 35.83
C SER C 535 38.56 6.32 34.49
N LEU C 536 37.32 6.05 34.07
CA LEU C 536 36.86 6.55 32.78
C LEU C 536 37.05 8.07 32.75
N ILE C 537 36.62 8.72 33.83
CA ILE C 537 36.73 10.16 33.96
C ILE C 537 38.14 10.64 34.27
N CYS C 538 38.84 9.88 35.12
CA CYS C 538 40.19 10.21 35.49
C CYS C 538 41.06 10.43 34.27
N ASN C 539 41.14 9.38 33.45
CA ASN C 539 41.94 9.32 32.22
C ASN C 539 41.48 10.23 31.12
N ASN C 540 40.21 10.59 31.12
CA ASN C 540 39.71 11.44 30.05
C ASN C 540 39.24 12.83 30.43
N VAL C 541 39.10 13.08 31.73
CA VAL C 541 38.65 14.40 32.14
C VAL C 541 39.78 15.18 32.77
N LYS C 542 39.86 16.45 32.36
CA LYS C 542 40.89 17.42 32.75
C LYS C 542 41.73 17.33 34.02
N GLY C 543 41.15 16.92 35.14
CA GLY C 543 41.96 16.80 36.34
C GLY C 543 41.54 15.69 37.26
N CYS C 544 41.44 14.46 36.75
CA CYS C 544 41.00 13.32 37.56
C CYS C 544 39.95 13.65 38.62
N PRO C 545 38.90 14.37 38.22
CA PRO C 545 37.83 14.76 39.10
C PRO C 545 37.28 13.49 39.80
N PHE C 546 37.03 13.55 41.09
CA PHE C 546 36.44 12.38 41.74
C PHE C 546 35.01 12.21 41.20
N THR C 547 34.54 10.98 41.06
CA THR C 547 33.18 10.75 40.57
C THR C 547 32.60 9.53 41.22
N SER C 548 31.36 9.27 40.86
CA SER C 548 30.64 8.14 41.34
C SER C 548 29.22 8.32 40.93
N PHE C 549 28.42 7.27 41.10
CA PHE C 549 27.01 7.35 40.73
C PHE C 549 26.20 7.72 41.99
N ASN C 550 26.93 8.24 42.96
CA ASN C 550 26.32 8.62 44.23
C ASN C 550 26.71 10.03 44.70
N VAL C 551 25.68 10.84 44.96
CA VAL C 551 25.85 12.17 45.46
C VAL C 551 26.30 11.91 46.88
N GLN C 552 27.60 11.72 46.93
CA GLN C 552 28.37 11.43 48.11
C GLN C 552 27.56 11.29 49.40
N ALA D 1 55.18 -10.60 5.86
CA ALA D 1 56.30 -10.10 6.71
C ALA D 1 55.90 -10.36 8.16
N ASN D 2 54.59 -10.30 8.38
CA ASN D 2 54.00 -10.54 9.68
C ASN D 2 54.53 -11.87 10.21
N PRO D 3 55.19 -11.85 11.39
CA PRO D 3 55.76 -13.04 12.04
C PRO D 3 54.77 -14.18 12.14
N CYS D 4 53.49 -13.85 12.23
CA CYS D 4 52.51 -14.91 12.27
C CYS D 4 52.38 -15.68 10.95
N CYS D 5 52.89 -15.08 9.86
CA CYS D 5 52.85 -15.67 8.51
C CYS D 5 53.08 -17.16 8.45
N SER D 6 54.07 -17.62 9.20
CA SER D 6 54.42 -19.03 9.25
C SER D 6 53.47 -19.92 10.11
N ASN D 7 52.31 -19.40 10.49
CA ASN D 7 51.35 -20.16 11.28
C ASN D 7 52.02 -20.91 12.44
N PRO D 8 52.94 -20.24 13.15
CA PRO D 8 53.66 -20.86 14.27
C PRO D 8 52.82 -21.53 15.38
N CYS D 9 51.73 -20.86 15.75
CA CYS D 9 50.89 -21.35 16.85
C CYS D 9 50.11 -22.65 16.60
N GLN D 10 50.70 -23.71 17.13
CA GLN D 10 50.16 -25.04 17.02
C GLN D 10 49.04 -25.24 18.03
N ASN D 11 48.38 -26.38 17.94
CA ASN D 11 47.30 -26.77 18.85
C ASN D 11 46.12 -25.85 19.04
N ARG D 12 45.71 -25.13 18.00
CA ARG D 12 44.55 -24.24 18.09
C ARG D 12 44.78 -22.94 18.93
N GLY D 13 46.05 -22.62 19.21
CA GLY D 13 46.40 -21.42 19.96
C GLY D 13 46.30 -20.27 18.97
N GLU D 14 46.43 -19.02 19.45
CA GLU D 14 46.32 -17.87 18.55
C GLU D 14 47.59 -17.07 18.40
N CYS D 15 48.01 -16.85 17.18
CA CYS D 15 49.24 -16.10 16.97
C CYS D 15 48.93 -14.60 16.90
N MET D 16 49.76 -13.82 17.60
CA MET D 16 49.61 -12.38 17.54
C MET D 16 51.00 -11.82 17.33
N SER D 17 51.07 -10.89 16.39
CA SER D 17 52.31 -10.21 16.07
C SER D 17 52.66 -9.36 17.24
N THR D 18 53.94 -9.27 17.57
CA THR D 18 54.34 -8.44 18.70
C THR D 18 55.59 -7.60 18.45
N GLY D 19 55.65 -6.98 17.26
CA GLY D 19 56.78 -6.13 16.97
C GLY D 19 57.53 -6.38 15.69
N PHE D 20 56.80 -6.51 14.58
CA PHE D 20 57.44 -6.73 13.26
C PHE D 20 58.04 -8.12 12.97
N ASP D 21 59.01 -8.51 13.80
CA ASP D 21 59.67 -9.78 13.63
C ASP D 21 59.19 -10.84 14.61
N GLN D 22 58.80 -10.44 15.81
CA GLN D 22 58.35 -11.42 16.80
C GLN D 22 56.84 -11.57 16.81
N TYR D 23 56.37 -12.75 17.23
CA TYR D 23 54.93 -13.09 17.32
C TYR D 23 54.69 -13.72 18.72
N LYS D 24 53.43 -13.98 19.06
CA LYS D 24 53.09 -14.57 20.36
C LYS D 24 51.89 -15.52 20.22
N CYS D 25 51.85 -16.59 21.01
CA CYS D 25 50.74 -17.57 20.94
C CYS D 25 49.73 -17.62 22.12
N ASP D 26 48.45 -17.50 21.80
CA ASP D 26 47.43 -17.56 22.82
C ASP D 26 47.02 -19.03 23.05
N CYS D 27 47.84 -19.74 23.83
CA CYS D 27 47.57 -21.14 24.12
C CYS D 27 46.38 -21.32 25.08
N THR D 28 45.56 -20.29 25.23
CA THR D 28 44.44 -20.33 26.17
C THR D 28 43.42 -21.46 25.95
N ARG D 29 43.17 -22.21 27.01
CA ARG D 29 42.21 -23.29 26.97
C ARG D 29 42.46 -24.34 25.88
N THR D 30 43.70 -24.40 25.36
CA THR D 30 44.05 -25.39 24.34
C THR D 30 44.35 -26.73 25.00
N GLY D 31 45.07 -26.68 26.10
CA GLY D 31 45.43 -27.91 26.75
C GLY D 31 46.90 -28.13 26.41
N PHE D 32 47.53 -27.06 25.96
CA PHE D 32 48.94 -27.09 25.63
C PHE D 32 49.58 -25.74 25.95
N TYR D 33 50.84 -25.75 26.39
CA TYR D 33 51.59 -24.52 26.64
C TYR D 33 52.90 -24.48 25.86
N GLY D 34 53.72 -23.47 26.16
CA GLY D 34 54.99 -23.31 25.46
C GLY D 34 54.85 -22.41 24.23
N GLU D 35 55.98 -21.91 23.72
CA GLU D 35 56.01 -21.01 22.59
C GLU D 35 55.01 -21.26 21.45
N ASN D 36 54.74 -22.52 21.12
CA ASN D 36 53.79 -22.79 20.03
C ASN D 36 52.57 -23.60 20.43
N CYS D 37 52.23 -23.57 21.73
CA CYS D 37 51.08 -24.32 22.24
C CYS D 37 51.30 -25.76 21.83
N THR D 38 52.57 -26.15 21.96
CA THR D 38 53.09 -27.46 21.61
C THR D 38 53.09 -28.49 22.73
N THR D 39 53.61 -28.15 23.90
CA THR D 39 53.62 -29.11 25.00
C THR D 39 52.27 -29.28 25.71
N PRO D 40 51.75 -30.51 25.79
CA PRO D 40 50.47 -30.79 26.44
C PRO D 40 50.44 -30.72 27.93
N GLU D 41 49.25 -30.41 28.43
CA GLU D 41 49.00 -30.36 29.86
C GLU D 41 48.91 -31.85 30.19
N PHE D 42 49.43 -32.24 31.34
CA PHE D 42 49.41 -33.64 31.75
C PHE D 42 48.08 -34.37 31.43
N LEU D 43 46.97 -33.82 31.90
CA LEU D 43 45.67 -34.43 31.63
C LEU D 43 45.44 -34.55 30.10
N THR D 44 45.98 -33.59 29.37
CA THR D 44 45.89 -33.59 27.91
C THR D 44 46.49 -34.91 27.39
N ARG D 45 47.64 -35.26 27.96
CA ARG D 45 48.33 -36.50 27.63
C ARG D 45 47.34 -37.67 27.74
N ILE D 46 46.71 -37.77 28.89
CA ILE D 46 45.76 -38.83 29.18
C ILE D 46 44.73 -38.98 28.09
N LYS D 47 44.14 -37.85 27.70
CA LYS D 47 43.13 -37.87 26.65
C LYS D 47 43.77 -38.26 25.32
N LEU D 48 44.93 -37.64 25.03
CA LEU D 48 45.63 -37.94 23.78
C LEU D 48 45.85 -39.43 23.59
N LEU D 49 46.22 -40.11 24.66
CA LEU D 49 46.42 -41.54 24.57
C LEU D 49 45.14 -42.26 24.17
N LEU D 50 44.08 -42.01 24.92
CA LEU D 50 42.84 -42.66 24.64
C LEU D 50 42.13 -42.30 23.34
N LYS D 51 42.51 -41.18 22.75
CA LYS D 51 41.91 -40.74 21.49
C LYS D 51 41.97 -41.80 20.35
N PRO D 52 40.82 -42.43 20.04
CA PRO D 52 40.85 -43.43 18.96
C PRO D 52 40.82 -42.68 17.64
N THR D 53 41.59 -43.17 16.66
CA THR D 53 41.60 -42.51 15.35
C THR D 53 40.23 -42.61 14.67
N PRO D 54 39.83 -41.52 13.98
CA PRO D 54 38.55 -41.41 13.27
C PRO D 54 38.26 -42.64 12.43
N ASN D 55 39.32 -43.17 11.86
CA ASN D 55 39.20 -44.35 11.01
C ASN D 55 38.86 -45.58 11.85
N THR D 56 39.44 -45.69 13.05
CA THR D 56 39.16 -46.83 13.94
C THR D 56 37.68 -46.80 14.21
N VAL D 57 37.25 -45.66 14.72
CA VAL D 57 35.87 -45.43 15.02
C VAL D 57 35.07 -45.72 13.75
N HIS D 58 35.57 -45.22 12.63
CA HIS D 58 34.91 -45.42 11.36
C HIS D 58 34.70 -46.93 11.14
N TYR D 59 35.75 -47.69 11.43
CA TYR D 59 35.71 -49.12 11.27
C TYR D 59 34.57 -49.66 12.14
N ILE D 60 34.80 -49.49 13.43
CA ILE D 60 33.88 -49.94 14.44
C ILE D 60 32.44 -49.54 14.17
N LEU D 61 32.25 -48.38 13.57
CA LEU D 61 30.92 -47.87 13.26
C LEU D 61 30.31 -48.61 12.08
N THR D 62 31.14 -48.79 11.05
CA THR D 62 30.73 -49.45 9.81
C THR D 62 30.64 -50.98 9.85
N HIS D 63 31.13 -51.57 10.94
CA HIS D 63 31.10 -53.02 11.09
C HIS D 63 30.08 -53.52 12.11
N PHE D 64 30.29 -54.73 12.62
CA PHE D 64 29.43 -55.33 13.65
C PHE D 64 27.92 -55.18 13.49
N LYS D 65 27.46 -55.14 12.24
CA LYS D 65 26.04 -54.97 11.91
C LYS D 65 25.00 -55.58 12.86
N GLY D 66 25.34 -56.71 13.47
CA GLY D 66 24.42 -57.37 14.39
C GLY D 66 24.49 -56.76 15.77
N VAL D 67 25.71 -56.46 16.20
CA VAL D 67 25.95 -55.83 17.49
C VAL D 67 25.14 -54.55 17.34
N TRP D 68 25.42 -53.84 16.24
CA TRP D 68 24.76 -52.58 15.93
C TRP D 68 23.26 -52.71 15.91
N ASN D 69 22.75 -53.87 15.49
CA ASN D 69 21.30 -54.01 15.44
C ASN D 69 20.71 -54.07 16.83
N ILE D 70 21.43 -54.69 17.76
CA ILE D 70 20.98 -54.78 19.16
C ILE D 70 20.77 -53.33 19.69
N VAL D 71 21.82 -52.53 19.48
CA VAL D 71 21.87 -51.13 19.85
C VAL D 71 20.63 -50.44 19.28
N ASN D 72 20.46 -50.48 17.97
CA ASN D 72 19.31 -49.86 17.27
C ASN D 72 17.96 -50.28 17.82
N ASN D 73 17.97 -51.17 18.80
CA ASN D 73 16.74 -51.67 19.40
C ASN D 73 16.62 -51.41 20.91
N ILE D 74 17.70 -50.92 21.51
CA ILE D 74 17.69 -50.57 22.92
C ILE D 74 17.69 -49.05 22.90
N PRO D 75 16.50 -48.44 22.88
CA PRO D 75 16.30 -46.98 22.84
C PRO D 75 17.31 -46.25 23.69
N PHE D 76 17.32 -46.58 24.97
CA PHE D 76 18.20 -46.00 25.97
C PHE D 76 19.64 -46.01 25.45
N LEU D 77 19.99 -47.08 24.75
CA LEU D 77 21.32 -47.19 24.18
C LEU D 77 21.55 -46.28 22.97
N ARG D 78 20.66 -46.40 21.98
CA ARG D 78 20.76 -45.64 20.74
C ARG D 78 20.89 -44.15 21.02
N SER D 79 19.90 -43.61 21.72
CA SER D 79 19.85 -42.20 22.10
C SER D 79 21.21 -41.88 22.74
N LEU D 80 21.60 -42.72 23.69
CA LEU D 80 22.87 -42.60 24.38
C LEU D 80 23.99 -42.42 23.33
N ILE D 81 24.00 -43.26 22.29
CA ILE D 81 25.01 -43.17 21.22
C ILE D 81 24.86 -41.84 20.45
N MET D 82 23.63 -41.59 20.00
CA MET D 82 23.27 -40.39 19.25
C MET D 82 23.85 -39.14 19.94
N LYS D 83 23.72 -39.10 21.25
CA LYS D 83 24.20 -37.98 22.00
C LYS D 83 25.70 -37.81 21.77
N TYR D 84 26.49 -38.85 22.05
CA TYR D 84 27.95 -38.75 21.89
C TYR D 84 28.38 -38.15 20.56
N VAL D 85 27.89 -38.78 19.50
CA VAL D 85 28.23 -38.30 18.18
C VAL D 85 27.84 -36.84 18.15
N LEU D 86 26.62 -36.54 18.56
CA LEU D 86 26.12 -35.17 18.58
C LEU D 86 27.00 -34.10 19.27
N THR D 87 27.59 -34.45 20.42
CA THR D 87 28.42 -33.50 21.17
C THR D 87 29.84 -33.32 20.65
N SER D 88 30.58 -34.43 20.63
CA SER D 88 31.98 -34.48 20.17
C SER D 88 32.14 -33.68 18.89
N ARG D 89 31.26 -33.98 17.94
CA ARG D 89 31.20 -33.35 16.63
C ARG D 89 31.27 -31.83 16.78
N SER D 90 30.56 -31.31 17.77
CA SER D 90 30.51 -29.88 17.96
C SER D 90 31.63 -29.11 18.68
N TYR D 91 32.40 -29.74 19.56
CA TYR D 91 33.46 -28.95 20.21
C TYR D 91 34.40 -28.36 19.16
N LEU D 92 34.30 -28.86 17.93
CA LEU D 92 35.17 -28.40 16.85
C LEU D 92 34.85 -27.05 16.21
N ILE D 93 33.57 -26.67 16.13
CA ILE D 93 33.22 -25.39 15.51
C ILE D 93 33.07 -24.17 16.43
N ASP D 94 33.39 -23.00 15.90
CA ASP D 94 33.36 -21.74 16.63
C ASP D 94 32.02 -21.04 16.75
N SER D 95 31.48 -21.01 17.96
CA SER D 95 30.20 -20.36 18.19
C SER D 95 30.21 -19.70 19.56
N PRO D 96 30.04 -18.38 19.59
CA PRO D 96 29.85 -17.53 18.40
C PRO D 96 31.04 -17.43 17.47
N PRO D 97 30.78 -17.08 16.21
CA PRO D 97 31.68 -16.90 15.08
C PRO D 97 32.89 -16.01 15.32
N THR D 98 33.96 -16.31 14.58
CA THR D 98 35.20 -15.55 14.66
C THR D 98 35.63 -14.87 13.33
N TYR D 99 36.64 -15.44 12.65
CA TYR D 99 37.23 -14.88 11.43
C TYR D 99 36.50 -14.88 10.12
N ASN D 100 37.14 -14.27 9.13
CA ASN D 100 36.62 -14.25 7.77
C ASN D 100 37.57 -13.64 6.73
N VAL D 101 37.11 -13.67 5.48
CA VAL D 101 37.80 -13.12 4.30
C VAL D 101 38.72 -11.99 4.65
N HIS D 102 38.19 -10.98 5.34
CA HIS D 102 38.96 -9.80 5.71
C HIS D 102 39.54 -9.77 7.11
N TYR D 103 38.96 -10.55 8.02
CA TYR D 103 39.46 -10.50 9.37
C TYR D 103 40.15 -11.74 9.86
N GLY D 104 41.45 -11.59 9.98
CA GLY D 104 42.28 -12.68 10.45
C GLY D 104 42.32 -12.58 11.94
N TYR D 105 41.75 -11.48 12.45
CA TYR D 105 41.64 -11.23 13.91
C TYR D 105 40.17 -11.20 14.20
N LYS D 106 39.80 -11.28 15.49
CA LYS D 106 38.39 -11.31 15.88
C LYS D 106 37.39 -10.20 15.55
N SER D 107 37.78 -8.92 15.68
CA SER D 107 36.91 -7.78 15.34
C SER D 107 35.33 -7.82 15.43
N TRP D 108 34.72 -6.72 15.86
CA TRP D 108 33.26 -6.68 15.96
C TRP D 108 32.69 -6.78 14.55
N GLU D 109 33.34 -6.10 13.60
CA GLU D 109 32.93 -6.03 12.19
C GLU D 109 32.70 -7.42 11.63
N ALA D 110 33.64 -8.29 11.98
CA ALA D 110 33.57 -9.69 11.57
C ALA D 110 32.32 -10.27 12.26
N PHE D 111 32.39 -10.33 13.58
CA PHE D 111 31.28 -10.88 14.34
C PHE D 111 29.88 -10.41 13.97
N SER D 112 29.73 -9.14 13.66
CA SER D 112 28.45 -8.58 13.35
C SER D 112 27.95 -8.70 11.91
N ASN D 113 28.85 -8.51 10.93
CA ASN D 113 28.47 -8.53 9.52
C ASN D 113 27.91 -9.82 9.00
N LEU D 114 26.60 -9.89 8.89
CA LEU D 114 25.99 -11.14 8.43
C LEU D 114 26.14 -11.48 6.96
N SER D 115 26.65 -10.56 6.15
CA SER D 115 26.84 -10.81 4.72
C SER D 115 28.05 -11.70 4.41
N TYR D 116 29.04 -11.70 5.28
CA TYR D 116 30.20 -12.54 5.15
C TYR D 116 29.87 -14.03 5.38
N TYR D 117 30.80 -14.92 5.04
CA TYR D 117 30.67 -16.36 5.30
C TYR D 117 31.69 -16.41 6.40
N THR D 118 31.45 -17.15 7.46
CA THR D 118 32.46 -17.19 8.50
C THR D 118 33.63 -18.01 8.00
N ARG D 119 34.74 -18.02 8.74
CA ARG D 119 35.87 -18.79 8.30
C ARG D 119 36.38 -19.66 9.42
N ALA D 120 36.57 -20.95 9.13
CA ALA D 120 37.06 -21.91 10.12
C ALA D 120 38.53 -21.74 10.41
N LEU D 121 39.22 -21.04 9.51
CA LEU D 121 40.63 -20.80 9.70
C LEU D 121 40.81 -19.43 9.10
N PRO D 122 41.68 -18.63 9.72
CA PRO D 122 41.92 -17.28 9.22
C PRO D 122 42.51 -17.30 7.84
N PRO D 123 42.30 -16.22 7.09
CA PRO D 123 42.91 -16.24 5.78
C PRO D 123 44.41 -15.96 6.06
N VAL D 124 45.19 -15.91 4.99
CA VAL D 124 46.61 -15.64 5.09
C VAL D 124 46.91 -14.15 4.82
N ALA D 125 47.84 -13.64 5.63
CA ALA D 125 48.22 -12.24 5.56
C ALA D 125 48.55 -11.85 4.15
N ASP D 126 48.02 -10.72 3.69
CA ASP D 126 48.32 -10.29 2.33
C ASP D 126 49.76 -9.90 2.22
N ASP D 127 50.46 -9.80 3.35
CA ASP D 127 51.85 -9.39 3.29
C ASP D 127 52.81 -10.54 3.56
N CYS D 128 52.27 -11.74 3.58
CA CYS D 128 53.13 -12.91 3.77
C CYS D 128 54.04 -13.13 2.50
N PRO D 129 55.08 -14.00 2.59
CA PRO D 129 55.94 -14.18 1.43
C PRO D 129 55.35 -15.11 0.38
N THR D 130 54.71 -16.21 0.81
CA THR D 130 54.11 -17.16 -0.13
C THR D 130 52.62 -17.34 0.19
N PRO D 131 51.82 -17.61 -0.85
CA PRO D 131 50.37 -17.80 -0.72
C PRO D 131 49.89 -18.81 0.31
N MET D 132 50.76 -19.66 0.78
CA MET D 132 50.34 -20.62 1.79
C MET D 132 51.02 -20.26 3.08
N GLY D 133 51.66 -19.13 3.02
CA GLY D 133 52.36 -18.61 4.16
C GLY D 133 53.78 -18.24 3.82
N VAL D 134 54.65 -19.17 4.16
CA VAL D 134 56.05 -18.97 3.92
C VAL D 134 56.59 -20.15 3.06
N LYS D 135 55.85 -21.27 3.09
CA LYS D 135 56.19 -22.49 2.33
C LYS D 135 55.61 -22.42 0.90
N GLY D 136 56.40 -22.85 -0.07
CA GLY D 136 55.95 -22.84 -1.45
C GLY D 136 56.66 -21.80 -2.30
N ASN D 137 56.10 -21.48 -3.47
CA ASN D 137 56.72 -20.50 -4.36
C ASN D 137 55.86 -19.28 -4.46
N LYS D 138 56.42 -18.21 -5.03
CA LYS D 138 55.71 -16.96 -5.28
C LYS D 138 54.32 -17.28 -5.80
N GLU D 139 54.14 -18.44 -6.45
CA GLU D 139 52.83 -18.85 -6.92
C GLU D 139 52.47 -20.30 -6.53
N LEU D 140 51.28 -20.69 -6.95
CA LEU D 140 50.75 -22.03 -6.71
C LEU D 140 50.57 -22.70 -8.07
N PRO D 141 50.38 -24.04 -8.09
CA PRO D 141 50.19 -24.81 -9.33
C PRO D 141 49.14 -24.14 -10.17
N ASP D 142 49.32 -24.18 -11.48
CA ASP D 142 48.35 -23.58 -12.36
C ASP D 142 47.03 -24.30 -12.13
N SER D 143 45.98 -23.52 -11.96
CA SER D 143 44.64 -24.03 -11.76
C SER D 143 44.19 -24.96 -12.90
N LYS D 144 44.16 -24.38 -14.10
CA LYS D 144 43.75 -25.08 -15.30
C LYS D 144 44.42 -26.42 -15.35
N GLU D 145 45.68 -26.42 -14.96
CA GLU D 145 46.51 -27.61 -14.95
C GLU D 145 46.03 -28.63 -13.93
N VAL D 146 45.95 -28.23 -12.66
CA VAL D 146 45.50 -29.15 -11.60
C VAL D 146 44.12 -29.74 -11.97
N LEU D 147 43.30 -28.85 -12.54
CA LEU D 147 41.94 -29.14 -12.98
C LEU D 147 41.94 -30.36 -13.90
N GLU D 148 42.80 -30.29 -14.91
CA GLU D 148 42.95 -31.34 -15.92
C GLU D 148 43.68 -32.59 -15.47
N LYS D 149 44.85 -32.44 -14.88
CA LYS D 149 45.61 -33.60 -14.44
C LYS D 149 44.93 -34.51 -13.43
N VAL D 150 44.49 -34.00 -12.29
CA VAL D 150 43.87 -34.89 -11.30
C VAL D 150 42.37 -34.75 -11.07
N LEU D 151 41.75 -33.72 -11.61
CA LEU D 151 40.33 -33.54 -11.36
C LEU D 151 39.32 -34.03 -12.37
N LEU D 152 39.38 -33.49 -13.59
CA LEU D 152 38.43 -33.85 -14.64
C LEU D 152 38.18 -35.35 -14.84
N ARG D 153 36.94 -35.65 -15.19
CA ARG D 153 36.49 -37.02 -15.43
C ARG D 153 36.83 -37.52 -16.85
N ARG D 154 37.36 -38.74 -16.94
CA ARG D 154 37.67 -39.35 -18.24
C ARG D 154 36.49 -40.28 -18.44
N GLU D 155 36.41 -41.28 -17.57
CA GLU D 155 35.35 -42.25 -17.64
C GLU D 155 34.57 -42.12 -16.34
N PHE D 156 33.25 -42.00 -16.48
CA PHE D 156 32.38 -41.88 -15.32
C PHE D 156 32.58 -43.00 -14.32
N ILE D 157 32.99 -42.63 -13.11
CA ILE D 157 33.17 -43.61 -12.05
C ILE D 157 31.91 -43.46 -11.22
N PRO D 158 31.22 -44.58 -10.93
CA PRO D 158 30.00 -44.46 -10.11
C PRO D 158 30.39 -44.49 -8.64
N ASP D 159 29.45 -44.10 -7.80
CA ASP D 159 29.68 -44.09 -6.36
C ASP D 159 29.50 -45.52 -5.82
N PRO D 160 30.51 -46.04 -5.12
CA PRO D 160 30.39 -47.38 -4.56
C PRO D 160 29.33 -47.41 -3.43
N GLN D 161 28.79 -46.26 -3.07
CA GLN D 161 27.77 -46.21 -2.00
C GLN D 161 26.32 -46.30 -2.48
N GLY D 162 26.10 -46.06 -3.77
CA GLY D 162 24.77 -46.19 -4.28
C GLY D 162 23.98 -44.94 -4.40
N SER D 163 24.60 -43.82 -4.05
CA SER D 163 23.95 -42.53 -4.12
C SER D 163 23.32 -42.36 -5.51
N ASN D 164 22.01 -42.34 -5.59
CA ASN D 164 21.34 -42.18 -6.86
C ASN D 164 21.12 -40.72 -7.29
N MET D 165 20.12 -40.45 -8.12
CA MET D 165 19.86 -39.09 -8.58
C MET D 165 18.95 -38.32 -7.61
N MET D 166 18.09 -39.03 -6.90
CA MET D 166 17.20 -38.41 -5.95
C MET D 166 18.09 -37.77 -4.91
N PHE D 167 19.16 -38.45 -4.53
CA PHE D 167 20.09 -37.92 -3.55
C PHE D 167 20.85 -36.72 -4.10
N ALA D 168 21.66 -36.89 -5.11
CA ALA D 168 22.42 -35.76 -5.66
C ALA D 168 21.60 -34.48 -5.79
N PHE D 169 20.40 -34.57 -6.32
CA PHE D 169 19.57 -33.38 -6.46
C PHE D 169 19.05 -32.87 -5.11
N PHE D 170 18.76 -33.78 -4.19
CA PHE D 170 18.32 -33.37 -2.87
C PHE D 170 19.41 -32.47 -2.28
N ALA D 171 20.65 -32.96 -2.26
CA ALA D 171 21.76 -32.19 -1.73
C ALA D 171 22.00 -30.86 -2.47
N GLN D 172 21.56 -30.77 -3.72
CA GLN D 172 21.76 -29.50 -4.44
C GLN D 172 20.76 -28.51 -3.90
N HIS D 173 19.50 -28.92 -3.92
CA HIS D 173 18.36 -28.16 -3.42
C HIS D 173 18.61 -27.77 -1.96
N PHE D 174 18.79 -28.76 -1.09
CA PHE D 174 19.04 -28.53 0.33
C PHE D 174 20.14 -27.50 0.60
N THR D 175 21.40 -27.79 0.31
CA THR D 175 22.46 -26.81 0.58
C THR D 175 22.30 -25.49 -0.15
N HIS D 176 21.46 -25.44 -1.17
CA HIS D 176 21.30 -24.19 -1.90
C HIS D 176 20.44 -23.11 -1.31
N GLN D 177 20.00 -23.33 -0.07
CA GLN D 177 19.24 -22.31 0.63
C GLN D 177 20.31 -21.64 1.46
N PHE D 178 21.27 -22.39 1.99
CA PHE D 178 22.34 -21.73 2.73
C PHE D 178 23.59 -21.35 1.94
N PHE D 179 23.88 -22.02 0.82
CA PHE D 179 25.05 -21.62 0.03
C PHE D 179 24.41 -20.79 -1.05
N LYS D 180 24.65 -19.48 -0.98
CA LYS D 180 24.10 -18.51 -1.93
C LYS D 180 25.02 -17.29 -2.11
N THR D 181 26.24 -17.50 -2.56
CA THR D 181 27.18 -16.41 -2.80
C THR D 181 26.65 -15.14 -3.51
N ASP D 182 27.06 -14.01 -2.97
CA ASP D 182 26.72 -12.67 -3.44
C ASP D 182 27.91 -12.29 -4.32
N HIS D 183 27.92 -12.81 -5.55
CA HIS D 183 29.03 -12.54 -6.45
C HIS D 183 29.30 -11.07 -6.66
N LYS D 184 28.25 -10.28 -6.60
CA LYS D 184 28.38 -8.85 -6.82
C LYS D 184 29.30 -8.31 -5.73
N ARG D 185 29.26 -8.94 -4.57
CA ARG D 185 30.11 -8.52 -3.47
C ARG D 185 31.45 -9.26 -3.57
N GLY D 186 31.37 -10.56 -3.85
CA GLY D 186 32.56 -11.37 -4.00
C GLY D 186 32.42 -12.72 -3.35
N PRO D 187 33.36 -13.67 -3.56
CA PRO D 187 33.16 -14.94 -2.87
C PRO D 187 33.48 -14.59 -1.44
N GLY D 188 32.94 -15.37 -0.53
CA GLY D 188 33.16 -15.04 0.88
C GLY D 188 31.92 -14.33 1.38
N PHE D 189 31.07 -13.85 0.47
CA PHE D 189 29.84 -13.16 0.79
C PHE D 189 28.62 -13.99 0.44
N THR D 190 27.73 -14.21 1.39
CA THR D 190 26.49 -14.96 1.21
C THR D 190 25.37 -13.98 1.07
N ARG D 191 24.33 -14.40 0.38
CA ARG D 191 23.16 -13.54 0.21
C ARG D 191 22.07 -14.20 1.08
N GLY D 192 22.43 -15.33 1.69
CA GLY D 192 21.51 -16.05 2.55
C GLY D 192 21.84 -15.69 3.99
N LEU D 193 21.33 -14.53 4.40
CA LEU D 193 21.61 -14.03 5.73
C LEU D 193 21.03 -14.89 6.85
N GLY D 194 20.23 -15.88 6.45
CA GLY D 194 19.59 -16.79 7.39
C GLY D 194 20.62 -17.68 8.05
N HIS D 195 21.70 -17.95 7.30
CA HIS D 195 22.80 -18.78 7.76
C HIS D 195 22.42 -20.18 8.26
N GLY D 196 21.38 -20.77 7.68
CA GLY D 196 20.98 -22.07 8.15
C GLY D 196 19.72 -22.58 7.50
N VAL D 197 19.18 -23.65 8.08
CA VAL D 197 17.99 -24.29 7.54
C VAL D 197 16.74 -23.48 7.76
N ASP D 198 16.55 -22.46 6.94
CA ASP D 198 15.38 -21.61 7.10
C ASP D 198 14.36 -21.79 5.99
N LEU D 199 14.54 -22.82 5.17
CA LEU D 199 13.64 -23.09 4.03
C LEU D 199 13.32 -21.83 3.26
N ASN D 200 14.35 -20.99 3.14
CA ASN D 200 14.24 -19.73 2.43
C ASN D 200 14.03 -19.98 0.96
N HIS D 201 14.60 -21.09 0.48
CA HIS D 201 14.52 -21.52 -0.91
C HIS D 201 13.10 -21.84 -1.34
N ILE D 202 12.28 -22.26 -0.39
CA ILE D 202 10.89 -22.54 -0.71
C ILE D 202 10.09 -21.26 -0.60
N TYR D 203 10.37 -20.50 0.47
CA TYR D 203 9.62 -19.30 0.78
C TYR D 203 10.04 -17.95 0.28
N GLY D 204 11.29 -17.79 -0.13
CA GLY D 204 11.70 -16.47 -0.56
C GLY D 204 12.62 -15.91 0.50
N GLU D 205 13.63 -15.20 0.03
CA GLU D 205 14.64 -14.59 0.86
C GLU D 205 14.04 -13.46 1.70
N THR D 206 13.13 -12.68 1.13
CA THR D 206 12.53 -11.57 1.86
C THR D 206 11.01 -11.66 1.96
N LEU D 207 10.47 -10.99 2.98
CA LEU D 207 9.04 -10.94 3.27
C LEU D 207 8.27 -10.35 2.10
N ASP D 208 8.96 -9.51 1.34
CA ASP D 208 8.35 -8.92 0.19
C ASP D 208 8.20 -10.07 -0.86
N ARG D 209 9.23 -10.91 -1.00
CA ARG D 209 9.22 -12.05 -1.91
C ARG D 209 8.19 -13.10 -1.46
N GLN D 210 8.33 -13.54 -0.21
CA GLN D 210 7.42 -14.51 0.35
C GLN D 210 5.97 -14.12 0.14
N HIS D 211 5.68 -12.83 0.17
CA HIS D 211 4.30 -12.37 -0.02
C HIS D 211 3.83 -12.51 -1.46
N LYS D 212 4.78 -12.41 -2.38
CA LYS D 212 4.50 -12.54 -3.80
C LYS D 212 4.27 -14.01 -4.12
N LEU D 213 4.76 -14.88 -3.25
CA LEU D 213 4.65 -16.32 -3.41
C LEU D 213 3.45 -16.95 -2.73
N ARG D 214 2.93 -16.26 -1.73
CA ARG D 214 1.79 -16.73 -0.96
C ARG D 214 0.40 -16.43 -1.52
N LEU D 215 -0.52 -17.38 -1.33
CA LEU D 215 -1.88 -17.27 -1.81
C LEU D 215 -2.75 -16.48 -0.84
N PHE D 216 -2.28 -16.41 0.42
CA PHE D 216 -3.00 -15.73 1.52
C PHE D 216 -4.41 -16.34 1.55
N LYS D 217 -4.49 -17.60 1.96
CA LYS D 217 -5.75 -18.29 1.98
C LYS D 217 -5.40 -19.70 2.45
N ASP D 218 -5.83 -20.06 3.64
CA ASP D 218 -5.53 -21.36 4.21
C ASP D 218 -4.05 -21.54 4.36
N GLY D 219 -3.30 -20.43 4.35
CA GLY D 219 -1.84 -20.48 4.50
C GLY D 219 -1.07 -21.06 3.31
N LYS D 220 -1.84 -21.47 2.31
CA LYS D 220 -1.29 -22.05 1.13
C LYS D 220 -0.39 -21.14 0.32
N LEU D 221 0.63 -21.76 -0.31
CA LEU D 221 1.55 -21.07 -1.21
C LEU D 221 0.76 -20.99 -2.53
N LYS D 222 1.11 -20.05 -3.37
CA LYS D 222 0.41 -19.92 -4.63
C LYS D 222 0.92 -21.06 -5.48
N TYR D 223 0.09 -21.50 -6.43
CA TYR D 223 0.46 -22.59 -7.33
C TYR D 223 -0.47 -22.61 -8.56
N GLN D 224 -0.27 -23.61 -9.43
CA GLN D 224 -1.11 -23.79 -10.62
C GLN D 224 -1.24 -25.26 -11.00
N VAL D 225 -2.34 -25.57 -11.67
CA VAL D 225 -2.60 -26.94 -12.09
C VAL D 225 -2.42 -27.10 -13.60
N ILE D 226 -1.30 -27.73 -13.95
CA ILE D 226 -0.99 -27.98 -15.35
C ILE D 226 -1.40 -29.43 -15.52
N GLY D 227 -2.07 -29.73 -16.63
CA GLY D 227 -2.51 -31.09 -16.87
C GLY D 227 -3.44 -31.39 -15.72
N GLY D 228 -3.04 -32.30 -14.85
CA GLY D 228 -3.88 -32.58 -13.72
C GLY D 228 -3.02 -32.44 -12.51
N GLU D 229 -1.79 -31.99 -12.71
CA GLU D 229 -0.88 -31.86 -11.59
C GLU D 229 -0.61 -30.43 -11.16
N VAL D 230 -0.18 -30.28 -9.90
CA VAL D 230 0.14 -28.97 -9.30
C VAL D 230 1.57 -28.60 -9.60
N TYR D 231 1.80 -27.33 -9.94
CA TYR D 231 3.13 -26.83 -10.26
C TYR D 231 3.29 -25.42 -9.74
N PRO D 232 4.54 -24.97 -9.50
CA PRO D 232 4.78 -23.62 -9.02
C PRO D 232 4.09 -22.64 -9.98
N PRO D 233 3.73 -21.46 -9.49
CA PRO D 233 3.07 -20.45 -10.29
C PRO D 233 4.04 -19.69 -11.20
N THR D 234 3.46 -19.00 -12.19
CA THR D 234 4.24 -18.26 -13.18
C THR D 234 4.92 -17.02 -12.64
N VAL D 235 6.12 -16.75 -13.13
CA VAL D 235 6.83 -15.54 -12.75
C VAL D 235 5.93 -14.42 -13.26
N LYS D 236 5.22 -14.70 -14.35
CA LYS D 236 4.34 -13.73 -14.96
C LYS D 236 3.31 -13.25 -13.95
N ASP D 237 2.60 -14.20 -13.38
CA ASP D 237 1.57 -13.90 -12.39
C ASP D 237 2.10 -13.32 -11.05
N THR D 238 2.83 -14.12 -10.26
CA THR D 238 3.34 -13.67 -8.98
C THR D 238 4.33 -12.53 -9.09
N GLN D 239 4.96 -12.38 -10.26
CA GLN D 239 5.87 -11.29 -10.48
C GLN D 239 7.19 -11.47 -9.78
N VAL D 240 7.42 -12.58 -9.10
CA VAL D 240 8.72 -12.69 -8.44
C VAL D 240 9.84 -12.85 -9.46
N GLU D 241 10.98 -12.22 -9.21
CA GLU D 241 12.10 -12.34 -10.13
C GLU D 241 12.75 -13.70 -9.97
N MET D 242 12.99 -14.37 -11.10
CA MET D 242 13.64 -15.67 -11.13
C MET D 242 14.69 -15.60 -12.24
N ILE D 243 15.71 -16.45 -12.20
CA ILE D 243 16.74 -16.48 -13.25
C ILE D 243 16.39 -17.48 -14.40
N TYR D 244 16.12 -16.98 -15.59
CA TYR D 244 15.75 -17.80 -16.73
C TYR D 244 16.28 -17.24 -18.05
N PRO D 245 16.84 -18.10 -18.92
CA PRO D 245 17.41 -17.71 -20.23
C PRO D 245 16.31 -17.10 -21.10
N PRO D 246 16.58 -15.95 -21.76
CA PRO D 246 15.61 -15.26 -22.62
C PRO D 246 14.84 -16.12 -23.59
N HIS D 247 15.42 -17.23 -23.97
CA HIS D 247 14.73 -18.12 -24.89
C HIS D 247 13.54 -18.86 -24.24
N ILE D 248 13.50 -18.92 -22.90
CA ILE D 248 12.42 -19.62 -22.20
C ILE D 248 11.18 -18.86 -22.59
N PRO D 249 10.10 -19.58 -22.89
CA PRO D 249 8.86 -18.94 -23.33
C PRO D 249 8.02 -18.27 -22.28
N GLU D 250 8.59 -18.02 -21.08
CA GLU D 250 7.75 -17.45 -20.01
C GLU D 250 6.76 -18.62 -19.83
N ASN D 251 5.59 -18.46 -19.26
CA ASN D 251 4.64 -19.59 -19.21
C ASN D 251 5.17 -20.92 -18.62
N LEU D 252 6.47 -20.93 -18.31
CA LEU D 252 7.15 -22.10 -17.79
C LEU D 252 8.24 -21.56 -16.90
N GLN D 253 8.27 -20.24 -16.76
CA GLN D 253 9.25 -19.62 -15.88
C GLN D 253 8.64 -19.80 -14.48
N PHE D 254 8.87 -20.96 -13.91
CA PHE D 254 8.34 -21.26 -12.60
C PHE D 254 8.87 -20.33 -11.49
N ALA D 255 7.99 -19.87 -10.60
CA ALA D 255 8.35 -18.98 -9.48
C ALA D 255 9.20 -19.56 -8.32
N VAL D 256 8.67 -20.54 -7.60
CA VAL D 256 9.40 -21.19 -6.48
C VAL D 256 9.98 -20.48 -5.23
N GLY D 257 10.84 -19.46 -5.40
CA GLY D 257 11.36 -18.85 -4.20
C GLY D 257 12.85 -18.83 -4.02
N GLN D 258 13.59 -19.25 -5.04
CA GLN D 258 15.06 -19.26 -5.01
C GLN D 258 15.37 -19.03 -6.48
N GLU D 259 15.61 -17.79 -6.85
CA GLU D 259 15.86 -17.40 -8.23
C GLU D 259 16.57 -18.38 -9.18
N VAL D 260 17.59 -19.06 -8.65
CA VAL D 260 18.35 -19.98 -9.48
C VAL D 260 17.71 -21.32 -9.80
N PHE D 261 16.79 -21.77 -8.95
CA PHE D 261 16.15 -23.07 -9.14
C PHE D 261 15.44 -23.33 -10.45
N GLY D 262 15.54 -22.38 -11.40
CA GLY D 262 14.90 -22.58 -12.69
C GLY D 262 15.90 -23.04 -13.76
N LEU D 263 17.08 -23.49 -13.34
CA LEU D 263 18.09 -23.93 -14.31
C LEU D 263 18.51 -25.40 -14.29
N VAL D 264 17.65 -26.27 -13.75
CA VAL D 264 17.88 -27.71 -13.64
C VAL D 264 16.61 -28.37 -13.13
N PRO D 265 15.89 -29.10 -13.99
CA PRO D 265 14.66 -29.77 -13.55
C PRO D 265 14.79 -30.67 -12.30
N GLY D 266 16.02 -30.88 -11.82
CA GLY D 266 16.26 -31.68 -10.64
C GLY D 266 15.93 -30.84 -9.41
N LEU D 267 16.16 -29.54 -9.51
CA LEU D 267 15.84 -28.60 -8.45
C LEU D 267 14.34 -28.43 -8.52
N MET D 268 13.84 -27.87 -9.61
CA MET D 268 12.43 -27.67 -9.73
C MET D 268 11.55 -28.88 -9.39
N MET D 269 12.10 -30.08 -9.48
CA MET D 269 11.28 -31.29 -9.18
C MET D 269 10.95 -31.26 -7.69
N TYR D 270 12.01 -31.16 -6.90
CA TYR D 270 11.93 -31.09 -5.46
C TYR D 270 11.21 -29.77 -5.05
N ALA D 271 11.53 -28.68 -5.74
CA ALA D 271 10.91 -27.41 -5.46
C ALA D 271 9.39 -27.48 -5.65
N THR D 272 8.89 -28.48 -6.38
CA THR D 272 7.46 -28.63 -6.55
C THR D 272 6.95 -29.66 -5.52
N ILE D 273 7.81 -30.56 -5.13
CA ILE D 273 7.43 -31.56 -4.15
C ILE D 273 7.17 -30.86 -2.83
N TRP D 274 8.06 -29.93 -2.45
CA TRP D 274 7.92 -29.18 -1.19
C TRP D 274 6.80 -28.15 -1.26
N LEU D 275 6.58 -27.55 -2.42
CA LEU D 275 5.48 -26.61 -2.56
C LEU D 275 4.25 -27.43 -2.24
N ARG D 276 4.17 -28.59 -2.86
CA ARG D 276 3.05 -29.49 -2.66
C ARG D 276 2.92 -29.90 -1.18
N GLU D 277 4.04 -30.12 -0.51
CA GLU D 277 4.03 -30.51 0.89
C GLU D 277 3.58 -29.38 1.81
N HIS D 278 3.72 -28.14 1.33
CA HIS D 278 3.30 -26.99 2.14
C HIS D 278 1.79 -27.12 2.25
N GLN D 279 1.08 -26.86 1.15
CA GLN D 279 -0.36 -26.93 1.16
C GLN D 279 -0.89 -28.13 1.91
N ARG D 280 -0.16 -29.23 1.84
CA ARG D 280 -0.57 -30.44 2.52
C ARG D 280 -0.68 -30.23 4.01
N VAL D 281 0.40 -29.75 4.65
CA VAL D 281 0.38 -29.50 6.07
C VAL D 281 -0.68 -28.46 6.36
N CYS D 282 -0.85 -27.49 5.45
CA CYS D 282 -1.88 -26.48 5.64
C CYS D 282 -3.23 -27.16 5.84
N ASP D 283 -3.69 -27.86 4.82
CA ASP D 283 -4.96 -28.55 4.90
C ASP D 283 -5.13 -29.41 6.17
N ILE D 284 -4.00 -29.88 6.71
CA ILE D 284 -4.03 -30.67 7.93
C ILE D 284 -4.30 -29.76 9.14
N LEU D 285 -3.50 -28.71 9.25
CA LEU D 285 -3.63 -27.72 10.32
C LEU D 285 -5.02 -27.07 10.21
N LYS D 286 -5.37 -26.58 9.04
CA LYS D 286 -6.66 -25.96 8.85
C LYS D 286 -7.81 -26.90 9.27
N GLN D 287 -7.58 -28.22 9.23
CA GLN D 287 -8.65 -29.15 9.67
C GLN D 287 -8.69 -28.96 11.17
N GLU D 288 -7.64 -29.43 11.81
CA GLU D 288 -7.44 -29.34 13.25
C GLU D 288 -7.78 -27.99 13.87
N HIS D 289 -7.66 -26.93 13.09
CA HIS D 289 -7.92 -25.60 13.61
C HIS D 289 -8.86 -24.82 12.73
N PRO D 290 -10.14 -25.15 12.78
CA PRO D 290 -11.22 -24.50 12.00
C PRO D 290 -11.19 -23.02 12.28
N GLU D 291 -10.63 -22.70 13.44
CA GLU D 291 -10.54 -21.35 13.92
C GLU D 291 -9.27 -20.59 13.64
N TRP D 292 -8.33 -21.15 12.86
CA TRP D 292 -7.08 -20.42 12.56
C TRP D 292 -7.25 -19.55 11.33
N GLY D 293 -6.34 -18.60 11.17
CA GLY D 293 -6.42 -17.75 10.01
C GLY D 293 -5.24 -18.00 9.11
N ASP D 294 -5.31 -17.47 7.89
CA ASP D 294 -4.24 -17.63 6.89
C ASP D 294 -2.81 -17.53 7.42
N GLU D 295 -2.43 -16.35 7.91
CA GLU D 295 -1.09 -16.15 8.43
C GLU D 295 -0.64 -17.11 9.52
N GLN D 296 -1.57 -17.64 10.32
CA GLN D 296 -1.14 -18.55 11.36
C GLN D 296 -0.91 -19.92 10.74
N LEU D 297 -1.83 -20.33 9.88
CA LEU D 297 -1.69 -21.59 9.18
C LEU D 297 -0.31 -21.59 8.51
N PHE D 298 -0.05 -20.53 7.73
CA PHE D 298 1.21 -20.34 7.03
C PHE D 298 2.40 -20.45 7.99
N GLN D 299 2.52 -19.52 8.91
CA GLN D 299 3.64 -19.56 9.86
C GLN D 299 3.91 -20.90 10.55
N THR D 300 2.86 -21.68 10.79
CA THR D 300 3.00 -22.97 11.48
C THR D 300 3.54 -24.01 10.52
N SER D 301 3.03 -23.99 9.30
CA SER D 301 3.51 -24.91 8.27
C SER D 301 5.03 -24.69 8.10
N LYS D 302 5.49 -23.49 7.68
CA LYS D 302 6.92 -23.23 7.55
C LYS D 302 7.74 -23.80 8.71
N LEU D 303 7.15 -23.95 9.88
CA LEU D 303 7.89 -24.46 11.03
C LEU D 303 7.95 -25.97 10.94
N ILE D 304 6.79 -26.60 10.71
CA ILE D 304 6.75 -28.07 10.58
C ILE D 304 7.70 -28.54 9.41
N LEU D 305 7.56 -27.94 8.23
CA LEU D 305 8.41 -28.24 7.10
C LEU D 305 9.88 -28.12 7.49
N ILE D 306 10.25 -27.17 8.32
CA ILE D 306 11.65 -27.09 8.70
C ILE D 306 11.89 -28.28 9.60
N GLY D 307 10.86 -28.64 10.36
CA GLY D 307 10.98 -29.77 11.27
C GLY D 307 11.27 -31.03 10.50
N GLU D 308 10.52 -31.23 9.41
CA GLU D 308 10.65 -32.36 8.49
C GLU D 308 12.04 -32.36 7.84
N THR D 309 12.37 -31.25 7.20
CA THR D 309 13.67 -31.11 6.59
C THR D 309 14.80 -31.54 7.52
N ILE D 310 14.82 -31.06 8.75
CA ILE D 310 15.91 -31.46 9.64
C ILE D 310 15.82 -32.97 9.92
N LYS D 311 14.59 -33.48 9.96
CA LYS D 311 14.34 -34.91 10.22
C LYS D 311 14.97 -35.74 9.14
N ILE D 312 14.53 -35.44 7.92
CA ILE D 312 15.00 -36.13 6.75
C ILE D 312 16.51 -35.98 6.58
N VAL D 313 17.05 -34.77 6.70
CA VAL D 313 18.48 -34.59 6.51
C VAL D 313 19.37 -35.33 7.48
N ILE D 314 18.84 -35.69 8.65
CA ILE D 314 19.68 -36.41 9.62
C ILE D 314 19.48 -37.90 9.51
N GLU D 315 18.22 -38.32 9.42
CA GLU D 315 17.90 -39.74 9.37
C GLU D 315 17.95 -40.47 8.00
N ASP D 316 18.01 -39.73 6.90
CA ASP D 316 18.11 -40.37 5.60
C ASP D 316 19.41 -39.97 4.94
N TYR D 317 19.40 -38.74 4.41
CA TYR D 317 20.53 -38.11 3.73
C TYR D 317 21.84 -38.32 4.48
N VAL D 318 22.00 -37.81 5.69
CA VAL D 318 23.26 -38.03 6.40
C VAL D 318 23.47 -39.50 6.77
N GLN D 319 22.39 -40.14 7.18
CA GLN D 319 22.44 -41.54 7.57
C GLN D 319 23.05 -42.37 6.43
N HIS D 320 22.56 -42.16 5.21
CA HIS D 320 23.02 -42.84 4.01
C HIS D 320 24.47 -42.45 3.74
N LEU D 321 24.66 -41.20 3.41
CA LEU D 321 25.97 -40.67 3.15
C LEU D 321 27.00 -41.15 4.18
N SER D 322 26.57 -41.65 5.33
CA SER D 322 27.55 -42.08 6.32
C SER D 322 27.96 -43.49 6.13
N GLY D 323 26.97 -44.35 5.93
CA GLY D 323 27.15 -45.79 5.78
C GLY D 323 27.50 -46.25 7.17
N TYR D 324 26.56 -46.08 8.10
CA TYR D 324 26.86 -46.38 9.50
C TYR D 324 26.43 -47.61 10.27
N HIS D 325 25.34 -48.26 9.90
CA HIS D 325 24.84 -49.44 10.64
C HIS D 325 24.08 -48.98 11.89
N PHE D 326 24.66 -48.00 12.57
CA PHE D 326 24.01 -47.41 13.74
C PHE D 326 23.01 -46.39 13.18
N LYS D 327 21.77 -46.40 13.65
CA LYS D 327 20.83 -45.45 13.12
C LYS D 327 20.92 -44.13 13.82
N LEU D 328 21.25 -43.10 13.04
CA LEU D 328 21.30 -41.73 13.55
C LEU D 328 19.85 -41.39 13.79
N LYS D 329 19.64 -40.59 14.82
CA LYS D 329 18.31 -40.18 15.27
C LYS D 329 18.27 -38.68 15.39
N PHE D 330 17.13 -38.07 15.06
CA PHE D 330 16.97 -36.62 15.23
C PHE D 330 16.11 -36.39 16.47
N ASP D 331 16.78 -36.15 17.58
CA ASP D 331 16.06 -35.94 18.81
C ASP D 331 16.70 -34.76 19.56
N PRO D 332 16.13 -33.54 19.38
CA PRO D 332 16.57 -32.30 19.99
C PRO D 332 16.95 -32.39 21.47
N GLU D 333 16.32 -33.30 22.19
CA GLU D 333 16.59 -33.47 23.61
C GLU D 333 17.94 -33.97 24.02
N LEU D 334 18.61 -34.74 23.16
CA LEU D 334 19.91 -35.30 23.50
C LEU D 334 20.86 -34.20 23.94
N LEU D 335 20.56 -32.99 23.47
CA LEU D 335 21.34 -31.82 23.83
C LEU D 335 20.79 -31.00 25.01
N PHE D 336 19.50 -31.18 25.33
CA PHE D 336 18.84 -30.46 26.41
C PHE D 336 19.66 -30.43 27.70
N ASN D 337 20.60 -31.33 27.88
CA ASN D 337 21.38 -31.32 29.11
C ASN D 337 22.83 -31.19 28.79
N GLN D 338 23.09 -30.38 27.79
CA GLN D 338 24.46 -30.16 27.34
C GLN D 338 24.66 -28.68 27.08
N GLN D 339 25.91 -28.23 27.12
CA GLN D 339 26.20 -26.85 26.79
C GLN D 339 26.13 -26.89 25.27
N PHE D 340 25.27 -26.07 24.67
CA PHE D 340 25.15 -26.03 23.23
C PHE D 340 24.55 -24.72 22.74
N GLN D 341 25.29 -24.01 21.89
CA GLN D 341 24.84 -22.75 21.34
C GLN D 341 23.88 -22.96 20.21
N TYR D 342 22.68 -22.44 20.35
CA TYR D 342 21.69 -22.58 19.32
C TYR D 342 21.77 -21.49 18.27
N GLN D 343 22.99 -21.25 17.79
CA GLN D 343 23.20 -20.24 16.76
C GLN D 343 24.11 -20.87 15.72
N ASN D 344 24.13 -20.30 14.52
CA ASN D 344 24.97 -20.83 13.45
C ASN D 344 25.28 -19.79 12.36
N ARG D 345 26.47 -19.91 11.76
CA ARG D 345 26.95 -19.00 10.71
C ARG D 345 27.66 -19.88 9.67
N ILE D 346 27.16 -19.91 8.43
CA ILE D 346 27.82 -20.77 7.41
C ILE D 346 29.22 -20.28 7.06
N ALA D 347 30.18 -21.21 7.04
CA ALA D 347 31.58 -20.94 6.75
C ALA D 347 31.88 -21.13 5.29
N SER D 348 32.72 -20.30 4.68
CA SER D 348 33.03 -20.53 3.25
C SER D 348 33.62 -21.93 3.06
N GLU D 349 34.40 -22.41 4.04
CA GLU D 349 34.95 -23.75 3.93
C GLU D 349 33.83 -24.78 3.69
N PHE D 350 32.75 -24.66 4.46
CA PHE D 350 31.66 -25.58 4.25
C PHE D 350 31.17 -25.43 2.83
N ASN D 351 30.99 -24.20 2.39
CA ASN D 351 30.52 -23.97 1.04
C ASN D 351 31.43 -24.67 0.02
N THR D 352 32.75 -24.57 0.24
CA THR D 352 33.78 -25.16 -0.64
C THR D 352 33.75 -26.69 -0.66
N LEU D 353 33.95 -27.34 0.49
CA LEU D 353 33.97 -28.78 0.53
C LEU D 353 32.66 -29.41 0.04
N TYR D 354 31.66 -28.58 -0.17
CA TYR D 354 30.41 -29.11 -0.62
C TYR D 354 30.23 -28.99 -2.10
N HIS D 355 31.33 -28.68 -2.80
CA HIS D 355 31.27 -28.59 -4.26
C HIS D 355 31.42 -30.00 -4.84
N TRP D 356 30.34 -30.77 -4.65
CA TRP D 356 30.19 -32.15 -5.07
C TRP D 356 29.65 -32.34 -6.49
N HIS D 357 30.28 -31.68 -7.45
CA HIS D 357 29.89 -31.80 -8.86
C HIS D 357 30.02 -33.25 -9.44
N PRO D 358 30.97 -34.05 -8.90
CA PRO D 358 31.21 -35.44 -9.29
C PRO D 358 29.96 -36.31 -9.22
N LEU D 359 28.99 -35.93 -8.41
CA LEU D 359 27.76 -36.72 -8.32
C LEU D 359 27.10 -36.79 -9.71
N LEU D 360 27.25 -35.72 -10.46
CA LEU D 360 26.64 -35.61 -11.76
C LEU D 360 27.13 -36.67 -12.74
N PRO D 361 26.22 -37.20 -13.57
CA PRO D 361 26.62 -38.21 -14.55
C PRO D 361 26.90 -37.45 -15.85
N ASP D 362 26.58 -38.07 -16.98
CA ASP D 362 26.84 -37.45 -18.26
C ASP D 362 25.55 -37.22 -19.00
N THR D 363 24.55 -38.05 -18.72
CA THR D 363 23.22 -37.90 -19.32
C THR D 363 22.25 -38.00 -18.15
N PHE D 364 21.11 -37.33 -18.27
CA PHE D 364 20.12 -37.41 -17.21
C PHE D 364 19.05 -38.26 -17.85
N ASN D 365 18.89 -39.44 -17.28
CA ASN D 365 17.97 -40.39 -17.87
C ASN D 365 16.68 -40.43 -17.12
N ILE D 366 15.69 -39.74 -17.69
CA ILE D 366 14.34 -39.74 -17.13
C ILE D 366 13.57 -40.78 -17.96
N GLU D 367 13.46 -41.96 -17.35
CA GLU D 367 12.80 -43.16 -17.90
C GLU D 367 12.36 -43.10 -19.36
N ASP D 368 13.31 -43.48 -20.21
CA ASP D 368 13.22 -43.55 -21.69
C ASP D 368 14.22 -42.76 -22.51
N GLN D 369 14.58 -41.55 -22.09
CA GLN D 369 15.55 -40.78 -22.84
C GLN D 369 16.72 -40.54 -21.93
N GLU D 370 17.79 -40.01 -22.51
CA GLU D 370 18.98 -39.67 -21.76
C GLU D 370 19.19 -38.27 -22.27
N TYR D 371 19.39 -37.31 -21.38
CA TYR D 371 19.60 -35.95 -21.84
C TYR D 371 20.99 -35.49 -21.46
N SER D 372 21.51 -34.57 -22.26
CA SER D 372 22.84 -34.01 -22.03
C SER D 372 22.61 -32.83 -21.13
N PHE D 373 23.70 -32.24 -20.60
CA PHE D 373 23.58 -31.06 -19.79
C PHE D 373 22.88 -30.05 -20.66
N LYS D 374 23.41 -29.87 -21.86
CA LYS D 374 22.87 -28.92 -22.83
C LYS D 374 21.36 -29.12 -23.10
N GLN D 375 20.80 -30.24 -22.68
CA GLN D 375 19.37 -30.49 -22.90
C GLN D 375 18.57 -30.40 -21.61
N PHE D 376 19.27 -30.63 -20.51
CA PHE D 376 18.66 -30.61 -19.20
C PHE D 376 18.59 -29.18 -18.69
N LEU D 377 19.75 -28.52 -18.65
CA LEU D 377 19.86 -27.12 -18.16
C LEU D 377 18.76 -26.17 -18.68
N TYR D 378 18.11 -25.49 -17.75
CA TYR D 378 17.03 -24.57 -18.08
C TYR D 378 15.95 -25.12 -19.04
N ASN D 379 15.50 -26.34 -18.76
CA ASN D 379 14.48 -26.97 -19.59
C ASN D 379 13.37 -27.63 -18.75
N ASN D 380 12.33 -26.85 -18.45
CA ASN D 380 11.21 -27.36 -17.66
C ASN D 380 10.41 -28.46 -18.38
N SER D 381 10.15 -28.20 -19.65
CA SER D 381 9.36 -29.05 -20.52
C SER D 381 9.65 -30.47 -20.20
N ILE D 382 10.92 -30.80 -19.97
CA ILE D 382 11.30 -32.16 -19.61
C ILE D 382 10.41 -32.63 -18.45
N LEU D 383 10.46 -31.90 -17.34
CA LEU D 383 9.69 -32.19 -16.14
C LEU D 383 8.20 -32.21 -16.42
N LEU D 384 7.72 -31.22 -17.16
CA LEU D 384 6.30 -31.17 -17.53
C LEU D 384 5.93 -32.29 -18.50
N GLU D 385 6.89 -32.73 -19.31
CA GLU D 385 6.63 -33.76 -20.30
C GLU D 385 6.74 -35.14 -19.67
N HIS D 386 7.52 -35.24 -18.59
CA HIS D 386 7.69 -36.52 -17.95
C HIS D 386 6.92 -36.77 -16.68
N GLY D 387 6.44 -35.71 -16.04
CA GLY D 387 5.72 -35.88 -14.78
C GLY D 387 6.69 -36.19 -13.66
N LEU D 388 6.27 -35.96 -12.42
CA LEU D 388 7.15 -36.20 -11.29
C LEU D 388 7.26 -37.65 -10.85
N THR D 389 6.23 -38.47 -11.14
CA THR D 389 6.25 -39.88 -10.74
C THR D 389 7.36 -40.52 -11.55
N GLN D 390 7.22 -40.38 -12.86
CA GLN D 390 8.20 -40.92 -13.78
C GLN D 390 9.33 -39.89 -13.87
N PHE D 391 9.90 -39.59 -12.72
CA PHE D 391 10.95 -38.62 -12.63
C PHE D 391 11.54 -39.02 -11.32
N VAL D 392 10.68 -39.46 -10.42
CA VAL D 392 11.12 -39.93 -9.10
C VAL D 392 11.58 -41.35 -9.33
N GLU D 393 10.80 -42.09 -10.11
CA GLU D 393 11.13 -43.48 -10.47
C GLU D 393 12.50 -43.52 -11.17
N SER D 394 12.62 -42.72 -12.23
CA SER D 394 13.83 -42.62 -13.04
C SER D 394 15.05 -42.20 -12.24
N PHE D 395 14.90 -41.29 -11.27
CA PHE D 395 16.06 -40.88 -10.47
C PHE D 395 16.43 -41.86 -9.34
N THR D 396 15.45 -42.59 -8.81
CA THR D 396 15.68 -43.56 -7.75
C THR D 396 16.64 -44.61 -8.25
N ARG D 397 16.54 -44.87 -9.55
CA ARG D 397 17.38 -45.83 -10.24
C ARG D 397 18.28 -45.08 -11.22
N GLN D 398 19.48 -44.71 -10.80
CA GLN D 398 20.47 -44.00 -11.66
C GLN D 398 21.62 -43.53 -10.83
N ILE D 399 22.51 -44.45 -10.48
CA ILE D 399 23.68 -44.12 -9.68
C ILE D 399 24.36 -42.79 -10.08
N ALA D 400 24.97 -42.16 -9.09
CA ALA D 400 25.67 -40.91 -9.29
C ALA D 400 27.16 -41.19 -9.03
N GLY D 401 28.00 -40.30 -9.53
CA GLY D 401 29.43 -40.48 -9.38
C GLY D 401 30.05 -40.37 -8.00
N ARG D 402 31.15 -41.08 -7.81
CA ARG D 402 31.88 -41.03 -6.55
C ARG D 402 32.44 -39.60 -6.54
N VAL D 403 32.55 -38.97 -5.37
CA VAL D 403 33.06 -37.61 -5.31
C VAL D 403 34.55 -37.62 -5.06
N ALA D 404 34.97 -38.29 -3.99
CA ALA D 404 36.38 -38.39 -3.65
C ALA D 404 36.98 -39.46 -4.53
N GLY D 405 38.29 -39.67 -4.43
CA GLY D 405 38.90 -40.70 -5.26
C GLY D 405 39.76 -40.20 -6.40
N GLY D 406 39.17 -39.52 -7.39
CA GLY D 406 39.98 -39.01 -8.48
C GLY D 406 39.24 -38.70 -9.76
N ARG D 407 39.89 -37.89 -10.60
CA ARG D 407 39.37 -37.51 -11.90
C ARG D 407 37.91 -37.81 -12.23
N ASN D 408 36.93 -37.26 -11.53
CA ASN D 408 35.55 -37.54 -11.88
C ASN D 408 34.68 -36.30 -12.11
N VAL D 409 35.33 -35.15 -12.36
CA VAL D 409 34.62 -33.88 -12.59
C VAL D 409 34.12 -33.71 -14.03
N PRO D 410 32.82 -33.65 -14.22
CA PRO D 410 32.27 -33.49 -15.56
C PRO D 410 32.83 -32.28 -16.31
N ILE D 411 33.37 -32.54 -17.50
CA ILE D 411 33.96 -31.52 -18.36
C ILE D 411 32.99 -30.37 -18.60
N ALA D 412 31.70 -30.58 -18.35
CA ALA D 412 30.78 -29.47 -18.53
C ALA D 412 30.97 -28.49 -17.34
N VAL D 413 30.78 -29.02 -16.13
CA VAL D 413 30.91 -28.32 -14.88
C VAL D 413 32.42 -28.19 -14.59
N GLN D 414 33.23 -28.10 -15.66
CA GLN D 414 34.68 -27.97 -15.50
C GLN D 414 35.00 -26.52 -15.20
N ALA D 415 34.26 -25.64 -15.86
CA ALA D 415 34.40 -24.20 -15.69
C ALA D 415 34.31 -23.89 -14.19
N VAL D 416 33.43 -24.65 -13.53
CA VAL D 416 33.15 -24.56 -12.12
C VAL D 416 34.34 -24.92 -11.26
N ALA D 417 34.72 -26.18 -11.21
CA ALA D 417 35.86 -26.61 -10.38
C ALA D 417 37.13 -25.77 -10.56
N LYS D 418 37.27 -25.14 -11.74
CA LYS D 418 38.41 -24.26 -12.05
C LYS D 418 38.23 -23.08 -11.13
N ALA D 419 37.06 -22.48 -11.28
CA ALA D 419 36.67 -21.35 -10.47
C ALA D 419 36.93 -21.73 -9.04
N SER D 420 36.28 -22.79 -8.55
CA SER D 420 36.48 -23.22 -7.17
C SER D 420 37.94 -23.20 -6.76
N ILE D 421 38.82 -23.55 -7.68
CA ILE D 421 40.24 -23.55 -7.37
C ILE D 421 40.70 -22.11 -7.24
N ASP D 422 40.29 -21.28 -8.21
CA ASP D 422 40.66 -19.85 -8.28
C ASP D 422 40.15 -18.95 -7.14
N GLN D 423 38.93 -19.24 -6.68
CA GLN D 423 38.32 -18.48 -5.62
C GLN D 423 38.99 -18.78 -4.31
N SER D 424 39.06 -20.04 -3.91
CA SER D 424 39.69 -20.38 -2.64
C SER D 424 41.06 -19.72 -2.60
N ARG D 425 41.60 -19.48 -3.79
CA ARG D 425 42.90 -18.84 -4.03
C ARG D 425 42.78 -17.42 -3.57
N GLU D 426 41.82 -16.72 -4.16
CA GLU D 426 41.60 -15.30 -3.84
C GLU D 426 41.12 -15.05 -2.42
N MET D 427 40.37 -15.99 -1.89
CA MET D 427 39.91 -15.87 -0.53
C MET D 427 41.08 -16.18 0.42
N LYS D 428 42.29 -16.17 -0.10
CA LYS D 428 43.48 -16.45 0.67
C LYS D 428 43.46 -17.62 1.66
N TYR D 429 42.83 -18.73 1.27
CA TYR D 429 42.73 -19.97 2.06
C TYR D 429 44.07 -20.50 2.57
N GLN D 430 44.03 -21.57 3.38
CA GLN D 430 45.26 -22.17 3.92
C GLN D 430 45.54 -23.60 3.47
N SER D 431 46.70 -24.11 3.91
CA SER D 431 47.18 -25.44 3.56
C SER D 431 46.19 -26.53 3.94
N LEU D 432 46.08 -27.57 3.10
CA LEU D 432 45.18 -28.68 3.40
C LEU D 432 45.63 -29.30 4.71
N ASN D 433 46.94 -29.30 4.94
CA ASN D 433 47.47 -29.87 6.20
C ASN D 433 46.98 -29.06 7.40
N GLU D 434 47.03 -27.74 7.26
CA GLU D 434 46.57 -26.87 8.31
C GLU D 434 45.14 -27.23 8.69
N TYR D 435 44.24 -27.32 7.72
CA TYR D 435 42.87 -27.69 8.00
C TYR D 435 42.76 -29.06 8.61
N ARG D 436 43.68 -29.96 8.27
CA ARG D 436 43.60 -31.30 8.84
C ARG D 436 43.94 -31.19 10.31
N LYS D 437 44.99 -30.45 10.62
CA LYS D 437 45.43 -30.25 12.00
C LYS D 437 44.30 -29.61 12.77
N ARG D 438 43.69 -28.62 12.15
CA ARG D 438 42.59 -27.87 12.72
C ARG D 438 41.46 -28.82 13.19
N PHE D 439 41.10 -29.78 12.35
CA PHE D 439 40.06 -30.69 12.75
C PHE D 439 40.56 -31.94 13.45
N SER D 440 41.72 -31.79 14.11
CA SER D 440 42.36 -32.86 14.85
C SER D 440 42.72 -34.07 13.97
N LEU D 441 43.21 -33.83 12.77
CA LEU D 441 43.56 -34.92 11.87
C LEU D 441 45.06 -34.84 11.66
N LYS D 442 45.70 -35.99 11.43
CA LYS D 442 47.17 -36.03 11.18
C LYS D 442 47.44 -35.64 9.75
N PRO D 443 48.34 -34.69 9.54
CA PRO D 443 48.66 -34.25 8.17
C PRO D 443 49.33 -35.29 7.24
N TYR D 444 48.97 -35.19 5.96
CA TYR D 444 49.52 -36.07 4.96
C TYR D 444 50.98 -35.83 4.80
N THR D 445 51.76 -36.90 4.87
CA THR D 445 53.22 -36.87 4.74
C THR D 445 53.75 -36.86 3.28
N SER D 446 52.87 -37.17 2.33
CA SER D 446 53.24 -37.22 0.92
C SER D 446 51.99 -37.15 0.06
N PHE D 447 52.12 -36.61 -1.16
CA PHE D 447 50.98 -36.51 -2.08
C PHE D 447 50.47 -37.88 -2.32
N GLU D 448 51.39 -38.80 -2.15
CA GLU D 448 51.17 -40.22 -2.32
C GLU D 448 50.27 -40.70 -1.19
N GLU D 449 50.56 -40.24 0.04
CA GLU D 449 49.73 -40.60 1.21
C GLU D 449 48.27 -40.11 1.02
N LEU D 450 48.15 -38.89 0.50
CA LEU D 450 46.86 -38.28 0.25
C LEU D 450 46.04 -39.11 -0.73
N THR D 451 46.63 -39.44 -1.87
CA THR D 451 45.92 -40.19 -2.91
C THR D 451 45.68 -41.69 -2.66
N GLY D 452 46.69 -42.35 -2.09
CA GLY D 452 46.60 -43.79 -1.85
C GLY D 452 47.04 -44.55 -3.12
N GLU D 453 47.04 -43.82 -4.24
CA GLU D 453 47.45 -44.35 -5.51
C GLU D 453 48.80 -43.68 -5.82
N LYS D 454 49.32 -43.83 -7.04
CA LYS D 454 50.61 -43.25 -7.34
C LYS D 454 50.75 -42.39 -8.56
N GLU D 455 49.84 -42.56 -9.52
CA GLU D 455 49.94 -41.76 -10.73
C GLU D 455 49.69 -40.29 -10.40
N MET D 456 48.48 -40.02 -9.94
CA MET D 456 48.07 -38.68 -9.57
C MET D 456 49.01 -38.12 -8.52
N ALA D 457 49.27 -38.90 -7.47
CA ALA D 457 50.14 -38.50 -6.37
C ALA D 457 51.38 -37.87 -6.93
N ALA D 458 52.14 -38.67 -7.69
CA ALA D 458 53.36 -38.17 -8.28
C ALA D 458 53.04 -37.03 -9.27
N GLU D 459 51.88 -37.11 -9.89
CA GLU D 459 51.45 -36.10 -10.84
C GLU D 459 51.25 -34.78 -10.10
N LEU D 460 50.73 -34.86 -8.87
CA LEU D 460 50.47 -33.68 -8.01
C LEU D 460 51.82 -33.16 -7.55
N LYS D 461 52.59 -34.08 -6.97
CA LYS D 461 53.94 -33.84 -6.48
C LYS D 461 54.73 -33.00 -7.51
N ALA D 462 54.39 -33.19 -8.78
CA ALA D 462 55.02 -32.45 -9.87
C ALA D 462 54.81 -30.97 -9.71
N LEU D 463 53.58 -30.58 -9.41
CA LEU D 463 53.27 -29.17 -9.26
C LEU D 463 53.37 -28.59 -7.82
N TYR D 464 52.75 -29.24 -6.84
CA TYR D 464 52.79 -28.71 -5.49
C TYR D 464 54.12 -28.90 -4.75
N SER D 465 54.90 -29.91 -5.11
CA SER D 465 56.21 -30.16 -4.47
C SER D 465 56.16 -30.49 -2.98
N ASP D 466 55.63 -29.60 -2.15
CA ASP D 466 55.51 -29.91 -0.73
C ASP D 466 54.06 -30.19 -0.44
N ILE D 467 53.84 -31.27 0.32
CA ILE D 467 52.49 -31.68 0.70
C ILE D 467 51.93 -30.51 1.56
N ASP D 468 52.85 -29.94 2.32
CA ASP D 468 52.54 -28.81 3.14
C ASP D 468 52.39 -27.58 2.23
N VAL D 469 51.82 -27.73 1.03
CA VAL D 469 51.55 -26.60 0.15
C VAL D 469 50.40 -27.01 -0.76
N MET D 470 49.86 -28.20 -0.49
CA MET D 470 48.75 -28.73 -1.26
C MET D 470 47.50 -28.03 -0.77
N GLU D 471 46.65 -27.61 -1.70
CA GLU D 471 45.41 -26.92 -1.42
C GLU D 471 44.27 -27.78 -0.79
N LEU D 472 43.13 -27.17 -0.44
CA LEU D 472 42.01 -27.93 0.16
C LEU D 472 41.03 -28.52 -0.88
N TYR D 473 40.45 -27.69 -1.75
CA TYR D 473 39.49 -28.16 -2.76
C TYR D 473 39.97 -29.34 -3.59
N PRO D 474 41.14 -29.20 -4.31
CA PRO D 474 41.64 -30.33 -5.12
C PRO D 474 41.74 -31.62 -4.27
N ALA D 475 42.69 -31.65 -3.34
CA ALA D 475 42.90 -32.83 -2.49
C ALA D 475 41.63 -33.47 -1.92
N LEU D 476 40.55 -32.72 -1.89
CA LEU D 476 39.31 -33.26 -1.34
C LEU D 476 38.77 -34.28 -2.30
N LEU D 477 38.90 -33.96 -3.58
CA LEU D 477 38.46 -34.83 -4.66
C LEU D 477 39.53 -35.91 -4.99
N VAL D 478 40.78 -35.46 -5.13
CA VAL D 478 41.97 -36.27 -5.41
C VAL D 478 42.37 -36.99 -4.12
N GLU D 479 41.45 -37.69 -3.51
CA GLU D 479 41.80 -38.30 -2.24
C GLU D 479 41.29 -39.71 -2.12
N LYS D 480 41.92 -40.45 -1.21
CA LYS D 480 41.63 -41.86 -0.97
C LYS D 480 40.32 -42.20 -0.31
N PRO D 481 39.32 -42.64 -1.07
CA PRO D 481 38.04 -43.00 -0.50
C PRO D 481 38.22 -44.08 0.55
N ARG D 482 37.59 -43.87 1.70
CA ARG D 482 37.66 -44.86 2.78
C ARG D 482 36.84 -45.99 2.13
N PRO D 483 37.21 -47.27 2.37
CA PRO D 483 36.52 -48.44 1.81
C PRO D 483 35.60 -48.17 0.65
N ASP D 484 34.44 -48.82 0.58
CA ASP D 484 33.63 -48.56 -0.61
C ASP D 484 32.74 -47.35 -0.43
N ALA D 485 33.38 -46.23 -0.10
CA ALA D 485 32.66 -45.00 0.17
C ALA D 485 32.94 -43.87 -0.80
N ILE D 486 32.08 -42.86 -0.76
CA ILE D 486 32.17 -41.73 -1.66
C ILE D 486 33.16 -40.61 -1.31
N PHE D 487 33.52 -40.50 -0.03
CA PHE D 487 34.43 -39.46 0.42
C PHE D 487 35.61 -40.04 1.17
N GLY D 488 36.61 -39.21 1.42
CA GLY D 488 37.76 -39.64 2.17
C GLY D 488 37.65 -38.99 3.52
N GLU D 489 38.47 -39.41 4.48
CA GLU D 489 38.45 -38.85 5.83
C GLU D 489 38.34 -37.32 5.88
N THR D 490 39.28 -36.59 5.27
CA THR D 490 39.25 -35.13 5.28
C THR D 490 37.86 -34.54 5.01
N MET D 491 37.16 -34.98 3.99
CA MET D 491 35.85 -34.43 3.69
C MET D 491 34.87 -34.85 4.74
N VAL D 492 35.03 -36.03 5.32
CA VAL D 492 34.07 -36.42 6.36
C VAL D 492 34.31 -35.71 7.71
N GLU D 493 35.57 -35.46 8.04
CA GLU D 493 35.91 -34.80 9.29
C GLU D 493 35.65 -33.26 9.35
N LEU D 494 35.79 -32.58 8.21
CA LEU D 494 35.55 -31.14 8.16
C LEU D 494 34.05 -30.82 8.05
N GLY D 495 33.34 -31.65 7.30
CA GLY D 495 31.94 -31.40 7.11
C GLY D 495 31.01 -31.71 8.25
N ALA D 496 31.19 -32.88 8.89
CA ALA D 496 30.31 -33.32 9.96
C ALA D 496 30.14 -32.29 11.07
N PRO D 497 31.26 -31.64 11.49
CA PRO D 497 31.08 -30.66 12.55
C PRO D 497 30.21 -29.58 11.95
N PHE D 498 30.64 -29.06 10.82
CA PHE D 498 29.88 -28.02 10.12
C PHE D 498 28.39 -28.36 9.94
N SER D 499 28.08 -29.62 9.63
CA SER D 499 26.70 -29.99 9.37
C SER D 499 25.75 -30.15 10.54
N LEU D 500 26.25 -30.67 11.66
CA LEU D 500 25.38 -30.88 12.81
C LEU D 500 25.07 -29.64 13.66
N LYS D 501 25.83 -28.58 13.42
CA LYS D 501 25.67 -27.29 14.08
C LYS D 501 24.50 -26.66 13.38
N GLY D 502 24.68 -26.21 12.16
CA GLY D 502 23.56 -25.61 11.46
C GLY D 502 22.29 -26.47 11.44
N LEU D 503 22.37 -27.71 11.89
CA LEU D 503 21.21 -28.59 11.88
C LEU D 503 20.57 -28.62 13.25
N MET D 504 21.40 -28.91 14.25
CA MET D 504 20.96 -28.93 15.65
C MET D 504 20.78 -27.50 16.27
N GLY D 505 21.72 -26.60 16.03
CA GLY D 505 21.65 -25.24 16.51
C GLY D 505 20.67 -24.40 15.71
N ASN D 506 19.40 -24.79 15.75
CA ASN D 506 18.33 -24.08 15.05
C ASN D 506 17.27 -23.74 16.12
N PRO D 507 16.66 -22.55 16.05
CA PRO D 507 15.65 -22.21 17.06
C PRO D 507 14.57 -23.25 17.30
N ILE D 508 14.05 -23.87 16.25
CA ILE D 508 12.99 -24.85 16.51
C ILE D 508 13.53 -26.05 17.29
N CYS D 509 14.84 -26.13 17.44
CA CYS D 509 15.46 -27.23 18.18
C CYS D 509 15.68 -26.85 19.63
N SER D 510 15.56 -25.56 19.93
CA SER D 510 15.75 -25.05 21.28
C SER D 510 14.55 -25.36 22.19
N PRO D 511 14.82 -25.74 23.44
CA PRO D 511 13.79 -26.07 24.42
C PRO D 511 12.53 -25.27 24.40
N GLN D 512 12.64 -23.98 24.20
CA GLN D 512 11.44 -23.15 24.21
C GLN D 512 10.56 -23.46 23.02
N TYR D 513 11.17 -23.88 21.91
CA TYR D 513 10.44 -24.18 20.68
C TYR D 513 10.00 -25.65 20.58
N TRP D 514 10.87 -26.58 21.01
CA TRP D 514 10.61 -28.03 20.92
C TRP D 514 9.42 -28.57 21.75
N LYS D 515 8.20 -28.31 21.28
CA LYS D 515 7.00 -28.79 21.95
C LYS D 515 5.76 -28.55 21.11
N PRO D 516 4.84 -29.51 21.11
CA PRO D 516 3.59 -29.54 20.38
C PRO D 516 3.00 -28.22 19.96
N SER D 517 2.84 -27.31 20.92
CA SER D 517 2.23 -26.04 20.62
C SER D 517 2.91 -25.29 19.50
N THR D 518 4.23 -25.28 19.51
CA THR D 518 5.00 -24.56 18.51
C THR D 518 4.52 -24.95 17.12
N PHE D 519 4.18 -26.23 16.95
CA PHE D 519 3.79 -26.75 15.64
C PHE D 519 2.31 -26.90 15.33
N GLY D 520 1.45 -26.39 16.20
CA GLY D 520 0.02 -26.46 15.94
C GLY D 520 -0.74 -27.56 16.64
N GLY D 521 -0.05 -28.32 17.47
CA GLY D 521 -0.68 -29.42 18.17
C GLY D 521 0.23 -30.63 18.38
N GLU D 522 -0.37 -31.81 18.54
CA GLU D 522 0.39 -33.03 18.72
C GLU D 522 0.45 -33.68 17.33
N VAL D 523 -0.48 -33.27 16.47
CA VAL D 523 -0.54 -33.72 15.09
C VAL D 523 0.72 -33.16 14.42
N GLY D 524 0.68 -31.87 14.08
CA GLY D 524 1.82 -31.22 13.46
C GLY D 524 3.15 -31.57 14.12
N PHE D 525 3.14 -31.96 15.38
CA PHE D 525 4.40 -32.30 16.03
C PHE D 525 4.88 -33.62 15.47
N LYS D 526 3.97 -34.55 15.29
CA LYS D 526 4.38 -35.84 14.77
C LYS D 526 4.69 -35.82 13.28
N ILE D 527 4.13 -34.84 12.56
CA ILE D 527 4.43 -34.69 11.15
C ILE D 527 5.96 -34.55 11.08
N ILE D 528 6.51 -33.71 11.94
CA ILE D 528 7.95 -33.58 12.00
C ILE D 528 8.51 -34.92 12.46
N ASN D 529 7.97 -35.44 13.55
CA ASN D 529 8.48 -36.68 14.11
C ASN D 529 8.41 -37.98 13.29
N THR D 530 7.76 -37.96 12.13
CA THR D 530 7.68 -39.15 11.29
C THR D 530 8.13 -38.89 9.85
N ALA D 531 8.70 -37.72 9.62
CA ALA D 531 9.16 -37.35 8.29
C ALA D 531 10.19 -38.35 7.71
N SER D 532 10.12 -38.55 6.40
CA SER D 532 11.02 -39.44 5.67
C SER D 532 11.01 -39.07 4.18
N ILE D 533 12.11 -39.37 3.49
CA ILE D 533 12.18 -39.07 2.06
C ILE D 533 11.16 -39.94 1.29
N GLN D 534 10.78 -41.07 1.88
CA GLN D 534 9.78 -41.94 1.26
C GLN D 534 8.41 -41.32 1.40
N SER D 535 8.15 -40.74 2.57
CA SER D 535 6.87 -40.09 2.81
C SER D 535 6.73 -38.78 2.11
N LEU D 536 7.82 -38.04 1.99
CA LEU D 536 7.74 -36.76 1.30
C LEU D 536 7.19 -37.02 -0.10
N ILE D 537 7.75 -38.05 -0.75
CA ILE D 537 7.33 -38.39 -2.10
C ILE D 537 5.98 -39.08 -2.16
N CYS D 538 5.74 -39.93 -1.18
CA CYS D 538 4.50 -40.71 -1.08
C CYS D 538 3.29 -39.81 -1.11
N ASN D 539 3.28 -38.88 -0.16
CA ASN D 539 2.19 -37.92 0.03
C ASN D 539 2.09 -36.89 -1.07
N ASN D 540 3.22 -36.58 -1.72
CA ASN D 540 3.20 -35.56 -2.75
C ASN D 540 3.37 -35.98 -4.17
N VAL D 541 3.81 -37.22 -4.38
CA VAL D 541 3.99 -37.67 -5.75
C VAL D 541 2.87 -38.63 -6.21
N LYS D 542 2.42 -38.43 -7.44
CA LYS D 542 1.31 -39.19 -8.02
C LYS D 542 0.93 -40.60 -7.62
N GLY D 543 1.87 -41.47 -7.26
CA GLY D 543 1.43 -42.81 -6.88
C GLY D 543 2.38 -43.46 -5.91
N CYS D 544 2.63 -42.81 -4.78
CA CYS D 544 3.57 -43.32 -3.78
C CYS D 544 4.77 -44.10 -4.32
N PRO D 545 5.44 -43.55 -5.32
CA PRO D 545 6.60 -44.17 -5.92
C PRO D 545 7.63 -44.49 -4.83
N PHE D 546 8.19 -45.67 -4.85
CA PHE D 546 9.19 -45.99 -3.86
C PHE D 546 10.40 -45.10 -4.16
N THR D 547 11.13 -44.71 -3.14
CA THR D 547 12.32 -43.89 -3.35
C THR D 547 13.35 -44.17 -2.29
N SER D 548 14.47 -43.51 -2.44
CA SER D 548 15.54 -43.62 -1.50
C SER D 548 16.71 -42.90 -2.11
N PHE D 549 17.76 -42.71 -1.30
CA PHE D 549 18.94 -42.01 -1.78
C PHE D 549 19.93 -43.03 -2.25
N ASN D 550 19.40 -44.23 -2.51
CA ASN D 550 20.19 -45.36 -2.99
C ASN D 550 19.62 -46.09 -4.20
N VAL D 551 20.45 -46.20 -5.24
CA VAL D 551 20.08 -46.89 -6.46
C VAL D 551 20.10 -48.34 -6.01
N GLN D 552 18.96 -48.75 -5.45
CA GLN D 552 18.70 -50.07 -4.90
C GLN D 552 19.88 -51.04 -4.88
C1 NAG E . -10.97 29.55 -48.16
C2 NAG E . -9.87 30.14 -49.06
C3 NAG E . -10.52 30.85 -50.24
C4 NAG E . -11.38 29.85 -51.00
C5 NAG E . -12.44 29.30 -50.05
C6 NAG E . -13.36 28.30 -50.74
C7 NAG E . -8.04 30.63 -47.56
C8 NAG E . -7.21 31.69 -46.85
N2 NAG E . -9.04 31.07 -48.33
O3 NAG E . -9.51 31.40 -51.09
O4 NAG E . -12.02 30.49 -52.10
O5 NAG E . -11.80 28.63 -48.93
O6 NAG E . -14.49 27.98 -49.93
O7 NAG E . -7.82 29.44 -47.38
C1 NAG F . -33.45 12.77 -28.31
C2 NAG F . -34.79 12.19 -27.91
C3 NAG F . -35.53 11.67 -29.10
C4 NAG F . -35.75 12.86 -29.93
C5 NAG F . -34.44 13.47 -30.42
C6 NAG F . -34.70 14.80 -31.15
C7 NAG F . -34.90 11.46 -25.63
C8 NAG F . -34.72 10.33 -24.61
N2 NAG F . -34.63 11.17 -26.90
O3 NAG F . -36.78 11.13 -28.69
O4 NAG F . -36.61 12.57 -31.02
O5 NAG F . -33.58 13.79 -29.30
O6 NAG F . -33.66 15.75 -30.95
O7 NAG F . -35.29 12.59 -25.28
C1 NAG G . -23.62 -27.06 -29.64
C2 NAG G . -23.82 -27.63 -31.02
C3 NAG G . -23.89 -29.15 -30.98
C4 NAG G . -22.68 -29.72 -30.26
C5 NAG G . -22.57 -29.09 -28.88
C6 NAG G . -21.35 -29.55 -28.06
C7 NAG G . -25.02 -26.55 -32.80
C8 NAG G . -26.33 -26.03 -33.35
N2 NAG G . -25.05 -27.11 -31.59
O3 NAG G . -23.94 -29.67 -32.30
O4 NAG G . -22.83 -31.13 -30.15
O5 NAG G . -22.46 -27.66 -29.03
O6 NAG G . -20.22 -28.71 -28.26
O7 NAG G . -23.97 -26.46 -33.44
CHA HEM H . -21.92 -5.30 -34.15
CHB HEM H . -21.87 -10.05 -34.73
CHC HEM H . -17.65 -10.25 -32.50
CHD HEM H . -17.49 -5.48 -32.31
C1A HEM H . -22.26 -6.56 -34.55
C2A HEM H . -23.53 -6.91 -35.12
C3A HEM H . -23.52 -8.24 -35.27
C4A HEM H . -22.21 -8.72 -34.83
CMA HEM H . -24.67 -9.11 -35.73
CAA HEM H . -24.65 -5.96 -35.51
CBA HEM H . -24.24 -5.14 -36.76
CGA HEM H . -25.38 -4.27 -37.39
O1A HEM H . -25.14 -3.05 -37.63
O2A HEM H . -26.50 -4.82 -37.65
C1B HEM H . -20.74 -10.53 -34.14
C2B HEM H . -20.44 -11.93 -33.98
C3B HEM H . -19.31 -12.01 -33.27
C4B HEM H . -18.87 -10.63 -33.04
CMB HEM H . -21.21 -13.09 -34.53
CAB HEM H . -18.72 -13.22 -32.92
CBB HEM H . -17.87 -13.39 -31.75
C1C HEM H . -17.19 -8.97 -32.36
C2C HEM H . -15.94 -8.62 -31.76
C3C HEM H . -15.88 -7.30 -31.69
C4C HEM H . -17.11 -6.82 -32.29
CMC HEM H . -14.83 -9.54 -31.29
CAC HEM H . -14.86 -6.60 -31.04
CBC HEM H . -14.42 -5.29 -31.42
C1D HEM H . -18.73 -5.01 -32.76
C2D HEM H . -19.20 -3.64 -32.65
C3D HEM H . -20.47 -3.63 -33.09
C4D HEM H . -20.76 -4.96 -33.53
CMD HEM H . -18.40 -2.44 -32.18
CAD HEM H . -21.49 -2.53 -33.00
CBD HEM H . -22.28 -2.59 -31.70
CGD HEM H . -23.57 -1.80 -31.76
O1D HEM H . -23.52 -0.61 -32.13
O2D HEM H . -24.65 -2.36 -31.44
NA HEM H . -21.44 -7.67 -34.37
NB HEM H . -19.77 -9.74 -33.56
NC HEM H . -17.90 -7.87 -32.70
ND HEM H . -19.72 -5.82 -33.30
FE HEM H . -19.69 -7.79 -33.50
C1 NAG I . -11.31 11.22 17.81
C2 NAG I . -10.36 11.42 19.02
C3 NAG I . -10.74 10.44 20.13
C4 NAG I . -12.20 10.69 20.50
C5 NAG I . -13.05 10.47 19.26
C6 NAG I . -14.51 10.69 19.53
C7 NAG I . -8.24 12.22 18.18
C8 NAG I . -6.78 11.92 17.89
N2 NAG I . -8.96 11.23 18.69
O3 NAG I . -9.89 10.60 21.26
O4 NAG I . -12.61 9.81 21.54
O5 NAG I . -12.65 11.40 18.23
O6 NAG I . -15.29 10.37 18.38
O7 NAG I . -8.72 13.32 17.88
C1 NAG J . -33.28 6.08 -8.72
C2 NAG J . -34.28 5.50 -9.73
C3 NAG J . -35.61 5.34 -9.05
C4 NAG J . -35.38 4.28 -8.03
C5 NAG J . -34.39 4.76 -6.97
C6 NAG J . -34.06 3.61 -6.04
C7 NAG J . -33.90 5.91 -12.07
C8 NAG J . -34.07 6.83 -13.27
N2 NAG J . -34.41 6.33 -10.91
O3 NAG J . -36.60 4.89 -9.97
O4 NAG J . -36.60 3.90 -7.44
O5 NAG J . -33.14 5.17 -7.60
O6 NAG J . -32.68 3.60 -5.65
O7 NAG J . -33.30 4.83 -12.17
C1 NAG K . -58.56 38.12 -9.05
C2 NAG K . -59.41 38.29 -7.81
C3 NAG K . -60.78 38.75 -8.30
C4 NAG K . -60.63 40.02 -9.19
C5 NAG K . -59.55 39.84 -10.27
C6 NAG K . -59.20 41.08 -11.09
C7 NAG K . -59.48 37.00 -5.77
C8 NAG K . -59.63 35.65 -5.08
N2 NAG K . -59.55 37.02 -7.09
O3 NAG K . -61.62 39.02 -7.18
O4 NAG K . -61.88 40.30 -9.83
O5 NAG K . -58.32 39.37 -9.68
O6 NAG K . -58.03 41.71 -10.57
O7 NAG K . -59.27 38.02 -5.10
CHA HEM L . -41.27 25.75 -2.30
CHB HEM L . -45.23 28.41 -2.00
CHC HEM L . -42.81 32.30 -3.42
CHD HEM L . -38.73 29.74 -3.20
C1A HEM L . -42.55 26.16 -2.06
C2A HEM L . -43.62 25.23 -1.78
C3A HEM L . -44.73 25.99 -1.70
C4A HEM L . -44.34 27.37 -1.90
CMA HEM L . -46.16 25.47 -1.58
CAA HEM L . -43.52 23.73 -1.50
CBA HEM L . -42.78 23.45 -0.17
CGA HEM L . -42.77 21.97 0.26
O1A HEM L . -41.65 21.50 0.62
O2A HEM L . -43.85 21.31 0.31
C1B HEM L . -44.94 29.69 -2.39
C2B HEM L . -45.93 30.75 -2.58
C3B HEM L . -45.27 31.83 -3.05
C4B HEM L . -43.85 31.45 -3.11
CMB HEM L . -47.43 30.70 -2.30
CAB HEM L . -45.90 33.03 -3.39
CBB HEM L . -45.44 33.94 -4.38
C1C HEM L . -41.48 31.94 -3.41
C2C HEM L . -40.41 32.86 -3.70
C3C HEM L . -39.25 32.17 -3.63
C4C HEM L . -39.62 30.81 -3.28
CMC HEM L . -40.58 34.33 -4.01
CAC HEM L . -38.00 32.68 -3.99
CBC HEM L . -36.79 32.29 -3.39
C1D HEM L . -39.08 28.42 -2.98
C2D HEM L . -38.16 27.29 -3.06
C3D HEM L . -38.90 26.18 -2.88
C4D HEM L . -40.26 26.60 -2.64
CMD HEM L . -36.67 27.34 -3.29
CAD HEM L . -38.50 24.75 -3.11
CBD HEM L . -38.87 24.29 -4.52
CGD HEM L . -38.95 22.78 -4.68
O1D HEM L . -38.00 22.07 -4.22
O2D HEM L . -39.96 22.31 -5.24
NA HEM L . -43.00 27.47 -2.13
NB HEM L . -43.68 30.11 -2.73
NC HEM L . -40.99 30.68 -3.14
ND HEM L . -40.38 27.99 -2.74
FE HEM L . -42.02 29.09 -2.64
C1 NAG M . -8.58 -23.47 34.06
C2 NAG M . -9.30 -23.96 35.33
C3 NAG M . -10.77 -23.63 35.38
C4 NAG M . -10.94 -22.14 35.15
C5 NAG M . -10.35 -21.81 33.75
C6 NAG M . -10.50 -20.32 33.41
C7 NAG M . -7.94 -25.89 35.93
C8 NAG M . -7.87 -27.39 36.09
N2 NAG M . -9.11 -25.40 35.50
O3 NAG M . -11.26 -23.98 36.66
O4 NAG M . -12.33 -21.77 35.25
O5 NAG M . -8.93 -22.10 33.76
O6 NAG M . -10.18 -20.07 32.04
O7 NAG M . -6.94 -25.18 36.18
C1 NAG N . 9.39 -7.53 10.10
C2 NAG N . 9.59 -6.54 8.99
C3 NAG N . 8.41 -5.62 8.83
C4 NAG N . 7.27 -6.53 8.44
C5 NAG N . 7.01 -7.52 9.56
C6 NAG N . 5.92 -8.51 9.10
C7 NAG N . 11.87 -6.13 8.49
C8 NAG N . 13.14 -5.30 8.69
N2 NAG N . 10.80 -5.79 9.18
O3 NAG N . 8.67 -4.70 7.76
O4 NAG N . 6.11 -5.79 8.12
O5 NAG N . 8.20 -8.30 9.87
O6 NAG N . 6.07 -9.80 9.66
O7 NAG N . 11.85 -7.10 7.71
C1 NAG O . 22.26 27.99 26.39
C2 NAG O . 21.07 28.96 26.63
C3 NAG O . 21.63 30.38 26.61
C4 NAG O . 22.77 30.55 27.63
C5 NAG O . 23.81 29.44 27.44
C6 NAG O . 24.95 29.43 28.46
C7 NAG O . 18.77 28.87 25.95
C8 NAG O . 17.77 28.77 24.83
N2 NAG O . 20.05 28.84 25.59
O3 NAG O . 20.61 31.34 26.87
O4 NAG O . 23.38 31.83 27.43
O5 NAG O . 23.16 28.15 27.48
O6 NAG O . 24.70 28.50 29.50
O7 NAG O . 18.42 28.92 27.11
CHA HEM P . 12.33 8.19 25.73
CHB HEM P . 13.21 12.79 26.67
CHC HEM P . 16.39 11.50 30.00
CHD HEM P . 15.12 6.90 29.42
C1A HEM P . 12.25 9.56 25.73
C2A HEM P . 11.52 10.33 24.74
C3A HEM P . 11.77 11.62 25.01
C4A HEM P . 12.65 11.64 26.17
CMA HEM P . 11.32 12.80 24.18
CAA HEM P . 10.60 9.79 23.64
CBA HEM P . 9.31 9.20 24.26
CGA HEM P . 8.22 8.79 23.24
O1A HEM P . 7.71 7.63 23.37
O2A HEM P . 7.87 9.62 22.36
C1B HEM P . 14.17 12.86 27.66
C2B HEM P . 14.82 14.09 28.11
C3B HEM P . 15.75 13.73 29.00
C4B HEM P . 15.67 12.27 29.11
CMB HEM P . 14.49 15.51 27.71
CAB HEM P . 16.56 14.65 29.64
CBB HEM P . 17.92 14.39 30.10
C1C HEM P . 16.26 10.14 30.17
C2C HEM P . 17.02 9.38 31.15
C3C HEM P . 16.65 8.10 31.01
C4C HEM P . 15.63 8.07 29.97
CMC HEM P . 17.99 9.92 32.19
CAC HEM P . 17.26 7.06 31.69
CBC HEM P . 16.58 5.84 32.08
C1D HEM P . 14.29 6.85 28.31
C2D HEM P . 13.85 5.64 27.65
C3D HEM P . 13.14 6.02 26.58
C4D HEM P . 13.08 7.46 26.60
CMD HEM P . 14.14 4.23 28.07
CAD HEM P . 12.68 5.17 25.41
CBD HEM P . 13.69 5.12 24.27
CGD HEM P . 13.04 4.70 22.95
O1D HEM P . 12.35 3.65 22.92
O2D HEM P . 13.21 5.44 21.95
NA HEM P . 12.95 10.37 26.61
NB HEM P . 14.70 11.74 28.29
NC HEM P . 15.40 9.32 29.46
ND HEM P . 13.82 7.97 27.63
FE HEM P . 14.20 9.84 28.02
C1 NAG Q . 57.85 -22.34 17.47
C2 NAG Q . 59.15 -22.93 18.00
C3 NAG Q . 60.30 -22.02 17.67
C4 NAG Q . 60.33 -21.81 16.15
C5 NAG Q . 59.00 -21.23 15.70
C6 NAG Q . 58.94 -20.97 14.20
C7 NAG Q . 58.49 -24.18 19.93
C8 NAG Q . 58.51 -24.31 21.44
N2 NAG Q . 59.10 -23.12 19.42
O3 NAG Q . 61.52 -22.58 18.16
O4 NAG Q . 61.40 -20.92 15.80
O5 NAG Q . 57.92 -22.13 16.05
O6 NAG Q . 57.79 -20.21 13.84
O7 NAG Q . 57.90 -25.00 19.21
C1 NAG R . 30.06 -6.00 5.67
C2 NAG R . 29.34 -4.87 4.93
C3 NAG R . 29.97 -4.82 3.55
C4 NAG R . 31.37 -4.40 3.80
C5 NAG R . 32.13 -5.45 4.60
C6 NAG R . 33.56 -4.98 4.96
C7 NAG R . 27.09 -4.25 5.52
C8 NAG R . 25.60 -4.50 5.36
N2 NAG R . 27.91 -5.05 4.84
O3 NAG R . 29.30 -3.85 2.73
O4 NAG R . 32.02 -4.12 2.58
O5 NAG R . 31.43 -5.65 5.85
O6 NAG R . 33.96 -5.36 6.28
O7 NAG R . 27.49 -3.37 6.29
C1 NAG S . 13.89 -29.68 -23.61
C2 NAG S . 14.72 -30.12 -24.80
C3 NAG S . 13.83 -29.96 -26.01
C4 NAG S . 12.49 -30.73 -25.82
C5 NAG S . 11.83 -30.39 -24.47
C6 NAG S . 10.61 -31.25 -24.14
C7 NAG S . 17.07 -29.81 -25.24
C8 NAG S . 18.25 -28.85 -25.38
N2 NAG S . 15.89 -29.27 -24.93
O3 NAG S . 14.50 -30.42 -27.18
O4 NAG S . 11.59 -30.40 -26.89
O5 NAG S . 12.79 -30.56 -23.41
O6 NAG S . 10.96 -32.36 -23.34
O7 NAG S . 17.21 -31.03 -25.39
CHA HEM T . 28.07 -23.70 -7.46
CHB HEM T . 26.63 -25.34 -11.72
CHC HEM T . 24.83 -29.25 -9.61
CHD HEM T . 26.69 -27.83 -5.40
C1A HEM T . 27.87 -23.82 -8.79
C2A HEM T . 28.12 -22.75 -9.74
C3A HEM T . 27.71 -23.22 -10.95
C4A HEM T . 27.22 -24.58 -10.74
CMA HEM T . 27.67 -22.48 -12.28
CAA HEM T . 28.78 -21.39 -9.43
CBA HEM T . 30.28 -21.60 -9.08
CGA HEM T . 31.13 -20.31 -8.98
O1A HEM T . 31.88 -20.22 -7.99
O2A HEM T . 31.09 -19.45 -9.90
C1B HEM T . 26.01 -26.56 -11.52
C2B HEM T . 25.28 -27.28 -12.56
C3B HEM T . 24.69 -28.34 -11.96
C4B HEM T . 25.09 -28.28 -10.55
CMB HEM T . 25.20 -27.00 -14.06
CAB HEM T . 23.93 -29.27 -12.66
CBB HEM T . 22.85 -30.04 -12.07
C1C HEM T . 25.25 -29.24 -8.31
C2C HEM T . 24.96 -30.30 -7.35
C3C HEM T . 25.47 -29.91 -6.15
C4C HEM T . 26.11 -28.61 -6.38
CMC HEM T . 24.23 -31.61 -7.62
CAC HEM T . 25.34 -30.58 -4.97
CBC HEM T . 26.34 -30.58 -3.96
C1D HEM T . 27.20 -26.55 -5.61
C2D HEM T . 27.68 -25.67 -4.55
C3D HEM T . 27.98 -24.49 -5.13
C4D HEM T . 27.76 -24.65 -6.55
CMD HEM T . 27.84 -26.02 -3.09
CAD HEM T . 28.27 -23.15 -4.46
CBD HEM T . 26.98 -22.31 -4.32
CGD HEM T . 27.26 -20.83 -4.07
O1D HEM T . 28.06 -20.53 -3.15
O2D HEM T . 26.69 -19.99 -4.82
NA HEM T . 27.31 -24.95 -9.42
NB HEM T . 25.90 -27.18 -10.30
NC HEM T . 25.97 -28.22 -7.73
ND HEM T . 27.25 -25.91 -6.84
FE HEM T . 26.66 -26.60 -8.61
#